data_7P0H
#
_entry.id   7P0H
#
_cell.length_a   57.880
_cell.length_b   87.980
_cell.length_c   122.790
_cell.angle_alpha   80.230
_cell.angle_beta   76.440
_cell.angle_gamma   76.390
#
_symmetry.space_group_name_H-M   'P 1'
#
loop_
_entity.id
_entity.type
_entity.pdbx_description
1 polymer 'Helicobacter pylori ComF fused to an artificial alphaREP crystallization helper (named B2)'
2 non-polymer 'ZINC ION'
3 non-polymer 1-O-pyrophosphono-5-O-phosphono-alpha-D-ribofuranose
4 non-polymer 'MAGNESIUM ION'
5 non-polymer GLYCEROL
6 water water
#
_entity_poly.entity_id   1
_entity_poly.type   'polypeptide(L)'
_entity_poly.pdbx_seq_one_letter_code
;MMRGSHHHHHHSQDPEKVE(MSE)YIKNLQDDSLTVRINAANALGKIGDERAVEPLIKALKDEDALVRLSAAWALGKIGD
ERAVEPLIKALKDEDSDVRYRAATALGQIGDERAVEPLIKALKDEDERVRQSAAGALGQIGDERAVEPLIKALKDEDWRV
RQEAAFALGQIGDERAVEPLIKALKDEDSAVRWAAALALGKIGGERVRAA(MSE)EKLAETGTGFARKVAVNYLETHGGS
AGSPMRCLTCLKLSFKPLCPNCLNDLPLSLKVRVLEGVSVYSFYAYSEIEELIKSKYALIGSRILPLLSQKAGAEFVKIL
QEQGLNIPLYGIAIDDKIKSFYSHSAALLKGFCQGNLKPTYGRLRANNAVSYAGKSLEFRANNPRNFTFKGDESLDYFLL
DDIITTGTTLKEALKYLKTLNIKVHFAIALCSADE
;
_entity_poly.pdbx_strand_id   A,B,C,D
#
loop_
_chem_comp.id
_chem_comp.type
_chem_comp.name
_chem_comp.formula
GOL non-polymer GLYCEROL 'C3 H8 O3'
MG non-polymer 'MAGNESIUM ION' 'Mg 2'
PRP D-saccharide 1-O-pyrophosphono-5-O-phosphono-alpha-D-ribofuranose 'C5 H13 O14 P3'
ZN non-polymer 'ZINC ION' 'Zn 2'
#
# COMPACT_ATOMS: atom_id res chain seq x y z
N GLU A 16 -6.29 -54.91 -4.62
CA GLU A 16 -7.48 -54.13 -4.98
C GLU A 16 -8.26 -54.74 -6.17
N LYS A 17 -9.56 -54.44 -6.27
CA LYS A 17 -10.46 -54.98 -7.30
C LYS A 17 -10.83 -53.98 -8.38
N VAL A 18 -10.00 -52.97 -8.62
CA VAL A 18 -10.23 -51.93 -9.65
C VAL A 18 -10.64 -52.51 -11.01
N GLU A 19 -9.89 -53.51 -11.51
CA GLU A 19 -10.17 -54.13 -12.81
C GLU A 19 -11.47 -54.95 -12.83
N MSE A 20 -11.92 -55.42 -11.67
CA MSE A 20 -13.17 -56.17 -11.57
C MSE A 20 -14.33 -55.20 -11.73
O MSE A 20 -15.26 -55.48 -12.49
CB MSE A 20 -13.25 -56.88 -10.21
CG MSE A 20 -14.57 -57.59 -9.99
SE MSE A 20 -14.98 -57.82 -8.09
CE MSE A 20 -16.93 -58.05 -8.24
N TYR A 21 -14.26 -54.03 -11.06
CA TYR A 21 -15.29 -53.00 -11.16
C TYR A 21 -15.34 -52.40 -12.55
N ILE A 22 -14.20 -52.31 -13.25
CA ILE A 22 -14.14 -51.80 -14.63
C ILE A 22 -14.96 -52.71 -15.56
N LYS A 23 -14.94 -54.04 -15.33
CA LYS A 23 -15.72 -55.00 -16.10
C LYS A 23 -17.20 -54.91 -15.74
N ASN A 24 -17.51 -54.72 -14.44
CA ASN A 24 -18.88 -54.58 -13.94
C ASN A 24 -19.62 -53.36 -14.50
N LEU A 25 -18.89 -52.40 -15.10
CA LEU A 25 -19.49 -51.20 -15.71
C LEU A 25 -20.31 -51.56 -16.97
N GLN A 26 -19.95 -52.67 -17.65
CA GLN A 26 -20.66 -53.13 -18.84
C GLN A 26 -21.63 -54.29 -18.55
N ASP A 27 -22.03 -54.48 -17.28
CA ASP A 27 -22.94 -55.55 -16.91
C ASP A 27 -24.39 -55.23 -17.32
N ASP A 28 -25.24 -56.25 -17.40
CA ASP A 28 -26.64 -56.06 -17.77
C ASP A 28 -27.48 -55.54 -16.58
N SER A 29 -27.07 -55.88 -15.35
CA SER A 29 -27.78 -55.46 -14.13
C SER A 29 -27.50 -54.00 -13.85
N LEU A 30 -28.55 -53.22 -13.60
CA LEU A 30 -28.43 -51.79 -13.32
C LEU A 30 -27.75 -51.57 -11.97
N THR A 31 -28.15 -52.33 -10.93
CA THR A 31 -27.57 -52.18 -9.59
C THR A 31 -26.07 -52.53 -9.56
N VAL A 32 -25.61 -53.41 -10.48
CA VAL A 32 -24.19 -53.78 -10.56
C VAL A 32 -23.39 -52.66 -11.25
N ARG A 33 -23.96 -52.03 -12.29
CA ARG A 33 -23.32 -50.93 -13.02
C ARG A 33 -23.13 -49.71 -12.12
N ILE A 34 -24.14 -49.40 -11.29
CA ILE A 34 -24.13 -48.27 -10.36
C ILE A 34 -23.10 -48.48 -9.25
N ASN A 35 -23.09 -49.64 -8.62
CA ASN A 35 -22.13 -49.95 -7.56
C ASN A 35 -20.69 -49.93 -8.07
N ALA A 36 -20.47 -50.30 -9.33
CA ALA A 36 -19.15 -50.31 -9.94
C ALA A 36 -18.63 -48.89 -10.13
N ALA A 37 -19.52 -47.96 -10.53
CA ALA A 37 -19.17 -46.56 -10.72
C ALA A 37 -18.86 -45.89 -9.39
N ASN A 38 -19.65 -46.20 -8.35
CA ASN A 38 -19.46 -45.65 -7.02
C ASN A 38 -18.19 -46.19 -6.37
N ALA A 39 -17.89 -47.48 -6.60
CA ALA A 39 -16.68 -48.08 -6.06
C ALA A 39 -15.46 -47.45 -6.71
N LEU A 40 -15.49 -47.25 -8.05
CA LEU A 40 -14.39 -46.60 -8.77
C LEU A 40 -14.22 -45.09 -8.43
N GLY A 41 -15.16 -44.52 -7.68
CA GLY A 41 -15.04 -43.15 -7.21
C GLY A 41 -14.24 -43.08 -5.93
N LYS A 42 -14.29 -44.15 -5.10
CA LYS A 42 -13.53 -44.24 -3.87
C LYS A 42 -12.12 -44.79 -4.12
N ILE A 43 -12.01 -45.94 -4.82
CA ILE A 43 -10.73 -46.58 -5.12
C ILE A 43 -10.26 -46.24 -6.54
N GLY A 44 -10.53 -45.00 -6.96
CA GLY A 44 -10.25 -44.45 -8.28
C GLY A 44 -8.83 -44.51 -8.81
N ASP A 45 -8.68 -45.19 -9.94
CA ASP A 45 -7.41 -45.31 -10.64
C ASP A 45 -7.58 -44.69 -12.03
N GLU A 46 -6.47 -44.24 -12.64
CA GLU A 46 -6.51 -43.69 -14.01
C GLU A 46 -7.00 -44.73 -15.05
N ARG A 47 -6.92 -46.04 -14.71
CA ARG A 47 -7.40 -47.14 -15.53
C ARG A 47 -8.92 -47.11 -15.67
N ALA A 48 -9.64 -46.54 -14.67
CA ALA A 48 -11.08 -46.44 -14.67
C ALA A 48 -11.62 -45.20 -15.39
N VAL A 49 -10.75 -44.23 -15.76
CA VAL A 49 -11.17 -43.02 -16.45
C VAL A 49 -11.86 -43.29 -17.79
N GLU A 50 -11.20 -43.99 -18.74
CA GLU A 50 -11.82 -44.31 -20.04
C GLU A 50 -13.12 -45.12 -19.91
N PRO A 51 -13.19 -46.22 -19.13
CA PRO A 51 -14.47 -46.91 -18.94
C PRO A 51 -15.56 -46.00 -18.34
N LEU A 52 -15.20 -45.09 -17.42
CA LEU A 52 -16.18 -44.18 -16.81
C LEU A 52 -16.68 -43.11 -17.78
N ILE A 53 -15.83 -42.72 -18.76
CA ILE A 53 -16.21 -41.77 -19.80
C ILE A 53 -17.32 -42.38 -20.70
N LYS A 54 -17.22 -43.70 -20.95
CA LYS A 54 -18.23 -44.44 -21.71
C LYS A 54 -19.53 -44.54 -20.90
N ALA A 55 -19.41 -44.79 -19.58
CA ALA A 55 -20.54 -44.87 -18.64
C ALA A 55 -21.33 -43.56 -18.53
N LEU A 56 -20.76 -42.43 -18.98
CA LEU A 56 -21.46 -41.14 -19.04
C LEU A 56 -22.54 -41.12 -20.13
N LYS A 57 -22.45 -42.05 -21.12
CA LYS A 57 -23.41 -42.16 -22.21
C LYS A 57 -24.41 -43.31 -21.99
N ASP A 58 -24.65 -43.68 -20.73
CA ASP A 58 -25.57 -44.77 -20.41
C ASP A 58 -27.04 -44.37 -20.60
N GLU A 59 -27.91 -45.36 -20.78
CA GLU A 59 -29.34 -45.20 -20.96
C GLU A 59 -29.98 -44.64 -19.67
N ASP A 60 -29.53 -45.15 -18.51
CA ASP A 60 -30.06 -44.73 -17.22
C ASP A 60 -29.28 -43.56 -16.64
N ALA A 61 -30.01 -42.59 -16.08
CA ALA A 61 -29.41 -41.40 -15.49
C ALA A 61 -28.66 -41.68 -14.18
N LEU A 62 -29.05 -42.74 -13.46
CA LEU A 62 -28.39 -43.11 -12.20
C LEU A 62 -26.95 -43.58 -12.44
N VAL A 63 -26.68 -44.19 -13.61
CA VAL A 63 -25.35 -44.65 -13.99
C VAL A 63 -24.54 -43.45 -14.48
N ARG A 64 -25.17 -42.59 -15.30
CA ARG A 64 -24.56 -41.36 -15.82
C ARG A 64 -24.08 -40.44 -14.70
N LEU A 65 -24.91 -40.23 -13.65
CA LEU A 65 -24.52 -39.35 -12.55
C LEU A 65 -23.46 -39.96 -11.65
N SER A 66 -23.45 -41.29 -11.50
CA SER A 66 -22.45 -41.95 -10.68
C SER A 66 -21.10 -41.96 -11.36
N ALA A 67 -21.09 -42.10 -12.70
CA ALA A 67 -19.86 -42.05 -13.49
C ALA A 67 -19.28 -40.64 -13.45
N ALA A 68 -20.15 -39.61 -13.52
CA ALA A 68 -19.75 -38.22 -13.45
C ALA A 68 -19.15 -37.90 -12.07
N TRP A 69 -19.77 -38.40 -11.00
CA TRP A 69 -19.29 -38.21 -9.63
C TRP A 69 -17.90 -38.82 -9.47
N ALA A 70 -17.71 -40.06 -9.97
CA ALA A 70 -16.46 -40.80 -9.87
C ALA A 70 -15.33 -40.15 -10.65
N LEU A 71 -15.64 -39.56 -11.81
CA LEU A 71 -14.64 -38.89 -12.64
C LEU A 71 -14.03 -37.65 -11.96
N GLY A 72 -14.84 -36.93 -11.19
CA GLY A 72 -14.36 -35.78 -10.45
C GLY A 72 -13.50 -36.18 -9.27
N LYS A 73 -13.86 -37.31 -8.63
CA LYS A 73 -13.14 -37.89 -7.50
C LYS A 73 -11.74 -38.39 -7.94
N ILE A 74 -11.62 -38.88 -9.19
CA ILE A 74 -10.35 -39.33 -9.74
C ILE A 74 -9.48 -38.11 -10.13
N GLY A 75 -10.11 -37.11 -10.72
CA GLY A 75 -9.46 -35.84 -11.05
C GLY A 75 -8.58 -35.83 -12.29
N ASP A 76 -8.80 -36.77 -13.22
CA ASP A 76 -8.00 -36.83 -14.43
C ASP A 76 -8.52 -35.88 -15.50
N GLU A 77 -7.60 -35.14 -16.14
CA GLU A 77 -7.87 -34.15 -17.18
C GLU A 77 -8.59 -34.73 -18.43
N ARG A 78 -8.53 -36.06 -18.63
CA ARG A 78 -9.16 -36.69 -19.78
C ARG A 78 -10.70 -36.62 -19.72
N ALA A 79 -11.26 -36.58 -18.51
CA ALA A 79 -12.71 -36.52 -18.30
C ALA A 79 -13.31 -35.12 -18.49
N VAL A 80 -12.48 -34.08 -18.66
CA VAL A 80 -12.96 -32.71 -18.80
C VAL A 80 -13.90 -32.52 -19.99
N GLU A 81 -13.50 -32.97 -21.19
CA GLU A 81 -14.35 -32.81 -22.37
C GLU A 81 -15.69 -33.59 -22.27
N PRO A 82 -15.73 -34.91 -21.91
CA PRO A 82 -17.04 -35.57 -21.74
C PRO A 82 -17.89 -35.00 -20.60
N LEU A 83 -17.27 -34.43 -19.55
CA LEU A 83 -18.04 -33.81 -18.45
C LEU A 83 -18.65 -32.48 -18.91
N ILE A 84 -17.99 -31.78 -19.86
CA ILE A 84 -18.49 -30.54 -20.45
C ILE A 84 -19.77 -30.85 -21.29
N LYS A 85 -19.79 -32.00 -21.96
CA LYS A 85 -20.96 -32.45 -22.71
C LYS A 85 -22.08 -32.86 -21.74
N ALA A 86 -21.72 -33.45 -20.58
CA ALA A 86 -22.65 -33.85 -19.52
C ALA A 86 -23.33 -32.64 -18.81
N LEU A 87 -22.83 -31.42 -19.04
CA LEU A 87 -23.45 -30.21 -18.52
C LEU A 87 -24.76 -29.89 -19.27
N LYS A 88 -24.91 -30.39 -20.52
CA LYS A 88 -26.10 -30.22 -21.35
C LYS A 88 -27.03 -31.45 -21.28
N ASP A 89 -26.88 -32.30 -20.25
CA ASP A 89 -27.68 -33.52 -20.08
C ASP A 89 -29.16 -33.21 -19.78
N GLU A 90 -30.07 -34.14 -20.13
CA GLU A 90 -31.51 -33.99 -19.92
C GLU A 90 -31.90 -34.03 -18.43
N ASP A 91 -31.13 -34.77 -17.62
CA ASP A 91 -31.41 -34.92 -16.20
C ASP A 91 -30.64 -33.88 -15.38
N SER A 92 -31.33 -33.16 -14.46
CA SER A 92 -30.70 -32.14 -13.63
C SER A 92 -29.76 -32.70 -12.55
N ASP A 93 -29.86 -33.99 -12.25
CA ASP A 93 -28.98 -34.66 -11.29
C ASP A 93 -27.62 -34.96 -11.94
N VAL A 94 -27.62 -35.28 -13.25
CA VAL A 94 -26.41 -35.56 -14.02
C VAL A 94 -25.65 -34.25 -14.29
N ARG A 95 -26.38 -33.16 -14.57
CA ARG A 95 -25.80 -31.83 -14.81
C ARG A 95 -25.09 -31.34 -13.54
N TYR A 96 -25.73 -31.53 -12.37
CA TYR A 96 -25.25 -31.15 -11.05
C TYR A 96 -23.94 -31.87 -10.72
N ARG A 97 -23.87 -33.15 -11.07
CA ARG A 97 -22.69 -33.96 -10.81
C ARG A 97 -21.54 -33.61 -11.73
N ALA A 98 -21.85 -33.27 -12.99
CA ALA A 98 -20.85 -32.89 -13.99
C ALA A 98 -20.24 -31.54 -13.65
N ALA A 99 -21.06 -30.60 -13.15
CA ALA A 99 -20.59 -29.28 -12.76
C ALA A 99 -19.69 -29.38 -11.54
N THR A 100 -20.06 -30.19 -10.55
CA THR A 100 -19.29 -30.37 -9.32
C THR A 100 -17.93 -30.98 -9.65
N ALA A 101 -17.92 -32.03 -10.47
CA ALA A 101 -16.73 -32.76 -10.89
C ALA A 101 -15.76 -31.88 -11.67
N LEU A 102 -16.27 -30.98 -12.51
CA LEU A 102 -15.42 -30.09 -13.30
C LEU A 102 -14.59 -29.14 -12.44
N GLY A 103 -15.16 -28.70 -11.31
CA GLY A 103 -14.47 -27.84 -10.37
C GLY A 103 -13.45 -28.62 -9.56
N GLN A 104 -13.75 -29.89 -9.27
CA GLN A 104 -12.88 -30.81 -8.54
C GLN A 104 -11.63 -31.12 -9.35
N ILE A 105 -11.77 -31.25 -10.68
CA ILE A 105 -10.63 -31.47 -11.58
C ILE A 105 -9.83 -30.16 -11.66
N GLY A 106 -10.51 -29.05 -11.90
CA GLY A 106 -9.88 -27.73 -11.91
C GLY A 106 -9.30 -27.25 -13.23
N ASP A 107 -9.70 -27.88 -14.34
CA ASP A 107 -9.21 -27.51 -15.65
C ASP A 107 -9.91 -26.24 -16.14
N GLU A 108 -9.11 -25.32 -16.68
CA GLU A 108 -9.52 -24.03 -17.23
C GLU A 108 -10.54 -24.18 -18.40
N ARG A 109 -10.53 -25.33 -19.09
CA ARG A 109 -11.43 -25.59 -20.23
C ARG A 109 -12.91 -25.59 -19.83
N ALA A 110 -13.20 -25.89 -18.57
CA ALA A 110 -14.57 -25.93 -18.07
C ALA A 110 -15.13 -24.54 -17.75
N VAL A 111 -14.30 -23.48 -17.70
CA VAL A 111 -14.72 -22.12 -17.34
C VAL A 111 -15.89 -21.62 -18.19
N GLU A 112 -15.77 -21.56 -19.53
CA GLU A 112 -16.87 -21.06 -20.35
C GLU A 112 -18.12 -21.96 -20.28
N PRO A 113 -18.03 -23.31 -20.41
CA PRO A 113 -19.24 -24.14 -20.21
C PRO A 113 -19.90 -23.97 -18.84
N LEU A 114 -19.11 -23.78 -17.75
CA LEU A 114 -19.64 -23.56 -16.41
C LEU A 114 -20.28 -22.18 -16.25
N ILE A 115 -19.79 -21.17 -17.00
CA ILE A 115 -20.35 -19.82 -16.99
C ILE A 115 -21.80 -19.85 -17.56
N LYS A 116 -22.04 -20.71 -18.57
CA LYS A 116 -23.35 -20.88 -19.16
C LYS A 116 -24.27 -21.61 -18.16
N ALA A 117 -23.73 -22.57 -17.38
CA ALA A 117 -24.47 -23.31 -16.36
C ALA A 117 -24.97 -22.43 -15.21
N LEU A 118 -24.41 -21.21 -15.06
CA LEU A 118 -24.88 -20.24 -14.07
C LEU A 118 -26.29 -19.72 -14.41
N LYS A 119 -26.74 -19.88 -15.67
CA LYS A 119 -28.07 -19.48 -16.12
C LYS A 119 -28.99 -20.72 -16.30
N ASP A 120 -28.70 -21.83 -15.59
CA ASP A 120 -29.49 -23.05 -15.70
C ASP A 120 -30.86 -22.91 -15.04
N GLU A 121 -31.83 -23.74 -15.45
CA GLU A 121 -33.18 -23.72 -14.88
C GLU A 121 -33.17 -24.22 -13.43
N ASP A 122 -32.34 -25.26 -13.17
CA ASP A 122 -32.23 -25.88 -11.87
C ASP A 122 -31.23 -25.15 -10.97
N GLU A 123 -31.72 -24.63 -9.84
CA GLU A 123 -30.95 -23.89 -8.84
C GLU A 123 -29.76 -24.67 -8.28
N ARG A 124 -29.82 -26.02 -8.30
CA ARG A 124 -28.70 -26.83 -7.81
C ARG A 124 -27.56 -26.82 -8.84
N VAL A 125 -27.90 -26.85 -10.13
CA VAL A 125 -26.92 -26.81 -11.19
C VAL A 125 -26.23 -25.44 -11.18
N ARG A 126 -26.98 -24.35 -10.96
CA ARG A 126 -26.41 -22.99 -10.90
C ARG A 126 -25.43 -22.89 -9.74
N GLN A 127 -25.83 -23.41 -8.57
CA GLN A 127 -25.04 -23.36 -7.34
C GLN A 127 -23.75 -24.16 -7.46
N SER A 128 -23.83 -25.37 -8.01
CA SER A 128 -22.65 -26.21 -8.17
C SER A 128 -21.70 -25.65 -9.23
N ALA A 129 -22.22 -24.93 -10.24
CA ALA A 129 -21.40 -24.28 -11.28
C ALA A 129 -20.65 -23.09 -10.70
N ALA A 130 -21.28 -22.34 -9.77
CA ALA A 130 -20.67 -21.20 -9.12
C ALA A 130 -19.52 -21.66 -8.22
N GLY A 131 -19.71 -22.75 -7.49
CA GLY A 131 -18.68 -23.28 -6.60
C GLY A 131 -17.50 -23.83 -7.34
N ALA A 132 -17.75 -24.45 -8.51
CA ALA A 132 -16.74 -25.01 -9.41
C ALA A 132 -15.90 -23.91 -10.01
N LEU A 133 -16.52 -22.76 -10.35
CA LEU A 133 -15.80 -21.60 -10.89
C LEU A 133 -14.81 -21.03 -9.84
N GLY A 134 -15.17 -21.10 -8.57
CA GLY A 134 -14.31 -20.66 -7.48
C GLY A 134 -13.15 -21.61 -7.24
N GLN A 135 -13.40 -22.92 -7.42
CA GLN A 135 -12.38 -23.96 -7.28
C GLN A 135 -11.36 -23.84 -8.41
N ILE A 136 -11.82 -23.56 -9.65
CA ILE A 136 -10.93 -23.38 -10.80
C ILE A 136 -10.09 -22.11 -10.64
N GLY A 137 -10.68 -21.05 -10.09
CA GLY A 137 -10.00 -19.80 -9.78
C GLY A 137 -9.67 -18.88 -10.94
N ASP A 138 -10.25 -19.13 -12.12
CA ASP A 138 -9.99 -18.31 -13.30
C ASP A 138 -10.73 -16.99 -13.19
N GLU A 139 -10.06 -15.91 -13.59
CA GLU A 139 -10.53 -14.54 -13.57
C GLU A 139 -11.77 -14.30 -14.48
N ARG A 140 -11.93 -15.11 -15.54
CA ARG A 140 -13.04 -14.95 -16.48
C ARG A 140 -14.42 -15.12 -15.84
N ALA A 141 -14.47 -15.86 -14.72
CA ALA A 141 -15.71 -16.11 -13.99
C ALA A 141 -16.14 -14.96 -13.08
N VAL A 142 -15.29 -13.94 -12.86
CA VAL A 142 -15.62 -12.85 -11.95
C VAL A 142 -16.90 -12.09 -12.34
N GLU A 143 -17.01 -11.57 -13.57
CA GLU A 143 -18.23 -10.86 -13.99
C GLU A 143 -19.49 -11.74 -13.93
N PRO A 144 -19.55 -12.96 -14.52
CA PRO A 144 -20.75 -13.81 -14.35
C PRO A 144 -21.12 -14.16 -12.90
N LEU A 145 -20.12 -14.36 -12.02
CA LEU A 145 -20.37 -14.64 -10.59
C LEU A 145 -20.92 -13.38 -9.88
N ILE A 146 -20.57 -12.17 -10.35
CA ILE A 146 -21.07 -10.91 -9.80
C ILE A 146 -22.58 -10.79 -10.10
N LYS A 147 -23.01 -11.24 -11.30
CA LYS A 147 -24.42 -11.25 -11.69
C LYS A 147 -25.17 -12.28 -10.84
N ALA A 148 -24.54 -13.45 -10.57
CA ALA A 148 -25.08 -14.54 -9.73
C ALA A 148 -25.34 -14.13 -8.29
N LEU A 149 -24.70 -13.02 -7.82
CA LEU A 149 -24.96 -12.45 -6.48
C LEU A 149 -26.38 -11.85 -6.38
N LYS A 150 -27.11 -11.75 -7.51
CA LYS A 150 -28.47 -11.26 -7.58
C LYS A 150 -29.45 -12.37 -8.03
N ASP A 151 -29.10 -13.66 -7.79
CA ASP A 151 -29.94 -14.79 -8.15
C ASP A 151 -31.17 -14.87 -7.23
N GLU A 152 -32.26 -15.49 -7.71
CA GLU A 152 -33.48 -15.62 -6.91
C GLU A 152 -33.26 -16.60 -5.72
N ASP A 153 -32.35 -17.59 -5.87
CA ASP A 153 -32.06 -18.58 -4.84
C ASP A 153 -30.87 -18.14 -3.98
N TRP A 154 -31.08 -18.02 -2.66
CA TRP A 154 -30.02 -17.60 -1.74
C TRP A 154 -28.83 -18.54 -1.70
N ARG A 155 -29.04 -19.82 -2.01
CA ARG A 155 -27.94 -20.78 -2.02
C ARG A 155 -26.99 -20.52 -3.17
N VAL A 156 -27.52 -20.03 -4.31
CA VAL A 156 -26.71 -19.65 -5.45
C VAL A 156 -25.96 -18.35 -5.12
N ARG A 157 -26.64 -17.38 -4.48
CA ARG A 157 -26.01 -16.12 -4.08
C ARG A 157 -24.86 -16.37 -3.11
N GLN A 158 -25.07 -17.22 -2.11
CA GLN A 158 -24.08 -17.58 -1.11
C GLN A 158 -22.87 -18.23 -1.76
N GLU A 159 -23.10 -19.17 -2.69
CA GLU A 159 -22.04 -19.87 -3.39
C GLU A 159 -21.26 -18.97 -4.33
N ALA A 160 -21.91 -17.96 -4.93
CA ALA A 160 -21.24 -17.00 -5.80
C ALA A 160 -20.36 -16.05 -4.99
N ALA A 161 -20.80 -15.68 -3.76
CA ALA A 161 -20.04 -14.80 -2.87
C ALA A 161 -18.79 -15.53 -2.38
N PHE A 162 -18.92 -16.83 -2.03
CA PHE A 162 -17.80 -17.65 -1.58
C PHE A 162 -16.79 -17.82 -2.72
N ALA A 163 -17.28 -18.01 -3.96
CA ALA A 163 -16.42 -18.22 -5.13
C ALA A 163 -15.65 -16.95 -5.48
N LEU A 164 -16.25 -15.77 -5.29
CA LEU A 164 -15.59 -14.50 -5.54
C LEU A 164 -14.43 -14.26 -4.56
N GLY A 165 -14.58 -14.74 -3.32
CA GLY A 165 -13.54 -14.64 -2.31
C GLY A 165 -12.38 -15.59 -2.58
N GLN A 166 -12.69 -16.76 -3.16
CA GLN A 166 -11.68 -17.75 -3.54
C GLN A 166 -10.86 -17.26 -4.74
N ILE A 167 -11.49 -16.52 -5.66
CA ILE A 167 -10.76 -15.96 -6.79
C ILE A 167 -9.88 -14.77 -6.31
N GLY A 168 -10.41 -13.95 -5.40
CA GLY A 168 -9.67 -12.85 -4.81
C GLY A 168 -9.47 -11.65 -5.72
N ASP A 169 -10.32 -11.51 -6.75
CA ASP A 169 -10.24 -10.40 -7.68
C ASP A 169 -10.96 -9.20 -7.06
N GLU A 170 -10.32 -8.01 -7.08
CA GLU A 170 -10.88 -6.79 -6.50
C GLU A 170 -12.10 -6.25 -7.21
N ARG A 171 -12.39 -6.72 -8.43
CA ARG A 171 -13.58 -6.28 -9.16
C ARG A 171 -14.88 -6.63 -8.42
N ALA A 172 -14.83 -7.60 -7.50
CA ALA A 172 -15.97 -8.09 -6.73
C ALA A 172 -16.20 -7.33 -5.42
N VAL A 173 -15.26 -6.46 -4.97
CA VAL A 173 -15.38 -5.73 -3.72
C VAL A 173 -16.69 -4.94 -3.61
N GLU A 174 -16.99 -4.02 -4.54
CA GLU A 174 -18.22 -3.22 -4.46
C GLU A 174 -19.51 -4.07 -4.56
N PRO A 175 -19.65 -5.04 -5.52
CA PRO A 175 -20.84 -5.91 -5.48
C PRO A 175 -21.00 -6.72 -4.18
N LEU A 176 -19.88 -7.16 -3.55
CA LEU A 176 -19.89 -7.92 -2.29
C LEU A 176 -20.25 -7.02 -1.10
N ILE A 177 -19.86 -5.73 -1.15
CA ILE A 177 -20.22 -4.76 -0.11
C ILE A 177 -21.75 -4.53 -0.13
N LYS A 178 -22.36 -4.53 -1.33
CA LYS A 178 -23.81 -4.42 -1.48
C LYS A 178 -24.52 -5.70 -1.03
N ALA A 179 -23.85 -6.87 -1.09
CA ALA A 179 -24.37 -8.16 -0.64
C ALA A 179 -24.43 -8.25 0.90
N LEU A 180 -23.68 -7.39 1.63
CA LEU A 180 -23.80 -7.34 3.09
C LEU A 180 -25.20 -6.86 3.52
N LYS A 181 -25.98 -6.26 2.61
CA LYS A 181 -27.34 -5.82 2.86
C LYS A 181 -28.36 -6.81 2.26
N ASP A 182 -27.99 -8.09 2.08
CA ASP A 182 -28.86 -9.11 1.52
C ASP A 182 -29.88 -9.53 2.59
N GLU A 183 -31.02 -10.07 2.16
CA GLU A 183 -32.06 -10.51 3.11
C GLU A 183 -31.69 -11.82 3.84
N ASP A 184 -30.77 -12.62 3.27
CA ASP A 184 -30.35 -13.90 3.84
C ASP A 184 -29.08 -13.78 4.69
N SER A 185 -29.08 -14.39 5.89
CA SER A 185 -27.97 -14.34 6.85
C SER A 185 -26.71 -15.08 6.39
N ALA A 186 -26.88 -16.21 5.68
CA ALA A 186 -25.77 -16.99 5.19
C ALA A 186 -25.10 -16.29 4.00
N VAL A 187 -25.89 -15.54 3.19
CA VAL A 187 -25.36 -14.76 2.07
C VAL A 187 -24.55 -13.59 2.58
N ARG A 188 -25.01 -12.90 3.63
CA ARG A 188 -24.25 -11.79 4.21
C ARG A 188 -22.92 -12.29 4.76
N TRP A 189 -22.94 -13.45 5.43
CA TRP A 189 -21.80 -14.13 6.02
C TRP A 189 -20.80 -14.52 4.94
N ALA A 190 -21.26 -15.09 3.82
CA ALA A 190 -20.38 -15.46 2.71
C ALA A 190 -19.72 -14.22 2.11
N ALA A 191 -20.48 -13.12 1.94
CA ALA A 191 -19.98 -11.84 1.40
C ALA A 191 -18.94 -11.19 2.30
N ALA A 192 -19.15 -11.21 3.62
CA ALA A 192 -18.21 -10.64 4.59
C ALA A 192 -16.90 -11.43 4.56
N LEU A 193 -16.97 -12.76 4.42
CA LEU A 193 -15.81 -13.64 4.32
C LEU A 193 -14.98 -13.36 3.08
N ALA A 194 -15.66 -13.23 1.94
CA ALA A 194 -15.09 -12.92 0.64
C ALA A 194 -14.38 -11.59 0.68
N LEU A 195 -14.94 -10.60 1.38
CA LEU A 195 -14.34 -9.29 1.53
C LEU A 195 -13.03 -9.39 2.31
N GLY A 196 -13.03 -10.09 3.44
CA GLY A 196 -11.83 -10.28 4.25
C GLY A 196 -10.73 -11.03 3.53
N LYS A 197 -11.10 -11.94 2.61
CA LYS A 197 -10.13 -12.73 1.82
C LYS A 197 -9.42 -11.85 0.77
N ILE A 198 -10.12 -10.80 0.27
CA ILE A 198 -9.62 -9.85 -0.72
C ILE A 198 -8.78 -8.77 -0.04
N GLY A 199 -9.30 -8.22 1.05
CA GLY A 199 -8.60 -7.21 1.84
C GLY A 199 -8.49 -5.85 1.20
N GLY A 200 -7.88 -4.89 1.91
CA GLY A 200 -7.72 -3.56 1.36
C GLY A 200 -8.43 -2.47 2.15
N GLU A 201 -8.37 -1.23 1.61
CA GLU A 201 -8.94 -0.05 2.23
C GLU A 201 -10.46 0.03 2.15
N ARG A 202 -11.05 -0.39 1.02
CA ARG A 202 -12.50 -0.38 0.89
C ARG A 202 -13.12 -1.49 1.78
N VAL A 203 -12.40 -2.63 1.92
CA VAL A 203 -12.79 -3.74 2.75
C VAL A 203 -12.69 -3.35 4.22
N ARG A 204 -11.60 -2.66 4.63
CA ARG A 204 -11.42 -2.21 6.01
C ARG A 204 -12.55 -1.29 6.46
N ALA A 205 -12.98 -0.40 5.57
CA ALA A 205 -14.06 0.54 5.82
C ALA A 205 -15.41 -0.16 5.91
N ALA A 206 -15.63 -1.18 5.07
CA ALA A 206 -16.86 -1.99 5.07
C ALA A 206 -16.93 -2.85 6.33
N MSE A 207 -15.77 -3.35 6.80
CA MSE A 207 -15.70 -4.15 8.02
C MSE A 207 -15.98 -3.31 9.25
O MSE A 207 -16.58 -3.80 10.20
CB MSE A 207 -14.34 -4.86 8.17
CG MSE A 207 -14.08 -5.91 7.09
SE MSE A 207 -15.39 -7.33 6.94
CE MSE A 207 -14.18 -8.75 6.68
N GLU A 208 -15.57 -2.03 9.24
CA GLU A 208 -15.80 -1.13 10.36
C GLU A 208 -17.26 -0.81 10.54
N LYS A 209 -18.01 -0.66 9.44
CA LYS A 209 -19.46 -0.44 9.49
C LYS A 209 -20.20 -1.74 9.86
N LEU A 210 -19.74 -2.90 9.34
CA LEU A 210 -20.34 -4.21 9.60
C LEU A 210 -20.15 -4.69 11.04
N ALA A 211 -19.01 -4.39 11.65
CA ALA A 211 -18.74 -4.78 13.03
C ALA A 211 -19.61 -3.99 14.02
N GLU A 212 -19.88 -2.73 13.70
CA GLU A 212 -20.67 -1.83 14.51
C GLU A 212 -22.18 -2.00 14.31
N THR A 213 -22.65 -2.14 13.05
CA THR A 213 -24.07 -2.21 12.73
C THR A 213 -24.64 -3.56 12.24
N GLY A 214 -23.78 -4.55 12.02
CA GLY A 214 -24.21 -5.85 11.52
C GLY A 214 -24.58 -6.84 12.60
N THR A 215 -25.12 -8.01 12.21
CA THR A 215 -25.53 -9.05 13.14
C THR A 215 -25.13 -10.47 12.65
N GLY A 216 -25.10 -11.43 13.56
CA GLY A 216 -24.85 -12.83 13.27
C GLY A 216 -23.42 -13.16 12.97
N PHE A 217 -23.22 -14.15 12.10
CA PHE A 217 -21.89 -14.57 11.72
C PHE A 217 -21.20 -13.54 10.83
N ALA A 218 -21.96 -12.68 10.10
CA ALA A 218 -21.38 -11.62 9.28
C ALA A 218 -20.66 -10.62 10.19
N ARG A 219 -21.27 -10.26 11.32
CA ARG A 219 -20.69 -9.37 12.31
C ARG A 219 -19.48 -10.03 13.01
N LYS A 220 -19.54 -11.34 13.28
CA LYS A 220 -18.42 -12.07 13.90
C LYS A 220 -17.15 -11.94 13.07
N VAL A 221 -17.25 -12.17 11.76
CA VAL A 221 -16.17 -12.07 10.79
C VAL A 221 -15.57 -10.65 10.81
N ALA A 222 -16.44 -9.64 10.81
CA ALA A 222 -16.04 -8.24 10.84
C ALA A 222 -15.29 -7.87 12.11
N VAL A 223 -15.78 -8.28 13.29
CA VAL A 223 -15.18 -8.01 14.59
C VAL A 223 -13.79 -8.67 14.66
N ASN A 224 -13.69 -9.92 14.22
CA ASN A 224 -12.43 -10.65 14.23
C ASN A 224 -11.42 -10.08 13.26
N TYR A 225 -11.88 -9.60 12.08
CA TYR A 225 -11.02 -8.98 11.08
C TYR A 225 -10.44 -7.68 11.63
N LEU A 226 -11.28 -6.87 12.31
CA LEU A 226 -10.82 -5.62 12.89
C LEU A 226 -9.88 -5.79 14.07
N GLU A 227 -9.94 -6.93 14.77
CA GLU A 227 -9.05 -7.18 15.89
C GLU A 227 -7.60 -7.26 15.41
N THR A 228 -7.36 -7.85 14.25
CA THR A 228 -6.00 -7.99 13.72
C THR A 228 -5.61 -6.90 12.71
N HIS A 229 -6.54 -6.44 11.86
CA HIS A 229 -6.22 -5.44 10.85
C HIS A 229 -6.52 -4.00 11.27
N GLY A 230 -7.71 -3.78 11.80
CA GLY A 230 -8.16 -2.45 12.18
C GLY A 230 -7.62 -1.90 13.48
N GLY A 231 -8.30 -0.88 14.01
CA GLY A 231 -7.96 -0.17 15.24
C GLY A 231 -6.57 0.44 15.30
N SER A 232 -5.84 0.34 14.18
CA SER A 232 -4.48 0.80 14.00
C SER A 232 -4.21 2.20 14.55
N ALA A 233 -3.14 2.27 15.32
CA ALA A 233 -2.60 3.46 15.94
C ALA A 233 -1.12 3.13 16.26
N GLY A 234 -0.32 4.13 16.65
CA GLY A 234 1.06 3.90 17.03
C GLY A 234 1.12 3.05 18.30
N SER A 235 0.35 3.47 19.32
CA SER A 235 0.29 2.81 20.63
C SER A 235 -1.11 2.22 21.01
N PRO A 236 -1.77 1.41 20.15
CA PRO A 236 -3.06 0.84 20.56
C PRO A 236 -2.80 -0.38 21.41
N MET A 237 -3.59 -0.53 22.48
CA MET A 237 -3.40 -1.65 23.38
C MET A 237 -3.56 -3.00 22.63
N ARG A 238 -2.48 -3.81 22.57
CA ARG A 238 -2.50 -5.09 21.87
C ARG A 238 -2.08 -6.27 22.76
N CYS A 239 -2.45 -7.50 22.37
CA CYS A 239 -2.04 -8.72 23.05
C CYS A 239 -0.55 -8.94 22.73
N LEU A 240 0.24 -9.38 23.71
CA LEU A 240 1.67 -9.52 23.52
C LEU A 240 2.15 -10.88 23.00
N THR A 241 1.23 -11.81 22.71
CA THR A 241 1.66 -13.08 22.10
C THR A 241 1.04 -13.31 20.71
N CYS A 242 0.02 -12.55 20.32
CA CYS A 242 -0.58 -12.68 18.99
C CYS A 242 -0.85 -11.34 18.31
N LEU A 243 -0.59 -10.20 18.98
CA LEU A 243 -0.72 -8.85 18.44
C LEU A 243 -2.15 -8.41 18.09
N LYS A 244 -3.13 -9.19 18.46
CA LYS A 244 -4.53 -8.88 18.23
C LYS A 244 -4.92 -7.72 19.17
N LEU A 245 -5.83 -6.83 18.76
CA LEU A 245 -6.29 -5.74 19.63
C LEU A 245 -6.92 -6.29 20.91
N SER A 246 -6.34 -5.95 22.07
CA SER A 246 -6.81 -6.46 23.34
C SER A 246 -6.46 -5.45 24.43
N PHE A 247 -7.44 -5.09 25.31
CA PHE A 247 -7.18 -4.17 26.42
C PHE A 247 -6.20 -4.81 27.43
N LYS A 248 -6.34 -6.12 27.67
CA LYS A 248 -5.42 -6.83 28.56
C LYS A 248 -4.20 -7.30 27.72
N PRO A 249 -2.98 -7.29 28.29
CA PRO A 249 -1.80 -7.67 27.49
C PRO A 249 -1.72 -9.13 27.04
N LEU A 250 -2.75 -9.93 27.35
CA LEU A 250 -2.86 -11.32 26.92
C LEU A 250 -4.33 -11.56 26.67
N CYS A 251 -4.70 -11.82 25.42
CA CYS A 251 -6.09 -12.10 25.08
C CYS A 251 -6.51 -13.45 25.68
N PRO A 252 -7.82 -13.67 25.90
CA PRO A 252 -8.26 -14.93 26.52
C PRO A 252 -7.80 -16.19 25.79
N ASN A 253 -7.74 -16.15 24.46
CA ASN A 253 -7.26 -17.28 23.67
C ASN A 253 -5.80 -17.62 23.97
N CYS A 254 -4.94 -16.60 24.07
CA CYS A 254 -3.53 -16.76 24.39
C CYS A 254 -3.32 -17.17 25.83
N LEU A 255 -4.14 -16.65 26.73
CA LEU A 255 -4.07 -16.97 28.15
C LEU A 255 -4.46 -18.43 28.37
N ASN A 256 -5.48 -18.90 27.65
CA ASN A 256 -5.96 -20.27 27.69
C ASN A 256 -4.91 -21.26 27.14
N ASP A 257 -4.11 -20.83 26.18
CA ASP A 257 -3.04 -21.66 25.61
C ASP A 257 -1.83 -21.80 26.52
N LEU A 258 -1.73 -21.00 27.60
CA LEU A 258 -0.60 -21.08 28.51
C LEU A 258 -0.70 -22.32 29.41
N PRO A 259 0.34 -23.18 29.34
CA PRO A 259 0.30 -24.43 30.10
C PRO A 259 0.35 -24.29 31.61
N LEU A 260 -0.78 -24.58 32.25
CA LEU A 260 -0.90 -24.54 33.70
C LEU A 260 -0.49 -25.92 34.27
N SER A 261 0.71 -26.04 34.88
CA SER A 261 1.17 -27.30 35.48
C SER A 261 1.28 -27.26 37.03
N LEU A 262 0.26 -27.76 37.74
CA LEU A 262 0.23 -27.78 39.20
C LEU A 262 1.22 -28.77 39.87
N LYS A 263 2.07 -28.25 40.77
CA LYS A 263 3.02 -29.05 41.55
C LYS A 263 2.93 -28.70 43.04
N VAL A 264 3.28 -29.65 43.93
CA VAL A 264 3.27 -29.40 45.37
C VAL A 264 4.57 -29.88 46.02
N ARG A 265 5.15 -29.06 46.91
CA ARG A 265 6.33 -29.39 47.73
C ARG A 265 5.98 -29.05 49.17
N VAL A 266 6.63 -29.70 50.14
CA VAL A 266 6.41 -29.36 51.54
C VAL A 266 7.65 -28.67 52.07
N LEU A 267 7.53 -27.41 52.47
CA LEU A 267 8.66 -26.63 53.00
C LEU A 267 8.28 -26.21 54.41
N GLU A 268 9.06 -26.64 55.43
CA GLU A 268 8.81 -26.32 56.83
C GLU A 268 7.45 -26.82 57.31
N GLY A 269 6.99 -27.95 56.78
CA GLY A 269 5.68 -28.50 57.10
C GLY A 269 4.52 -27.87 56.35
N VAL A 270 4.75 -26.72 55.71
CA VAL A 270 3.76 -25.96 54.94
C VAL A 270 3.75 -26.42 53.47
N SER A 271 2.56 -26.67 52.91
CA SER A 271 2.44 -27.10 51.52
C SER A 271 2.54 -25.90 50.57
N VAL A 272 3.48 -25.97 49.61
CA VAL A 272 3.74 -24.93 48.62
C VAL A 272 3.22 -25.35 47.25
N TYR A 273 2.33 -24.53 46.68
CA TYR A 273 1.71 -24.80 45.38
C TYR A 273 2.27 -23.90 44.26
N SER A 274 2.69 -24.51 43.15
CA SER A 274 3.15 -23.79 41.95
C SER A 274 2.18 -24.10 40.81
N PHE A 275 2.06 -23.18 39.83
CA PHE A 275 1.06 -23.33 38.79
C PHE A 275 1.60 -23.29 37.37
N TYR A 276 2.84 -22.86 37.17
CA TYR A 276 3.44 -22.77 35.84
C TYR A 276 4.89 -23.19 35.89
N ALA A 277 5.42 -23.72 34.79
CA ALA A 277 6.84 -24.06 34.70
C ALA A 277 7.59 -22.86 34.14
N TYR A 278 8.76 -22.54 34.71
CA TYR A 278 9.57 -21.41 34.25
C TYR A 278 9.94 -21.54 32.77
N SER A 279 10.23 -22.75 32.33
CA SER A 279 10.60 -23.02 30.94
C SER A 279 9.47 -22.71 29.93
N GLU A 280 8.22 -22.67 30.39
CA GLU A 280 7.09 -22.40 29.50
C GLU A 280 6.64 -20.94 29.50
N ILE A 281 6.96 -20.16 30.55
CA ILE A 281 6.57 -18.76 30.64
C ILE A 281 7.78 -17.84 30.90
N GLU A 282 9.01 -18.29 30.57
CA GLU A 282 10.28 -17.61 30.78
C GLU A 282 10.29 -16.11 30.43
N GLU A 283 9.82 -15.75 29.22
CA GLU A 283 9.82 -14.37 28.73
C GLU A 283 8.86 -13.49 29.52
N LEU A 284 7.70 -14.05 29.93
CA LEU A 284 6.70 -13.33 30.73
C LEU A 284 7.23 -13.07 32.15
N ILE A 285 7.98 -14.03 32.72
CA ILE A 285 8.60 -13.87 34.03
C ILE A 285 9.74 -12.85 33.94
N LYS A 286 10.63 -13.00 32.95
CA LYS A 286 11.75 -12.07 32.73
C LYS A 286 11.26 -10.62 32.57
N SER A 287 10.06 -10.43 32.03
CA SER A 287 9.52 -9.10 31.83
C SER A 287 8.75 -8.54 33.02
N LYS A 288 8.93 -9.11 34.22
CA LYS A 288 8.22 -8.60 35.40
C LYS A 288 8.61 -7.18 35.75
N TYR A 289 9.83 -6.74 35.43
CA TYR A 289 10.24 -5.36 35.72
C TYR A 289 10.21 -4.43 34.50
N ALA A 290 9.52 -4.86 33.44
CA ALA A 290 9.35 -4.05 32.26
C ALA A 290 8.03 -3.30 32.43
N LEU A 291 7.94 -2.07 31.94
CA LEU A 291 6.72 -1.27 32.02
C LEU A 291 5.54 -1.98 31.33
N ILE A 292 5.71 -2.36 30.05
CA ILE A 292 4.67 -3.01 29.27
C ILE A 292 4.35 -4.43 29.78
N GLY A 293 5.36 -5.27 29.86
CA GLY A 293 5.20 -6.64 30.32
C GLY A 293 4.93 -6.83 31.80
N SER A 294 4.58 -5.74 32.52
CA SER A 294 4.33 -5.84 33.95
C SER A 294 2.96 -6.48 34.26
N ARG A 295 1.86 -5.95 33.66
CA ARG A 295 0.47 -6.39 33.85
C ARG A 295 0.15 -7.78 33.27
N ILE A 296 1.17 -8.54 32.87
CA ILE A 296 0.96 -9.89 32.35
C ILE A 296 0.87 -10.90 33.50
N LEU A 297 1.71 -10.74 34.52
CA LEU A 297 1.77 -11.64 35.66
C LEU A 297 0.48 -11.65 36.49
N PRO A 298 -0.15 -10.51 36.83
CA PRO A 298 -1.48 -10.56 37.47
C PRO A 298 -2.54 -11.35 36.70
N LEU A 299 -2.45 -11.44 35.36
CA LEU A 299 -3.36 -12.23 34.52
C LEU A 299 -3.11 -13.73 34.74
N LEU A 300 -1.83 -14.11 34.88
CA LEU A 300 -1.42 -15.49 35.09
C LEU A 300 -1.81 -15.94 36.49
N SER A 301 -1.68 -15.05 37.51
CA SER A 301 -2.06 -15.37 38.88
C SER A 301 -3.58 -15.39 39.07
N GLN A 302 -4.34 -14.69 38.23
CA GLN A 302 -5.79 -14.75 38.26
C GLN A 302 -6.23 -16.13 37.74
N LYS A 303 -5.56 -16.63 36.68
CA LYS A 303 -5.83 -17.94 36.08
C LYS A 303 -5.52 -19.03 37.10
N ALA A 304 -4.39 -18.89 37.82
CA ALA A 304 -3.91 -19.81 38.84
C ALA A 304 -4.82 -19.82 40.09
N GLY A 305 -5.23 -18.64 40.55
CA GLY A 305 -6.11 -18.52 41.70
C GLY A 305 -7.48 -19.11 41.49
N ALA A 306 -7.96 -19.10 40.23
CA ALA A 306 -9.27 -19.65 39.88
C ALA A 306 -9.25 -21.19 39.97
N GLU A 307 -8.11 -21.81 39.65
CA GLU A 307 -7.96 -23.25 39.78
C GLU A 307 -7.71 -23.62 41.24
N PHE A 308 -6.95 -22.79 41.96
CA PHE A 308 -6.64 -23.04 43.35
C PHE A 308 -7.86 -22.95 44.26
N VAL A 309 -8.78 -22.03 43.97
CA VAL A 309 -10.02 -21.87 44.72
C VAL A 309 -10.90 -23.15 44.61
N LYS A 310 -10.81 -23.87 43.47
CA LYS A 310 -11.53 -25.13 43.26
C LYS A 310 -10.88 -26.25 44.09
N ILE A 311 -9.55 -26.20 44.26
CA ILE A 311 -8.77 -27.15 45.07
C ILE A 311 -9.14 -27.00 46.55
N LEU A 312 -9.27 -25.75 47.04
CA LEU A 312 -9.65 -25.46 48.41
C LEU A 312 -11.06 -25.95 48.71
N GLN A 313 -11.98 -25.84 47.74
CA GLN A 313 -13.34 -26.33 47.93
C GLN A 313 -13.41 -27.85 48.00
N GLU A 314 -12.57 -28.52 47.21
CA GLU A 314 -12.47 -29.97 47.19
C GLU A 314 -11.81 -30.46 48.50
N GLN A 315 -10.83 -29.71 49.03
CA GLN A 315 -10.17 -30.02 50.29
C GLN A 315 -11.13 -29.84 51.47
N GLY A 316 -11.96 -28.80 51.41
CA GLY A 316 -12.87 -28.39 52.46
C GLY A 316 -12.39 -27.13 53.19
N LEU A 317 -11.34 -26.47 52.69
CA LEU A 317 -10.79 -25.26 53.33
C LEU A 317 -11.57 -24.03 52.87
N ASN A 318 -12.74 -23.82 53.48
CA ASN A 318 -13.64 -22.73 53.14
C ASN A 318 -13.58 -21.54 54.10
N ILE A 319 -12.52 -21.45 54.92
CA ILE A 319 -12.35 -20.35 55.84
C ILE A 319 -11.82 -19.11 55.10
N PRO A 320 -12.08 -17.89 55.60
CA PRO A 320 -11.51 -16.70 54.95
C PRO A 320 -9.99 -16.74 55.15
N LEU A 321 -9.23 -16.62 54.04
CA LEU A 321 -7.78 -16.66 54.09
C LEU A 321 -7.20 -15.31 53.68
N TYR A 322 -6.13 -14.87 54.33
CA TYR A 322 -5.52 -13.58 54.05
C TYR A 322 -4.14 -13.71 53.43
N GLY A 323 -3.96 -13.08 52.29
CA GLY A 323 -2.70 -13.17 51.56
C GLY A 323 -1.64 -12.19 51.99
N ILE A 324 -0.41 -12.68 52.11
CA ILE A 324 0.76 -11.88 52.43
C ILE A 324 1.69 -12.02 51.23
N ALA A 325 2.17 -10.91 50.67
CA ALA A 325 3.15 -10.99 49.58
C ALA A 325 4.49 -10.42 50.06
N ILE A 326 5.60 -10.95 49.53
CA ILE A 326 6.92 -10.42 49.89
C ILE A 326 7.05 -9.05 49.22
N ASP A 327 7.09 -7.98 50.03
CA ASP A 327 7.13 -6.59 49.60
C ASP A 327 8.28 -6.29 48.62
N ASP A 328 7.93 -5.65 47.51
CA ASP A 328 8.91 -5.32 46.48
C ASP A 328 9.60 -3.97 46.75
N LYS A 329 10.78 -3.79 46.16
CA LYS A 329 11.59 -2.58 46.34
C LYS A 329 11.40 -1.61 45.15
N ILE A 330 12.02 -0.43 45.25
CA ILE A 330 12.03 0.66 44.25
C ILE A 330 12.62 0.22 42.86
N LYS A 331 13.09 -1.03 42.74
CA LYS A 331 13.63 -1.57 41.49
C LYS A 331 12.51 -1.95 40.47
N SER A 332 11.26 -2.11 40.95
CA SER A 332 10.08 -2.43 40.15
C SER A 332 9.28 -1.17 39.77
N PHE A 333 8.59 -1.20 38.61
CA PHE A 333 7.79 -0.10 38.06
C PHE A 333 6.62 0.35 38.95
N TYR A 334 5.86 -0.62 39.49
CA TYR A 334 4.74 -0.37 40.40
C TYR A 334 4.78 -1.39 41.58
N SER A 335 3.70 -1.52 42.36
CA SER A 335 3.64 -2.53 43.41
C SER A 335 3.34 -3.88 42.73
N HIS A 336 4.41 -4.54 42.27
CA HIS A 336 4.39 -5.81 41.55
C HIS A 336 3.77 -6.93 42.35
N SER A 337 4.22 -7.12 43.60
CA SER A 337 3.70 -8.14 44.50
C SER A 337 2.24 -7.86 44.84
N ALA A 338 1.89 -6.59 45.06
CA ALA A 338 0.51 -6.21 45.36
C ALA A 338 -0.42 -6.54 44.21
N ALA A 339 0.04 -6.34 42.97
CA ALA A 339 -0.74 -6.63 41.76
C ALA A 339 -0.89 -8.12 41.53
N LEU A 340 0.18 -8.87 41.81
CA LEU A 340 0.22 -10.33 41.65
C LEU A 340 -0.71 -11.00 42.67
N LEU A 341 -0.75 -10.46 43.90
CA LEU A 341 -1.59 -10.95 44.99
C LEU A 341 -3.04 -10.53 44.75
N LYS A 342 -3.27 -9.29 44.30
CA LYS A 342 -4.62 -8.80 44.00
C LYS A 342 -5.29 -9.61 42.88
N GLY A 343 -4.50 -10.06 41.91
CA GLY A 343 -4.97 -10.88 40.81
C GLY A 343 -5.32 -12.30 41.25
N PHE A 344 -4.48 -12.91 42.10
CA PHE A 344 -4.67 -14.25 42.61
C PHE A 344 -5.91 -14.39 43.49
N CYS A 345 -6.11 -13.42 44.42
CA CYS A 345 -7.20 -13.40 45.39
C CYS A 345 -8.57 -13.28 44.75
N GLN A 346 -9.40 -14.25 45.11
CA GLN A 346 -10.79 -14.39 44.70
C GLN A 346 -11.42 -15.45 45.61
N GLY A 347 -12.74 -15.43 45.68
CA GLY A 347 -13.46 -16.35 46.54
C GLY A 347 -13.22 -16.03 47.99
N ASN A 348 -12.77 -17.01 48.75
CA ASN A 348 -12.49 -16.82 50.18
C ASN A 348 -11.07 -16.26 50.45
N LEU A 349 -10.29 -15.95 49.40
CA LEU A 349 -8.95 -15.39 49.53
C LEU A 349 -9.06 -13.87 49.48
N LYS A 350 -8.47 -13.18 50.45
CA LYS A 350 -8.52 -11.73 50.59
C LYS A 350 -7.11 -11.17 50.69
N PRO A 351 -6.78 -10.10 49.95
CA PRO A 351 -5.41 -9.57 50.00
C PRO A 351 -5.11 -8.58 51.11
N THR A 352 -3.87 -8.61 51.63
CA THR A 352 -3.35 -7.71 52.64
C THR A 352 -2.05 -7.10 52.12
N TYR A 353 -1.80 -5.80 52.39
CA TYR A 353 -0.60 -5.17 51.85
C TYR A 353 0.36 -4.62 52.91
N GLY A 354 1.65 -4.83 52.68
CA GLY A 354 2.71 -4.34 53.55
C GLY A 354 2.85 -5.02 54.91
N ARG A 355 2.49 -6.31 54.99
CA ARG A 355 2.61 -7.04 56.24
C ARG A 355 4.00 -7.68 56.38
N LEU A 356 4.63 -8.10 55.26
CA LEU A 356 5.95 -8.73 55.35
C LEU A 356 6.95 -8.07 54.42
N ARG A 357 8.11 -7.62 54.97
CA ARG A 357 9.13 -6.98 54.16
C ARG A 357 10.54 -7.44 54.51
N ALA A 358 11.41 -7.49 53.51
CA ALA A 358 12.81 -7.90 53.66
C ALA A 358 13.67 -6.68 53.93
N ASN A 359 14.60 -6.77 54.89
CA ASN A 359 15.47 -5.64 55.22
C ASN A 359 16.65 -5.43 54.25
N ASN A 360 16.81 -6.31 53.25
CA ASN A 360 17.85 -6.16 52.23
C ASN A 360 17.29 -6.50 50.86
N ALA A 361 17.80 -5.85 49.82
CA ALA A 361 17.31 -6.04 48.46
C ALA A 361 18.22 -6.91 47.57
N VAL A 362 18.73 -8.03 48.12
CA VAL A 362 19.61 -8.91 47.36
C VAL A 362 18.81 -9.73 46.32
N SER A 363 19.39 -9.94 45.14
CA SER A 363 18.71 -10.69 44.07
C SER A 363 19.35 -12.07 43.89
N TYR A 364 18.54 -13.13 44.03
CA TYR A 364 19.02 -14.50 43.88
C TYR A 364 19.09 -14.98 42.43
N ALA A 365 18.54 -14.20 41.48
CA ALA A 365 18.50 -14.58 40.07
C ALA A 365 19.87 -14.95 39.51
N GLY A 366 20.01 -16.19 39.07
CA GLY A 366 21.25 -16.70 38.50
C GLY A 366 22.36 -16.98 39.50
N LYS A 367 22.02 -17.08 40.78
CA LYS A 367 23.01 -17.34 41.82
C LYS A 367 22.96 -18.80 42.30
N SER A 368 24.07 -19.30 42.84
CA SER A 368 24.17 -20.66 43.34
C SER A 368 23.39 -20.83 44.66
N LEU A 369 23.04 -22.07 45.01
CA LEU A 369 22.34 -22.37 46.27
C LEU A 369 23.16 -21.86 47.48
N GLU A 370 24.50 -21.92 47.38
CA GLU A 370 25.42 -21.44 48.41
C GLU A 370 25.28 -19.93 48.63
N PHE A 371 25.20 -19.13 47.55
CA PHE A 371 25.04 -17.68 47.65
C PHE A 371 23.73 -17.33 48.37
N ARG A 372 22.64 -17.98 47.96
CA ARG A 372 21.30 -17.75 48.52
C ARG A 372 21.23 -18.07 50.01
N ALA A 373 21.77 -19.21 50.43
CA ALA A 373 21.77 -19.62 51.83
C ALA A 373 22.62 -18.71 52.72
N ASN A 374 23.62 -18.04 52.15
CA ASN A 374 24.47 -17.12 52.90
C ASN A 374 24.03 -15.64 52.81
N ASN A 375 22.95 -15.35 52.07
CA ASN A 375 22.44 -14.00 51.91
C ASN A 375 20.95 -13.96 52.25
N PRO A 376 20.59 -13.94 53.53
CA PRO A 376 19.17 -13.97 53.89
C PRO A 376 18.49 -12.62 53.79
N ARG A 377 17.17 -12.64 53.58
CA ARG A 377 16.34 -11.43 53.56
C ARG A 377 15.90 -11.32 54.98
N ASN A 378 16.31 -10.28 55.70
CA ASN A 378 15.92 -10.17 57.13
C ASN A 378 14.45 -9.76 57.20
N PHE A 379 13.54 -10.74 57.32
CA PHE A 379 12.12 -10.47 57.29
C PHE A 379 11.59 -9.77 58.52
N THR A 380 10.55 -8.94 58.33
CA THR A 380 9.89 -8.19 59.41
C THR A 380 8.36 -8.23 59.22
N PHE A 381 7.63 -8.70 60.22
CA PHE A 381 6.18 -8.75 60.13
C PHE A 381 5.53 -7.57 60.87
N LYS A 382 4.50 -6.96 60.27
CA LYS A 382 3.77 -5.82 60.84
C LYS A 382 2.28 -5.98 60.54
N GLY A 383 1.55 -6.58 61.47
CA GLY A 383 0.12 -6.79 61.30
C GLY A 383 -0.50 -7.65 62.38
N ASP A 384 -1.78 -8.03 62.18
CA ASP A 384 -2.58 -8.86 63.10
C ASP A 384 -2.08 -10.30 63.06
N GLU A 385 -1.59 -10.84 64.17
CA GLU A 385 -1.08 -12.22 64.20
C GLU A 385 -2.17 -13.29 64.32
N SER A 386 -3.37 -12.91 64.77
CA SER A 386 -4.47 -13.84 64.97
C SER A 386 -5.17 -14.31 63.69
N LEU A 387 -4.78 -13.77 62.53
CA LEU A 387 -5.44 -14.07 61.27
C LEU A 387 -4.95 -15.37 60.62
N ASP A 388 -5.77 -15.96 59.74
CA ASP A 388 -5.44 -17.15 58.97
C ASP A 388 -4.79 -16.68 57.66
N TYR A 389 -3.49 -16.90 57.53
CA TYR A 389 -2.73 -16.40 56.42
C TYR A 389 -2.24 -17.45 55.43
N PHE A 390 -1.73 -16.97 54.29
CA PHE A 390 -1.05 -17.70 53.23
C PHE A 390 -0.06 -16.71 52.59
N LEU A 391 1.15 -17.17 52.22
CA LEU A 391 2.05 -16.25 51.54
C LEU A 391 2.14 -16.56 50.05
N LEU A 392 2.37 -15.52 49.26
CA LEU A 392 2.47 -15.65 47.82
C LEU A 392 3.73 -14.98 47.32
N ASP A 393 4.38 -15.63 46.36
CA ASP A 393 5.56 -15.13 45.66
C ASP A 393 5.47 -15.50 44.17
N ASP A 394 6.27 -14.84 43.33
CA ASP A 394 6.24 -15.07 41.90
C ASP A 394 6.90 -16.36 41.47
N ILE A 395 8.06 -16.74 42.05
CA ILE A 395 8.75 -17.96 41.61
C ILE A 395 9.50 -18.66 42.74
N ILE A 396 9.60 -20.00 42.64
CA ILE A 396 10.38 -20.83 43.54
C ILE A 396 11.51 -21.48 42.73
N THR A 397 12.76 -21.30 43.15
CA THR A 397 13.89 -21.91 42.47
C THR A 397 14.52 -22.93 43.43
N THR A 398 15.01 -22.49 44.60
CA THR A 398 15.61 -23.40 45.59
C THR A 398 14.81 -23.53 46.87
N GLY A 399 13.76 -22.72 47.04
CA GLY A 399 12.96 -22.75 48.24
C GLY A 399 13.55 -21.99 49.40
N THR A 400 14.75 -21.37 49.22
CA THR A 400 15.43 -20.63 50.29
C THR A 400 14.54 -19.51 50.85
N THR A 401 14.04 -18.61 49.97
CA THR A 401 13.18 -17.48 50.34
C THR A 401 11.95 -17.94 51.11
N LEU A 402 11.23 -18.97 50.61
CA LEU A 402 10.01 -19.48 51.27
C LEU A 402 10.31 -20.15 52.60
N LYS A 403 11.33 -21.01 52.67
CA LYS A 403 11.75 -21.67 53.92
C LYS A 403 12.08 -20.62 55.00
N GLU A 404 12.66 -19.49 54.60
CA GLU A 404 13.03 -18.41 55.50
C GLU A 404 11.81 -17.66 55.99
N ALA A 405 10.86 -17.35 55.10
CA ALA A 405 9.64 -16.62 55.46
C ALA A 405 8.73 -17.46 56.36
N LEU A 406 8.62 -18.77 56.06
CA LEU A 406 7.78 -19.70 56.83
C LEU A 406 8.36 -19.93 58.21
N LYS A 407 9.68 -20.12 58.29
CA LYS A 407 10.38 -20.29 59.57
C LYS A 407 10.22 -19.04 60.43
N TYR A 408 10.40 -17.85 59.85
CA TYR A 408 10.23 -16.58 60.57
C TYR A 408 8.80 -16.39 61.12
N LEU A 409 7.76 -16.62 60.30
CA LEU A 409 6.37 -16.46 60.76
C LEU A 409 5.95 -17.53 61.78
N LYS A 410 6.57 -18.72 61.72
CA LYS A 410 6.31 -19.82 62.66
C LYS A 410 6.81 -19.41 64.06
N THR A 411 7.95 -18.69 64.14
CA THR A 411 8.50 -18.21 65.43
C THR A 411 7.59 -17.14 66.08
N LEU A 412 6.81 -16.42 65.26
CA LEU A 412 5.87 -15.40 65.70
C LEU A 412 4.48 -15.99 66.02
N ASN A 413 4.31 -17.32 65.95
CA ASN A 413 3.08 -18.04 66.21
C ASN A 413 1.95 -17.62 65.28
N ILE A 414 2.28 -17.39 64.00
CA ILE A 414 1.31 -16.98 62.99
C ILE A 414 0.81 -18.17 62.13
N LYS A 415 -0.53 -18.30 61.98
CA LYS A 415 -1.15 -19.36 61.18
C LYS A 415 -0.91 -19.17 59.69
N VAL A 416 -0.03 -20.01 59.08
CA VAL A 416 0.23 -19.97 57.65
C VAL A 416 -0.27 -21.30 57.10
N HIS A 417 -1.42 -21.28 56.41
CA HIS A 417 -2.07 -22.48 55.90
C HIS A 417 -1.38 -23.11 54.70
N PHE A 418 -0.72 -22.30 53.87
CA PHE A 418 -0.02 -22.74 52.67
C PHE A 418 0.75 -21.56 52.05
N ALA A 419 1.59 -21.86 51.05
CA ALA A 419 2.32 -20.86 50.30
C ALA A 419 2.06 -21.08 48.82
N ILE A 420 2.03 -19.99 48.06
CA ILE A 420 1.82 -20.02 46.61
C ILE A 420 3.04 -19.44 45.96
N ALA A 421 3.66 -20.16 45.03
CA ALA A 421 4.79 -19.63 44.25
C ALA A 421 4.34 -19.85 42.86
N LEU A 422 3.74 -18.83 42.24
CA LEU A 422 3.14 -18.84 40.90
C LEU A 422 3.89 -19.67 39.87
N CYS A 423 5.18 -19.50 39.82
CA CYS A 423 6.03 -20.13 38.85
C CYS A 423 7.05 -21.04 39.51
N SER A 424 7.39 -22.16 38.88
CA SER A 424 8.36 -23.11 39.39
C SER A 424 9.61 -23.26 38.51
N ALA A 425 10.78 -23.08 39.08
CA ALA A 425 12.05 -23.32 38.40
C ALA A 425 12.78 -24.55 38.96
N ASP A 426 12.28 -25.14 40.10
CA ASP A 426 12.86 -26.32 40.76
C ASP A 426 12.37 -27.65 40.17
N GLU B 16 35.16 -10.62 -41.33
CA GLU B 16 35.80 -10.10 -40.11
C GLU B 16 37.16 -10.78 -39.82
N LYS B 17 38.03 -10.10 -39.05
CA LYS B 17 39.38 -10.57 -38.74
C LYS B 17 39.54 -11.08 -37.32
N VAL B 18 38.46 -11.52 -36.67
CA VAL B 18 38.48 -12.04 -35.30
C VAL B 18 39.58 -13.08 -35.05
N GLU B 19 39.71 -14.08 -35.94
CA GLU B 19 40.72 -15.13 -35.79
C GLU B 19 42.16 -14.63 -36.00
N MSE B 20 42.33 -13.53 -36.72
CA MSE B 20 43.64 -12.94 -36.94
C MSE B 20 44.09 -12.27 -35.65
O MSE B 20 45.24 -12.45 -35.24
CB MSE B 20 43.58 -11.92 -38.09
CG MSE B 20 44.89 -11.17 -38.30
SE MSE B 20 44.61 -9.43 -39.13
CE MSE B 20 46.28 -8.57 -38.57
N TYR B 21 43.19 -11.51 -34.99
CA TYR B 21 43.47 -10.86 -33.73
C TYR B 21 43.73 -11.86 -32.62
N ILE B 22 43.05 -13.02 -32.65
CA ILE B 22 43.24 -14.09 -31.66
C ILE B 22 44.70 -14.60 -31.72
N LYS B 23 45.28 -14.68 -32.93
CA LYS B 23 46.67 -15.10 -33.12
C LYS B 23 47.64 -13.98 -32.67
N ASN B 24 47.30 -12.72 -32.95
CA ASN B 24 48.09 -11.54 -32.56
C ASN B 24 48.22 -11.37 -31.04
N LEU B 25 47.39 -12.07 -30.24
CA LEU B 25 47.45 -12.02 -28.79
C LEU B 25 48.73 -12.69 -28.25
N GLN B 26 49.29 -13.65 -29.01
CA GLN B 26 50.52 -14.34 -28.62
C GLN B 26 51.76 -13.82 -29.38
N ASP B 27 51.69 -12.60 -29.93
CA ASP B 27 52.82 -12.01 -30.66
C ASP B 27 53.91 -11.50 -29.69
N ASP B 28 55.13 -11.32 -30.20
CA ASP B 28 56.25 -10.84 -29.38
C ASP B 28 56.17 -9.33 -29.15
N SER B 29 55.59 -8.58 -30.11
CA SER B 29 55.45 -7.13 -30.02
C SER B 29 54.38 -6.75 -29.03
N LEU B 30 54.69 -5.84 -28.10
CA LEU B 30 53.73 -5.40 -27.09
C LEU B 30 52.59 -4.61 -27.71
N THR B 31 52.89 -3.69 -28.64
CA THR B 31 51.88 -2.87 -29.29
C THR B 31 50.91 -3.71 -30.14
N VAL B 32 51.35 -4.88 -30.64
CA VAL B 32 50.49 -5.77 -31.43
C VAL B 32 49.55 -6.55 -30.49
N ARG B 33 50.06 -6.98 -29.32
CA ARG B 33 49.26 -7.71 -28.33
C ARG B 33 48.15 -6.84 -27.76
N ILE B 34 48.45 -5.56 -27.49
CA ILE B 34 47.51 -4.58 -26.94
C ILE B 34 46.40 -4.26 -27.95
N ASN B 35 46.77 -3.96 -29.20
CA ASN B 35 45.80 -3.65 -30.25
C ASN B 35 44.87 -4.83 -30.54
N ALA B 36 45.37 -6.06 -30.39
CA ALA B 36 44.59 -7.27 -30.62
C ALA B 36 43.52 -7.44 -29.53
N ALA B 37 43.86 -7.11 -28.27
CA ALA B 37 42.93 -7.20 -27.16
C ALA B 37 41.85 -6.12 -27.28
N ASN B 38 42.25 -4.90 -27.68
CA ASN B 38 41.31 -3.80 -27.86
C ASN B 38 40.38 -4.05 -29.04
N ALA B 39 40.90 -4.64 -30.13
CA ALA B 39 40.08 -4.95 -31.29
C ALA B 39 39.06 -6.01 -30.92
N LEU B 40 39.47 -7.05 -30.18
CA LEU B 40 38.55 -8.10 -29.73
C LEU B 40 37.52 -7.64 -28.69
N GLY B 41 37.66 -6.41 -28.19
CA GLY B 41 36.68 -5.82 -27.29
C GLY B 41 35.56 -5.17 -28.07
N LYS B 42 35.85 -4.67 -29.30
CA LYS B 42 34.86 -4.05 -30.17
C LYS B 42 34.15 -5.12 -31.02
N ILE B 43 34.93 -5.97 -31.72
CA ILE B 43 34.39 -7.02 -32.59
C ILE B 43 34.36 -8.38 -31.87
N GLY B 44 34.07 -8.33 -30.58
CA GLY B 44 34.06 -9.48 -29.67
C GLY B 44 33.20 -10.67 -30.00
N ASP B 45 33.85 -11.82 -30.13
CA ASP B 45 33.21 -13.10 -30.40
C ASP B 45 33.51 -14.04 -29.22
N GLU B 46 32.65 -15.05 -29.00
CA GLU B 46 32.90 -16.04 -27.95
C GLU B 46 34.20 -16.84 -28.19
N ARG B 47 34.70 -16.86 -29.44
CA ARG B 47 35.96 -17.52 -29.83
C ARG B 47 37.16 -16.81 -29.20
N ALA B 48 37.04 -15.50 -28.90
CA ALA B 48 38.09 -14.71 -28.30
C ALA B 48 38.13 -14.79 -26.77
N VAL B 49 37.10 -15.36 -26.13
CA VAL B 49 37.05 -15.47 -24.67
C VAL B 49 38.21 -16.28 -24.08
N GLU B 50 38.41 -17.55 -24.51
CA GLU B 50 39.53 -18.35 -23.99
C GLU B 50 40.92 -17.72 -24.24
N PRO B 51 41.26 -17.25 -25.47
CA PRO B 51 42.54 -16.55 -25.66
C PRO B 51 42.69 -15.30 -24.77
N LEU B 52 41.59 -14.56 -24.52
CA LEU B 52 41.64 -13.36 -23.68
C LEU B 52 41.82 -13.71 -22.20
N ILE B 53 41.32 -14.89 -21.76
CA ILE B 53 41.50 -15.38 -20.39
C ILE B 53 43.01 -15.64 -20.13
N LYS B 54 43.73 -16.16 -21.15
CA LYS B 54 45.16 -16.41 -21.06
C LYS B 54 45.91 -15.07 -21.03
N ALA B 55 45.46 -14.09 -21.84
CA ALA B 55 46.02 -12.73 -21.91
C ALA B 55 45.92 -11.96 -20.58
N LEU B 56 45.05 -12.42 -19.66
CA LEU B 56 44.94 -11.84 -18.32
C LEU B 56 46.17 -12.17 -17.44
N LYS B 57 46.94 -13.21 -17.82
CA LYS B 57 48.14 -13.62 -17.11
C LYS B 57 49.42 -13.13 -17.81
N ASP B 58 49.34 -12.04 -18.57
CA ASP B 58 50.49 -11.50 -19.28
C ASP B 58 51.49 -10.81 -18.34
N GLU B 59 52.74 -10.70 -18.79
CA GLU B 59 53.83 -10.06 -18.05
C GLU B 59 53.56 -8.55 -17.92
N ASP B 60 53.05 -7.92 -18.98
CA ASP B 60 52.76 -6.49 -18.98
C ASP B 60 51.33 -6.20 -18.53
N ALA B 61 51.18 -5.16 -17.70
CA ALA B 61 49.89 -4.75 -17.16
C ALA B 61 48.97 -4.11 -18.21
N LEU B 62 49.55 -3.52 -19.26
CA LEU B 62 48.76 -2.90 -20.33
C LEU B 62 47.99 -3.93 -21.16
N VAL B 63 48.53 -5.16 -21.27
CA VAL B 63 47.89 -6.26 -21.96
C VAL B 63 46.82 -6.86 -21.05
N ARG B 64 47.16 -7.05 -19.76
CA ARG B 64 46.25 -7.58 -18.75
C ARG B 64 44.99 -6.73 -18.63
N LEU B 65 45.13 -5.39 -18.60
CA LEU B 65 43.96 -4.51 -18.45
C LEU B 65 43.13 -4.44 -19.72
N SER B 66 43.76 -4.57 -20.90
CA SER B 66 43.04 -4.54 -22.17
C SER B 66 42.24 -5.83 -22.36
N ALA B 67 42.80 -6.97 -21.93
CA ALA B 67 42.13 -8.27 -21.99
C ALA B 67 40.94 -8.27 -21.04
N ALA B 68 41.10 -7.67 -19.86
CA ALA B 68 40.03 -7.56 -18.87
C ALA B 68 38.91 -6.68 -19.39
N TRP B 69 39.24 -5.56 -20.04
CA TRP B 69 38.27 -4.65 -20.63
C TRP B 69 37.46 -5.36 -21.71
N ALA B 70 38.13 -6.10 -22.59
CA ALA B 70 37.52 -6.81 -23.71
C ALA B 70 36.61 -7.94 -23.24
N LEU B 71 36.96 -8.62 -22.14
CA LEU B 71 36.14 -9.71 -21.61
C LEU B 71 34.79 -9.23 -21.08
N GLY B 72 34.76 -8.03 -20.52
CA GLY B 72 33.51 -7.43 -20.04
C GLY B 72 32.63 -6.98 -21.19
N LYS B 73 33.25 -6.48 -22.26
CA LYS B 73 32.59 -6.04 -23.48
C LYS B 73 31.94 -7.23 -24.22
N ILE B 74 32.55 -8.42 -24.14
CA ILE B 74 32.00 -9.64 -24.75
C ILE B 74 30.84 -10.17 -23.88
N GLY B 75 31.03 -10.14 -22.56
CA GLY B 75 30.00 -10.53 -21.60
C GLY B 75 29.77 -12.01 -21.39
N ASP B 76 30.76 -12.85 -21.72
CA ASP B 76 30.63 -14.29 -21.56
C ASP B 76 30.92 -14.71 -20.12
N GLU B 77 30.07 -15.59 -19.57
CA GLU B 77 30.14 -16.13 -18.21
C GLU B 77 31.46 -16.89 -17.92
N ARG B 78 32.18 -17.34 -18.95
CA ARG B 78 33.43 -18.08 -18.76
C ARG B 78 34.55 -17.21 -18.17
N ALA B 79 34.52 -15.91 -18.46
CA ALA B 79 35.53 -14.97 -17.96
C ALA B 79 35.33 -14.55 -16.49
N VAL B 80 34.21 -14.91 -15.86
CA VAL B 80 33.92 -14.52 -14.49
C VAL B 80 34.99 -14.99 -13.50
N GLU B 81 35.35 -16.28 -13.50
CA GLU B 81 36.37 -16.79 -12.57
C GLU B 81 37.76 -16.14 -12.78
N PRO B 82 38.34 -16.08 -14.01
CA PRO B 82 39.64 -15.39 -14.16
C PRO B 82 39.58 -13.87 -13.86
N LEU B 83 38.42 -13.21 -14.06
CA LEU B 83 38.29 -11.79 -13.72
C LEU B 83 38.24 -11.59 -12.19
N ILE B 84 37.72 -12.60 -11.45
CA ILE B 84 37.68 -12.60 -9.99
C ILE B 84 39.12 -12.67 -9.44
N LYS B 85 39.99 -13.45 -10.10
CA LYS B 85 41.40 -13.54 -9.74
C LYS B 85 42.12 -12.22 -10.08
N ALA B 86 41.72 -11.56 -11.19
CA ALA B 86 42.26 -10.26 -11.62
C ALA B 86 41.88 -9.09 -10.67
N LEU B 87 40.96 -9.32 -9.73
CA LEU B 87 40.61 -8.33 -8.71
C LEU B 87 41.74 -8.22 -7.65
N LYS B 88 42.57 -9.27 -7.51
CA LYS B 88 43.72 -9.29 -6.59
C LYS B 88 45.04 -8.98 -7.33
N ASP B 89 44.98 -8.36 -8.52
CA ASP B 89 46.16 -8.02 -9.31
C ASP B 89 47.03 -6.94 -8.64
N GLU B 90 48.34 -6.93 -8.94
CA GLU B 90 49.29 -5.96 -8.37
C GLU B 90 49.06 -4.52 -8.89
N ASP B 91 48.56 -4.40 -10.12
CA ASP B 91 48.31 -3.10 -10.73
C ASP B 91 46.87 -2.64 -10.48
N SER B 92 46.69 -1.38 -10.03
CA SER B 92 45.37 -0.82 -9.75
C SER B 92 44.54 -0.53 -11.01
N ASP B 93 45.18 -0.45 -12.18
CA ASP B 93 44.50 -0.25 -13.46
C ASP B 93 43.85 -1.56 -13.93
N VAL B 94 44.50 -2.71 -13.65
CA VAL B 94 43.98 -4.03 -14.00
C VAL B 94 42.83 -4.41 -13.08
N ARG B 95 42.92 -4.05 -11.77
CA ARG B 95 41.88 -4.30 -10.78
C ARG B 95 40.61 -3.52 -11.15
N TYR B 96 40.78 -2.26 -11.56
CA TYR B 96 39.71 -1.34 -11.99
C TYR B 96 38.96 -1.88 -13.20
N ARG B 97 39.70 -2.46 -14.15
CA ARG B 97 39.11 -3.01 -15.35
C ARG B 97 38.39 -4.32 -15.10
N ALA B 98 38.92 -5.14 -14.18
CA ALA B 98 38.33 -6.42 -13.80
C ALA B 98 37.03 -6.20 -13.04
N ALA B 99 36.99 -5.19 -12.16
CA ALA B 99 35.80 -4.85 -11.39
C ALA B 99 34.70 -4.33 -12.30
N THR B 100 35.04 -3.47 -13.28
CA THR B 100 34.09 -2.89 -14.21
C THR B 100 33.48 -3.99 -15.08
N ALA B 101 34.33 -4.88 -15.61
CA ALA B 101 33.94 -5.99 -16.48
C ALA B 101 33.03 -6.97 -15.77
N LEU B 102 33.26 -7.23 -14.48
CA LEU B 102 32.43 -8.17 -13.73
C LEU B 102 30.99 -7.71 -13.59
N GLY B 103 30.78 -6.40 -13.48
CA GLY B 103 29.45 -5.82 -13.41
C GLY B 103 28.78 -5.82 -14.77
N GLN B 104 29.57 -5.66 -15.85
CA GLN B 104 29.11 -5.67 -17.23
C GLN B 104 28.61 -7.07 -17.62
N ILE B 105 29.27 -8.13 -17.11
CA ILE B 105 28.84 -9.51 -17.34
C ILE B 105 27.57 -9.74 -16.50
N GLY B 106 27.60 -9.39 -15.22
CA GLY B 106 26.43 -9.49 -14.35
C GLY B 106 26.23 -10.80 -13.62
N ASP B 107 27.27 -11.62 -13.53
CA ASP B 107 27.18 -12.91 -12.86
C ASP B 107 27.24 -12.71 -11.35
N GLU B 108 26.34 -13.40 -10.65
CA GLU B 108 26.18 -13.41 -9.20
C GLU B 108 27.48 -13.88 -8.47
N ARG B 109 28.32 -14.69 -9.14
CA ARG B 109 29.56 -15.20 -8.54
C ARG B 109 30.56 -14.10 -8.17
N ALA B 110 30.49 -12.95 -8.85
CA ALA B 110 31.38 -11.82 -8.58
C ALA B 110 30.97 -11.00 -7.37
N VAL B 111 29.77 -11.21 -6.80
CA VAL B 111 29.25 -10.44 -5.67
C VAL B 111 30.21 -10.44 -4.47
N GLU B 112 30.57 -11.60 -3.91
CA GLU B 112 31.48 -11.63 -2.75
C GLU B 112 32.88 -11.07 -3.07
N PRO B 113 33.56 -11.47 -4.18
CA PRO B 113 34.84 -10.82 -4.52
C PRO B 113 34.75 -9.30 -4.70
N LEU B 114 33.64 -8.78 -5.28
CA LEU B 114 33.43 -7.34 -5.48
C LEU B 114 33.15 -6.63 -4.15
N ILE B 115 32.52 -7.32 -3.18
CA ILE B 115 32.25 -6.77 -1.85
C ILE B 115 33.59 -6.50 -1.13
N LYS B 116 34.60 -7.36 -1.34
CA LYS B 116 35.92 -7.18 -0.77
C LYS B 116 36.64 -5.99 -1.45
N ALA B 117 36.43 -5.82 -2.76
CA ALA B 117 36.99 -4.71 -3.54
C ALA B 117 36.49 -3.33 -3.10
N LEU B 118 35.37 -3.28 -2.36
CA LEU B 118 34.86 -2.03 -1.79
C LEU B 118 35.81 -1.47 -0.71
N LYS B 119 36.70 -2.32 -0.14
CA LYS B 119 37.67 -1.91 0.87
C LYS B 119 39.09 -1.79 0.25
N ASP B 120 39.19 -1.57 -1.07
CA ASP B 120 40.48 -1.47 -1.76
C ASP B 120 41.21 -0.17 -1.41
N GLU B 121 42.54 -0.15 -1.58
CA GLU B 121 43.35 1.04 -1.31
C GLU B 121 43.07 2.12 -2.35
N ASP B 122 42.89 1.71 -3.62
CA ASP B 122 42.65 2.63 -4.73
C ASP B 122 41.16 2.99 -4.85
N GLU B 123 40.85 4.29 -4.71
CA GLU B 123 39.50 4.84 -4.79
C GLU B 123 38.78 4.54 -6.11
N ARG B 124 39.52 4.30 -7.19
CA ARG B 124 38.92 3.96 -8.48
C ARG B 124 38.42 2.52 -8.46
N VAL B 125 39.18 1.62 -7.83
CA VAL B 125 38.78 0.23 -7.70
C VAL B 125 37.53 0.14 -6.81
N ARG B 126 37.47 0.92 -5.72
CA ARG B 126 36.31 0.91 -4.83
C ARG B 126 35.06 1.40 -5.57
N GLN B 127 35.21 2.47 -6.36
CA GLN B 127 34.13 3.09 -7.11
C GLN B 127 33.58 2.17 -8.19
N SER B 128 34.48 1.52 -8.95
CA SER B 128 34.07 0.61 -10.00
C SER B 128 33.43 -0.66 -9.44
N ALA B 129 33.83 -1.09 -8.23
CA ALA B 129 33.25 -2.27 -7.57
C ALA B 129 31.85 -1.96 -7.07
N ALA B 130 31.61 -0.72 -6.60
CA ALA B 130 30.30 -0.29 -6.14
C ALA B 130 29.31 -0.24 -7.31
N GLY B 131 29.75 0.27 -8.47
CA GLY B 131 28.91 0.39 -9.64
C GLY B 131 28.56 -0.96 -10.23
N ALA B 132 29.52 -1.91 -10.16
CA ALA B 132 29.36 -3.30 -10.63
C ALA B 132 28.36 -4.04 -9.77
N LEU B 133 28.37 -3.78 -8.44
CA LEU B 133 27.42 -4.40 -7.53
C LEU B 133 25.98 -3.96 -7.83
N GLY B 134 25.81 -2.71 -8.29
CA GLY B 134 24.52 -2.18 -8.68
C GLY B 134 24.03 -2.76 -10.00
N GLN B 135 24.97 -3.03 -10.93
CA GLN B 135 24.68 -3.63 -12.22
C GLN B 135 24.25 -5.09 -12.03
N ILE B 136 24.91 -5.82 -11.12
CA ILE B 136 24.57 -7.22 -10.82
C ILE B 136 23.19 -7.29 -10.14
N GLY B 137 22.89 -6.33 -9.25
CA GLY B 137 21.60 -6.20 -8.59
C GLY B 137 21.30 -7.16 -7.47
N ASP B 138 22.31 -7.88 -6.97
CA ASP B 138 22.13 -8.84 -5.90
C ASP B 138 21.96 -8.13 -4.57
N GLU B 139 21.04 -8.63 -3.75
CA GLU B 139 20.68 -8.11 -2.44
C GLU B 139 21.85 -8.18 -1.42
N ARG B 140 22.79 -9.12 -1.59
CA ARG B 140 23.91 -9.29 -0.67
C ARG B 140 24.82 -8.07 -0.59
N ALA B 141 24.84 -7.25 -1.63
CA ALA B 141 25.66 -6.05 -1.70
C ALA B 141 25.05 -4.85 -0.95
N VAL B 142 23.79 -4.93 -0.50
CA VAL B 142 23.13 -3.80 0.16
C VAL B 142 23.88 -3.30 1.41
N GLU B 143 24.16 -4.19 2.39
CA GLU B 143 24.87 -3.77 3.60
C GLU B 143 26.28 -3.21 3.30
N PRO B 144 27.17 -3.89 2.54
CA PRO B 144 28.47 -3.28 2.21
C PRO B 144 28.39 -1.94 1.44
N LEU B 145 27.40 -1.77 0.54
CA LEU B 145 27.20 -0.51 -0.17
C LEU B 145 26.72 0.61 0.77
N ILE B 146 26.00 0.26 1.84
CA ILE B 146 25.53 1.21 2.86
C ILE B 146 26.74 1.77 3.64
N LYS B 147 27.75 0.91 3.90
CA LYS B 147 28.99 1.32 4.57
C LYS B 147 29.78 2.24 3.62
N ALA B 148 29.80 1.93 2.31
CA ALA B 148 30.48 2.70 1.27
C ALA B 148 29.93 4.11 1.11
N LEU B 149 28.70 4.38 1.60
CA LEU B 149 28.10 5.72 1.63
C LEU B 149 28.85 6.66 2.64
N LYS B 150 29.77 6.11 3.43
CA LYS B 150 30.59 6.86 4.37
C LYS B 150 32.08 6.78 3.97
N ASP B 151 32.38 6.60 2.68
CA ASP B 151 33.76 6.54 2.18
C ASP B 151 34.41 7.93 2.21
N GLU B 152 35.75 7.99 2.28
CA GLU B 152 36.46 9.28 2.27
C GLU B 152 36.36 9.98 0.89
N ASP B 153 36.23 9.19 -0.21
CA ASP B 153 36.12 9.72 -1.56
C ASP B 153 34.67 9.89 -1.98
N TRP B 154 34.27 11.12 -2.34
CA TRP B 154 32.90 11.42 -2.75
C TRP B 154 32.46 10.65 -3.99
N ARG B 155 33.40 10.27 -4.86
CA ARG B 155 33.06 9.53 -6.06
C ARG B 155 32.62 8.10 -5.72
N VAL B 156 33.19 7.52 -4.66
CA VAL B 156 32.79 6.21 -4.16
C VAL B 156 31.42 6.33 -3.48
N ARG B 157 31.20 7.39 -2.69
CA ARG B 157 29.92 7.62 -2.02
C ARG B 157 28.80 7.79 -3.05
N GLN B 158 29.04 8.58 -4.09
CA GLN B 158 28.09 8.84 -5.17
C GLN B 158 27.73 7.55 -5.88
N GLU B 159 28.74 6.72 -6.21
CA GLU B 159 28.55 5.45 -6.90
C GLU B 159 27.82 4.42 -6.04
N ALA B 160 28.03 4.45 -4.71
CA ALA B 160 27.35 3.53 -3.79
C ALA B 160 25.88 3.92 -3.65
N ALA B 161 25.56 5.23 -3.68
CA ALA B 161 24.19 5.74 -3.60
C ALA B 161 23.42 5.37 -4.85
N PHE B 162 24.06 5.48 -6.04
CA PHE B 162 23.46 5.13 -7.32
C PHE B 162 23.20 3.63 -7.37
N ALA B 163 24.13 2.80 -6.85
CA ALA B 163 24.02 1.34 -6.84
C ALA B 163 22.89 0.89 -5.93
N LEU B 164 22.69 1.58 -4.80
CA LEU B 164 21.60 1.24 -3.86
C LEU B 164 20.22 1.50 -4.49
N GLY B 165 20.12 2.51 -5.34
CA GLY B 165 18.90 2.83 -6.07
C GLY B 165 18.60 1.82 -7.17
N GLN B 166 19.66 1.28 -7.79
CA GLN B 166 19.53 0.26 -8.83
C GLN B 166 19.09 -1.08 -8.22
N ILE B 167 19.54 -1.38 -6.99
CA ILE B 167 19.11 -2.60 -6.32
C ILE B 167 17.65 -2.43 -5.84
N GLY B 168 17.29 -1.25 -5.35
CA GLY B 168 15.92 -0.95 -4.93
C GLY B 168 15.48 -1.59 -3.63
N ASP B 169 16.44 -2.00 -2.79
CA ASP B 169 16.15 -2.62 -1.50
C ASP B 169 15.84 -1.52 -0.49
N GLU B 170 14.73 -1.65 0.27
CA GLU B 170 14.31 -0.65 1.25
C GLU B 170 15.23 -0.50 2.44
N ARG B 171 16.15 -1.44 2.66
CA ARG B 171 17.11 -1.36 3.75
C ARG B 171 18.03 -0.13 3.63
N ALA B 172 18.13 0.44 2.42
CA ALA B 172 18.98 1.59 2.12
C ALA B 172 18.29 2.94 2.31
N VAL B 173 16.95 2.97 2.51
CA VAL B 173 16.20 4.22 2.66
C VAL B 173 16.77 5.14 3.73
N GLU B 174 16.88 4.67 4.99
CA GLU B 174 17.38 5.53 6.08
C GLU B 174 18.83 5.96 5.88
N PRO B 175 19.80 5.09 5.53
CA PRO B 175 21.16 5.58 5.22
C PRO B 175 21.21 6.60 4.06
N LEU B 176 20.35 6.44 3.03
CA LEU B 176 20.28 7.37 1.88
C LEU B 176 19.64 8.72 2.27
N ILE B 177 18.70 8.70 3.23
CA ILE B 177 18.08 9.93 3.72
C ILE B 177 19.15 10.76 4.48
N LYS B 178 20.06 10.08 5.21
CA LYS B 178 21.16 10.74 5.90
C LYS B 178 22.21 11.26 4.90
N ALA B 179 22.32 10.64 3.71
CA ALA B 179 23.23 11.06 2.63
C ALA B 179 22.75 12.36 1.94
N LEU B 180 21.46 12.73 2.09
CA LEU B 180 20.97 14.01 1.58
C LEU B 180 21.66 15.20 2.31
N LYS B 181 22.27 14.95 3.48
CA LYS B 181 23.01 15.95 4.24
C LYS B 181 24.53 15.78 4.04
N ASP B 182 24.96 15.22 2.90
CA ASP B 182 26.38 15.03 2.59
C ASP B 182 26.99 16.37 2.18
N GLU B 183 28.31 16.52 2.32
CA GLU B 183 28.98 17.77 1.95
C GLU B 183 29.11 17.95 0.42
N ASP B 184 29.04 16.85 -0.35
CA ASP B 184 29.16 16.91 -1.80
C ASP B 184 27.80 16.97 -2.52
N SER B 185 27.68 17.85 -3.52
CA SER B 185 26.43 18.08 -4.29
C SER B 185 26.03 16.91 -5.19
N ALA B 186 27.01 16.22 -5.77
CA ALA B 186 26.74 15.08 -6.63
C ALA B 186 26.30 13.87 -5.79
N VAL B 187 26.82 13.73 -4.55
CA VAL B 187 26.43 12.66 -3.64
C VAL B 187 24.99 12.87 -3.17
N ARG B 188 24.60 14.12 -2.86
CA ARG B 188 23.22 14.40 -2.44
C ARG B 188 22.26 14.08 -3.57
N TRP B 189 22.64 14.43 -4.82
CA TRP B 189 21.89 14.20 -6.04
C TRP B 189 21.72 12.71 -6.28
N ALA B 190 22.79 11.92 -6.13
CA ALA B 190 22.72 10.46 -6.30
C ALA B 190 21.79 9.83 -5.25
N ALA B 191 21.86 10.30 -3.99
CA ALA B 191 21.02 9.80 -2.89
C ALA B 191 19.54 10.14 -3.09
N ALA B 192 19.22 11.35 -3.57
CA ALA B 192 17.84 11.76 -3.85
C ALA B 192 17.25 10.90 -4.98
N LEU B 193 18.06 10.59 -6.00
CA LEU B 193 17.64 9.74 -7.13
C LEU B 193 17.33 8.33 -6.67
N ALA B 194 18.23 7.74 -5.85
CA ALA B 194 18.10 6.41 -5.26
C ALA B 194 16.84 6.32 -4.42
N LEU B 195 16.50 7.38 -3.68
CA LEU B 195 15.30 7.43 -2.87
C LEU B 195 14.06 7.37 -3.75
N GLY B 196 14.02 8.19 -4.80
CA GLY B 196 12.90 8.21 -5.75
C GLY B 196 12.69 6.89 -6.48
N LYS B 197 13.79 6.14 -6.71
CA LYS B 197 13.75 4.84 -7.39
C LYS B 197 13.14 3.75 -6.49
N ILE B 198 13.29 3.91 -5.15
CA ILE B 198 12.78 3.00 -4.13
C ILE B 198 11.33 3.34 -3.80
N GLY B 199 11.04 4.61 -3.60
CA GLY B 199 9.69 5.09 -3.35
C GLY B 199 9.15 4.75 -1.97
N GLY B 200 7.92 5.20 -1.68
CA GLY B 200 7.31 4.92 -0.39
C GLY B 200 7.00 6.15 0.44
N GLU B 201 6.49 5.93 1.67
CA GLU B 201 6.09 6.98 2.61
C GLU B 201 7.26 7.70 3.27
N ARG B 202 8.33 6.99 3.59
CA ARG B 202 9.52 7.63 4.17
C ARG B 202 10.23 8.48 3.10
N VAL B 203 10.22 8.02 1.85
CA VAL B 203 10.79 8.70 0.70
C VAL B 203 9.98 9.96 0.38
N ARG B 204 8.64 9.85 0.39
CA ARG B 204 7.76 10.99 0.11
C ARG B 204 7.98 12.13 1.11
N ALA B 205 8.19 11.79 2.38
CA ALA B 205 8.44 12.74 3.45
C ALA B 205 9.80 13.40 3.31
N ALA B 206 10.82 12.61 2.90
CA ALA B 206 12.19 13.10 2.66
C ALA B 206 12.22 14.02 1.44
N MSE B 207 11.41 13.72 0.41
CA MSE B 207 11.31 14.55 -0.80
C MSE B 207 10.64 15.87 -0.51
O MSE B 207 11.00 16.87 -1.10
CB MSE B 207 10.57 13.82 -1.93
CG MSE B 207 11.31 12.59 -2.45
SE MSE B 207 13.13 12.91 -3.10
CE MSE B 207 13.02 11.76 -4.64
N GLU B 208 9.66 15.89 0.41
CA GLU B 208 8.95 17.10 0.77
C GLU B 208 9.85 18.11 1.49
N LYS B 209 10.76 17.61 2.33
CA LYS B 209 11.72 18.46 3.01
C LYS B 209 12.84 18.91 2.05
N LEU B 210 13.28 18.01 1.14
CA LEU B 210 14.35 18.29 0.16
C LEU B 210 13.92 19.28 -0.92
N ALA B 211 12.65 19.25 -1.33
CA ALA B 211 12.14 20.18 -2.33
C ALA B 211 12.04 21.61 -1.80
N GLU B 212 11.70 21.74 -0.53
CA GLU B 212 11.53 23.00 0.16
C GLU B 212 12.87 23.59 0.65
N THR B 213 13.76 22.77 1.23
CA THR B 213 15.01 23.24 1.84
C THR B 213 16.32 22.88 1.14
N GLY B 214 16.27 22.05 0.10
CA GLY B 214 17.47 21.61 -0.59
C GLY B 214 17.89 22.51 -1.73
N THR B 215 19.06 22.24 -2.33
CA THR B 215 19.58 23.03 -3.45
C THR B 215 20.17 22.14 -4.57
N GLY B 216 20.29 22.73 -5.76
CA GLY B 216 20.92 22.11 -6.91
C GLY B 216 20.10 21.05 -7.57
N PHE B 217 20.78 20.03 -8.10
CA PHE B 217 20.10 18.93 -8.77
C PHE B 217 19.37 18.03 -7.80
N ALA B 218 19.79 17.97 -6.51
CA ALA B 218 19.08 17.17 -5.49
C ALA B 218 17.69 17.74 -5.30
N ARG B 219 17.55 19.07 -5.24
CA ARG B 219 16.28 19.76 -5.13
C ARG B 219 15.42 19.59 -6.40
N LYS B 220 16.04 19.58 -7.59
CA LYS B 220 15.32 19.40 -8.84
C LYS B 220 14.58 18.06 -8.87
N VAL B 221 15.28 16.98 -8.48
CA VAL B 221 14.74 15.62 -8.39
C VAL B 221 13.54 15.59 -7.43
N ALA B 222 13.69 16.24 -6.27
CA ALA B 222 12.64 16.31 -5.27
C ALA B 222 11.40 17.04 -5.76
N VAL B 223 11.56 18.21 -6.41
CA VAL B 223 10.46 19.02 -6.96
C VAL B 223 9.70 18.23 -8.03
N ASN B 224 10.45 17.58 -8.94
CA ASN B 224 9.85 16.80 -10.00
C ASN B 224 9.14 15.56 -9.49
N TYR B 225 9.69 14.91 -8.43
CA TYR B 225 9.06 13.74 -7.80
C TYR B 225 7.75 14.15 -7.17
N LEU B 226 7.71 15.30 -6.49
CA LEU B 226 6.49 15.77 -5.84
C LEU B 226 5.41 16.22 -6.82
N GLU B 227 5.79 16.61 -8.03
CA GLU B 227 4.81 17.02 -9.05
C GLU B 227 3.91 15.85 -9.43
N THR B 228 4.49 14.65 -9.52
CA THR B 228 3.72 13.46 -9.90
C THR B 228 3.22 12.63 -8.71
N HIS B 229 4.02 12.50 -7.64
CA HIS B 229 3.63 11.67 -6.49
C HIS B 229 2.96 12.43 -5.35
N GLY B 230 3.56 13.56 -4.96
CA GLY B 230 3.08 14.37 -3.85
C GLY B 230 1.88 15.25 -4.15
N GLY B 231 1.67 16.23 -3.28
CA GLY B 231 0.56 17.20 -3.35
C GLY B 231 -0.84 16.62 -3.38
N SER B 232 -0.94 15.30 -3.27
CA SER B 232 -2.15 14.50 -3.29
C SER B 232 -3.28 15.06 -2.46
N ALA B 233 -4.42 15.17 -3.11
CA ALA B 233 -5.69 15.63 -2.55
C ALA B 233 -6.79 15.06 -3.48
N GLY B 234 -8.07 15.15 -3.09
CA GLY B 234 -9.15 14.70 -3.94
C GLY B 234 -9.22 15.54 -5.21
N SER B 235 -9.26 16.87 -5.02
CA SER B 235 -9.34 17.80 -6.16
C SER B 235 -8.12 18.78 -6.27
N PRO B 236 -6.86 18.31 -6.32
CA PRO B 236 -5.74 19.25 -6.49
C PRO B 236 -5.64 19.57 -7.96
N MET B 237 -5.38 20.84 -8.29
CA MET B 237 -5.27 21.26 -9.67
C MET B 237 -4.17 20.48 -10.40
N ARG B 238 -4.54 19.68 -11.43
CA ARG B 238 -3.59 18.85 -12.18
C ARG B 238 -3.65 19.11 -13.69
N CYS B 239 -2.58 18.76 -14.41
CA CYS B 239 -2.52 18.86 -15.87
C CYS B 239 -3.44 17.75 -16.44
N LEU B 240 -4.20 18.05 -17.49
CA LEU B 240 -5.15 17.10 -18.03
C LEU B 240 -4.59 16.15 -19.10
N THR B 241 -3.29 16.22 -19.44
CA THR B 241 -2.73 15.25 -20.38
C THR B 241 -1.59 14.40 -19.77
N CYS B 242 -1.07 14.77 -18.60
CA CYS B 242 -0.03 14.00 -17.94
C CYS B 242 -0.26 13.84 -16.44
N LEU B 243 -1.30 14.48 -15.86
CA LEU B 243 -1.69 14.36 -14.46
C LEU B 243 -0.69 14.95 -13.44
N LYS B 244 0.34 15.62 -13.90
CA LYS B 244 1.33 16.26 -13.06
C LYS B 244 0.67 17.45 -12.37
N LEU B 245 1.08 17.78 -11.12
CA LEU B 245 0.52 18.94 -10.42
C LEU B 245 0.79 20.23 -11.21
N SER B 246 -0.28 20.93 -11.62
CA SER B 246 -0.16 22.13 -12.45
C SER B 246 -1.36 23.03 -12.20
N PHE B 247 -1.14 24.33 -11.94
CA PHE B 247 -2.24 25.29 -11.76
C PHE B 247 -3.03 25.48 -13.06
N LYS B 248 -2.33 25.48 -14.21
CA LYS B 248 -3.00 25.58 -15.50
C LYS B 248 -3.39 24.16 -15.95
N PRO B 249 -4.56 23.97 -16.62
CA PRO B 249 -4.98 22.60 -16.99
C PRO B 249 -4.09 21.89 -18.04
N LEU B 250 -3.03 22.54 -18.50
CA LEU B 250 -2.05 21.96 -19.41
C LEU B 250 -0.71 22.51 -19.00
N CYS B 251 0.20 21.65 -18.55
CA CYS B 251 1.53 22.08 -18.15
C CYS B 251 2.32 22.53 -19.39
N PRO B 252 3.35 23.40 -19.21
CA PRO B 252 4.09 23.88 -20.38
C PRO B 252 4.68 22.77 -21.27
N ASN B 253 5.13 21.67 -20.67
CA ASN B 253 5.66 20.54 -21.42
C ASN B 253 4.60 19.93 -22.34
N CYS B 254 3.38 19.73 -21.83
CA CYS B 254 2.27 19.19 -22.60
C CYS B 254 1.76 20.17 -23.64
N LEU B 255 1.77 21.45 -23.32
CA LEU B 255 1.34 22.51 -24.23
C LEU B 255 2.32 22.60 -25.41
N ASN B 256 3.62 22.47 -25.12
CA ASN B 256 4.69 22.48 -26.11
C ASN B 256 4.60 21.27 -27.05
N ASP B 257 4.13 20.13 -26.56
CA ASP B 257 3.97 18.93 -27.37
C ASP B 257 2.76 18.98 -28.31
N LEU B 258 1.85 19.95 -28.14
CA LEU B 258 0.68 20.05 -29.00
C LEU B 258 1.05 20.56 -30.39
N PRO B 259 0.71 19.77 -31.43
CA PRO B 259 1.10 20.14 -32.80
C PRO B 259 0.43 21.38 -33.36
N LEU B 260 1.22 22.45 -33.50
CA LEU B 260 0.76 23.72 -34.07
C LEU B 260 0.94 23.66 -35.59
N SER B 261 -0.16 23.50 -36.37
CA SER B 261 -0.08 23.47 -37.85
C SER B 261 -0.76 24.67 -38.53
N LEU B 262 0.04 25.67 -38.91
CA LEU B 262 -0.43 26.92 -39.53
C LEU B 262 -0.93 26.77 -40.98
N LYS B 263 -2.18 27.16 -41.25
CA LYS B 263 -2.78 27.13 -42.59
C LYS B 263 -3.43 28.49 -42.92
N VAL B 264 -3.55 28.83 -44.22
CA VAL B 264 -4.18 30.08 -44.64
C VAL B 264 -5.19 29.83 -45.77
N ARG B 265 -6.37 30.44 -45.69
CA ARG B 265 -7.41 30.42 -46.74
C ARG B 265 -7.84 31.87 -46.96
N VAL B 266 -8.34 32.19 -48.16
CA VAL B 266 -8.86 33.53 -48.42
C VAL B 266 -10.37 33.47 -48.51
N LEU B 267 -11.06 34.16 -47.60
CA LEU B 267 -12.53 34.18 -47.57
C LEU B 267 -12.95 35.64 -47.72
N GLU B 268 -13.71 35.98 -48.79
CA GLU B 268 -14.17 37.34 -49.07
C GLU B 268 -13.01 38.34 -49.20
N GLY B 269 -11.89 37.88 -49.75
CA GLY B 269 -10.70 38.71 -49.89
C GLY B 269 -9.84 38.81 -48.64
N VAL B 270 -10.39 38.42 -47.48
CA VAL B 270 -9.73 38.46 -46.18
C VAL B 270 -8.95 37.16 -45.90
N SER B 271 -7.70 37.26 -45.45
CA SER B 271 -6.89 36.08 -45.15
C SER B 271 -7.26 35.51 -43.79
N VAL B 272 -7.61 34.22 -43.75
CA VAL B 272 -8.01 33.50 -42.53
C VAL B 272 -6.90 32.53 -42.09
N TYR B 273 -6.42 32.71 -40.86
CA TYR B 273 -5.34 31.90 -40.29
C TYR B 273 -5.83 30.89 -39.25
N SER B 274 -5.45 29.60 -39.42
CA SER B 274 -5.74 28.54 -38.45
C SER B 274 -4.42 28.02 -37.88
N PHE B 275 -4.46 27.50 -36.64
CA PHE B 275 -3.22 27.13 -35.97
C PHE B 275 -3.15 25.68 -35.49
N TYR B 276 -4.28 24.97 -35.48
CA TYR B 276 -4.31 23.58 -35.03
C TYR B 276 -5.24 22.77 -35.92
N ALA B 277 -4.98 21.46 -36.07
CA ALA B 277 -5.87 20.59 -36.82
C ALA B 277 -6.86 19.97 -35.85
N TYR B 278 -8.15 19.90 -36.23
CA TYR B 278 -9.18 19.33 -35.38
C TYR B 278 -8.87 17.90 -34.97
N SER B 279 -8.29 17.12 -35.89
CA SER B 279 -7.93 15.72 -35.63
C SER B 279 -6.85 15.56 -34.54
N GLU B 280 -6.05 16.61 -34.27
CA GLU B 280 -5.00 16.52 -33.27
C GLU B 280 -5.39 17.07 -31.89
N ILE B 281 -6.43 17.93 -31.83
CA ILE B 281 -6.90 18.50 -30.57
C ILE B 281 -8.40 18.28 -30.34
N GLU B 282 -8.98 17.26 -30.99
CA GLU B 282 -10.40 16.89 -30.95
C GLU B 282 -11.04 16.91 -29.55
N GLU B 283 -10.42 16.25 -28.57
CA GLU B 283 -10.94 16.14 -27.20
C GLU B 283 -10.95 17.49 -26.49
N LEU B 284 -9.92 18.32 -26.73
CA LEU B 284 -9.81 19.65 -26.14
C LEU B 284 -10.89 20.59 -26.73
N ILE B 285 -11.19 20.45 -28.04
CA ILE B 285 -12.24 21.24 -28.70
C ILE B 285 -13.61 20.78 -28.20
N LYS B 286 -13.85 19.46 -28.19
CA LYS B 286 -15.11 18.89 -27.71
C LYS B 286 -15.43 19.31 -26.28
N SER B 287 -14.39 19.55 -25.46
CA SER B 287 -14.59 19.93 -24.08
C SER B 287 -14.71 21.44 -23.87
N LYS B 288 -14.99 22.23 -24.93
CA LYS B 288 -15.11 23.68 -24.78
C LYS B 288 -16.28 24.08 -23.87
N TYR B 289 -17.34 23.26 -23.80
CA TYR B 289 -18.47 23.57 -22.93
C TYR B 289 -18.48 22.76 -21.63
N ALA B 290 -17.36 22.14 -21.27
CA ALA B 290 -17.21 21.40 -20.03
C ALA B 290 -16.62 22.37 -19.02
N LEU B 291 -17.01 22.24 -17.76
CA LEU B 291 -16.51 23.09 -16.70
C LEU B 291 -14.97 23.01 -16.57
N ILE B 292 -14.44 21.79 -16.40
CA ILE B 292 -13.00 21.58 -16.24
C ILE B 292 -12.21 21.88 -17.50
N GLY B 293 -12.60 21.25 -18.61
CA GLY B 293 -11.93 21.45 -19.89
C GLY B 293 -12.17 22.78 -20.57
N SER B 294 -12.71 23.77 -19.85
CA SER B 294 -13.00 25.07 -20.44
C SER B 294 -11.72 25.92 -20.65
N ARG B 295 -10.93 26.12 -19.56
CA ARG B 295 -9.70 26.92 -19.54
C ARG B 295 -8.53 26.34 -20.32
N ILE B 296 -8.77 25.31 -21.14
CA ILE B 296 -7.72 24.72 -21.96
C ILE B 296 -7.56 25.50 -23.26
N LEU B 297 -8.68 25.94 -23.85
CA LEU B 297 -8.69 26.65 -25.12
C LEU B 297 -7.96 28.01 -25.06
N PRO B 298 -8.19 28.87 -24.02
CA PRO B 298 -7.39 30.10 -23.91
C PRO B 298 -5.86 29.86 -23.85
N LEU B 299 -5.41 28.69 -23.37
CA LEU B 299 -3.99 28.32 -23.33
C LEU B 299 -3.49 28.06 -24.75
N LEU B 300 -4.33 27.40 -25.58
CA LEU B 300 -4.02 27.07 -26.97
C LEU B 300 -4.00 28.34 -27.82
N SER B 301 -4.93 29.29 -27.58
CA SER B 301 -4.94 30.55 -28.31
C SER B 301 -3.83 31.50 -27.88
N GLN B 302 -3.31 31.36 -26.66
CA GLN B 302 -2.15 32.14 -26.22
C GLN B 302 -0.92 31.63 -26.98
N LYS B 303 -0.78 30.30 -27.15
CA LYS B 303 0.32 29.68 -27.89
C LYS B 303 0.27 30.12 -29.36
N ALA B 304 -0.94 30.13 -29.94
CA ALA B 304 -1.20 30.53 -31.33
C ALA B 304 -0.93 32.02 -31.56
N GLY B 305 -1.38 32.88 -30.64
CA GLY B 305 -1.16 34.32 -30.73
C GLY B 305 0.28 34.72 -30.64
N ALA B 306 1.10 33.94 -29.91
CA ALA B 306 2.53 34.20 -29.75
C ALA B 306 3.27 33.93 -31.06
N GLU B 307 2.82 32.94 -31.83
CA GLU B 307 3.42 32.66 -33.13
C GLU B 307 2.89 33.65 -34.16
N PHE B 308 1.61 34.03 -34.07
CA PHE B 308 1.01 34.96 -35.00
C PHE B 308 1.60 36.36 -34.90
N VAL B 309 1.94 36.79 -33.69
CA VAL B 309 2.56 38.10 -33.45
C VAL B 309 3.95 38.17 -34.13
N LYS B 310 4.66 37.04 -34.25
CA LYS B 310 5.94 36.95 -34.94
C LYS B 310 5.74 37.05 -36.46
N ILE B 311 4.60 36.52 -36.97
CA ILE B 311 4.21 36.56 -38.38
C ILE B 311 3.91 38.01 -38.79
N LEU B 312 3.19 38.75 -37.92
CA LEU B 312 2.86 40.15 -38.16
C LEU B 312 4.11 41.02 -38.20
N GLN B 313 5.11 40.71 -37.36
CA GLN B 313 6.36 41.47 -37.36
C GLN B 313 7.18 41.22 -38.63
N GLU B 314 7.14 39.99 -39.14
CA GLU B 314 7.81 39.59 -40.37
C GLU B 314 7.10 40.24 -41.57
N GLN B 315 5.75 40.33 -41.53
CA GLN B 315 4.95 40.97 -42.57
C GLN B 315 5.19 42.50 -42.59
N GLY B 316 5.33 43.09 -41.40
CA GLY B 316 5.47 44.52 -41.20
C GLY B 316 4.19 45.16 -40.66
N LEU B 317 3.18 44.33 -40.27
CA LEU B 317 1.91 44.85 -39.75
C LEU B 317 2.05 45.14 -38.26
N ASN B 318 2.62 46.29 -37.95
CA ASN B 318 2.87 46.72 -36.58
C ASN B 318 1.86 47.75 -36.04
N ILE B 319 0.71 47.89 -36.71
CA ILE B 319 -0.33 48.81 -36.28
C ILE B 319 -1.12 48.19 -35.13
N PRO B 320 -1.75 49.01 -34.26
CA PRO B 320 -2.58 48.44 -33.19
C PRO B 320 -3.80 47.79 -33.84
N LEU B 321 -4.07 46.52 -33.52
CA LEU B 321 -5.20 45.78 -34.08
C LEU B 321 -6.19 45.45 -32.98
N TYR B 322 -7.48 45.51 -33.29
CA TYR B 322 -8.53 45.27 -32.30
C TYR B 322 -9.33 44.03 -32.61
N GLY B 323 -9.40 43.13 -31.65
CA GLY B 323 -10.07 41.86 -31.84
C GLY B 323 -11.56 41.87 -31.60
N ILE B 324 -12.30 41.23 -32.48
CA ILE B 324 -13.74 41.06 -32.37
C ILE B 324 -13.98 39.55 -32.29
N ALA B 325 -14.71 39.07 -31.28
CA ALA B 325 -15.05 37.64 -31.21
C ALA B 325 -16.55 37.47 -31.40
N ILE B 326 -16.96 36.34 -32.00
CA ILE B 326 -18.39 36.05 -32.19
C ILE B 326 -18.97 35.72 -30.81
N ASP B 327 -19.85 36.61 -30.29
CA ASP B 327 -20.44 36.51 -28.96
C ASP B 327 -21.14 35.17 -28.70
N ASP B 328 -20.79 34.54 -27.56
CA ASP B 328 -21.35 33.24 -27.19
C ASP B 328 -22.66 33.35 -26.41
N LYS B 329 -23.44 32.24 -26.43
CA LYS B 329 -24.75 32.17 -25.78
C LYS B 329 -24.67 31.49 -24.39
N ILE B 330 -25.79 31.50 -23.64
CA ILE B 330 -25.99 30.92 -22.30
C ILE B 330 -25.73 29.38 -22.24
N LYS B 331 -25.40 28.75 -23.39
CA LYS B 331 -25.10 27.31 -23.46
C LYS B 331 -23.68 26.99 -22.92
N SER B 332 -22.79 28.01 -22.85
CA SER B 332 -21.41 27.91 -22.36
C SER B 332 -21.30 28.27 -20.86
N PHE B 333 -20.31 27.69 -20.16
CA PHE B 333 -20.07 27.89 -18.72
C PHE B 333 -19.71 29.34 -18.33
N TYR B 334 -18.86 29.99 -19.12
CA TYR B 334 -18.46 31.40 -18.93
C TYR B 334 -18.39 32.12 -20.31
N SER B 335 -17.78 33.32 -20.39
CA SER B 335 -17.61 34.00 -21.67
C SER B 335 -16.43 33.31 -22.39
N HIS B 336 -16.75 32.22 -23.11
CA HIS B 336 -15.84 31.37 -23.86
C HIS B 336 -15.06 32.15 -24.93
N SER B 337 -15.78 32.90 -25.78
CA SER B 337 -15.16 33.70 -26.83
C SER B 337 -14.29 34.80 -26.23
N ALA B 338 -14.76 35.44 -25.15
CA ALA B 338 -14.00 36.49 -24.50
C ALA B 338 -12.69 35.97 -23.94
N ALA B 339 -12.70 34.75 -23.37
CA ALA B 339 -11.52 34.09 -22.81
C ALA B 339 -10.55 33.66 -23.90
N LEU B 340 -11.08 33.16 -25.02
CA LEU B 340 -10.30 32.70 -26.16
C LEU B 340 -9.60 33.90 -26.85
N LEU B 341 -10.29 35.04 -26.93
CA LEU B 341 -9.77 36.28 -27.52
C LEU B 341 -8.77 36.92 -26.55
N LYS B 342 -9.08 36.94 -25.25
CA LYS B 342 -8.19 37.50 -24.23
C LYS B 342 -6.84 36.76 -24.18
N GLY B 343 -6.88 35.45 -24.41
CA GLY B 343 -5.69 34.62 -24.44
C GLY B 343 -4.84 34.88 -25.67
N PHE B 344 -5.48 35.01 -26.85
CA PHE B 344 -4.82 35.24 -28.13
C PHE B 344 -4.09 36.59 -28.17
N CYS B 345 -4.76 37.65 -27.72
CA CYS B 345 -4.26 39.02 -27.73
C CYS B 345 -3.04 39.24 -26.88
N GLN B 346 -2.02 39.77 -27.53
CA GLN B 346 -0.72 40.12 -26.99
C GLN B 346 -0.01 40.96 -28.04
N GLY B 347 1.00 41.72 -27.60
CA GLY B 347 1.74 42.59 -28.48
C GLY B 347 0.84 43.73 -28.94
N ASN B 348 0.75 43.92 -30.26
CA ASN B 348 -0.07 44.98 -30.83
C ASN B 348 -1.56 44.60 -30.99
N LEU B 349 -1.96 43.38 -30.54
CA LEU B 349 -3.33 42.91 -30.61
C LEU B 349 -4.03 43.25 -29.29
N LYS B 350 -5.19 43.91 -29.37
CA LYS B 350 -5.94 44.36 -28.20
C LYS B 350 -7.36 43.83 -28.27
N PRO B 351 -7.90 43.26 -27.18
CA PRO B 351 -9.26 42.71 -27.23
C PRO B 351 -10.40 43.70 -27.00
N THR B 352 -11.52 43.48 -27.68
CA THR B 352 -12.75 44.26 -27.57
C THR B 352 -13.90 43.27 -27.30
N TYR B 353 -14.87 43.65 -26.44
CA TYR B 353 -15.95 42.72 -26.11
C TYR B 353 -17.34 43.24 -26.46
N GLY B 354 -18.17 42.35 -26.98
CA GLY B 354 -19.55 42.64 -27.34
C GLY B 354 -19.77 43.54 -28.53
N ARG B 355 -18.84 43.52 -29.50
CA ARG B 355 -19.00 44.35 -30.69
C ARG B 355 -19.79 43.61 -31.77
N LEU B 356 -19.67 42.27 -31.86
CA LEU B 356 -20.40 41.50 -32.86
C LEU B 356 -21.19 40.36 -32.24
N ARG B 357 -22.52 40.33 -32.51
CA ARG B 357 -23.36 39.27 -31.99
C ARG B 357 -24.36 38.72 -33.02
N ALA B 358 -24.66 37.42 -32.92
CA ALA B 358 -25.59 36.76 -33.81
C ALA B 358 -26.99 36.81 -33.22
N ASN B 359 -28.01 37.10 -34.04
CA ASN B 359 -29.38 37.17 -33.54
C ASN B 359 -30.08 35.82 -33.37
N ASN B 360 -29.41 34.72 -33.71
CA ASN B 360 -29.94 33.38 -33.52
C ASN B 360 -28.86 32.43 -32.99
N ALA B 361 -29.26 31.46 -32.17
CA ALA B 361 -28.32 30.53 -31.56
C ALA B 361 -28.25 29.14 -32.23
N VAL B 362 -28.22 29.10 -33.57
CA VAL B 362 -28.16 27.82 -34.28
C VAL B 362 -26.75 27.19 -34.20
N SER B 363 -26.67 25.86 -34.05
CA SER B 363 -25.40 25.16 -33.97
C SER B 363 -25.12 24.37 -35.24
N TYR B 364 -23.98 24.65 -35.90
CA TYR B 364 -23.60 23.98 -37.14
C TYR B 364 -22.89 22.64 -36.91
N ALA B 365 -22.54 22.30 -35.67
CA ALA B 365 -21.82 21.07 -35.35
C ALA B 365 -22.54 19.83 -35.88
N GLY B 366 -21.86 19.10 -36.74
CA GLY B 366 -22.38 17.88 -37.35
C GLY B 366 -23.45 18.07 -38.40
N LYS B 367 -23.56 19.29 -38.94
CA LYS B 367 -24.57 19.59 -39.96
C LYS B 367 -23.95 19.67 -41.36
N SER B 368 -24.76 19.42 -42.39
CA SER B 368 -24.30 19.48 -43.78
C SER B 368 -24.08 20.93 -44.23
N LEU B 369 -23.28 21.12 -45.29
CA LEU B 369 -23.01 22.44 -45.86
C LEU B 369 -24.34 23.14 -46.27
N GLU B 370 -25.33 22.35 -46.72
CA GLU B 370 -26.66 22.81 -47.10
C GLU B 370 -27.39 23.43 -45.91
N PHE B 371 -27.36 22.77 -44.73
CA PHE B 371 -28.02 23.28 -43.52
C PHE B 371 -27.43 24.62 -43.11
N ARG B 372 -26.09 24.71 -43.09
CA ARG B 372 -25.35 25.90 -42.68
C ARG B 372 -25.65 27.09 -43.58
N ALA B 373 -25.63 26.90 -44.90
CA ALA B 373 -25.90 27.97 -45.87
C ALA B 373 -27.35 28.48 -45.80
N ASN B 374 -28.29 27.65 -45.33
CA ASN B 374 -29.68 28.05 -45.21
C ASN B 374 -30.07 28.53 -43.78
N ASN B 375 -29.12 28.52 -42.84
CA ASN B 375 -29.37 28.97 -41.47
C ASN B 375 -28.34 30.01 -41.06
N PRO B 376 -28.52 31.27 -41.49
CA PRO B 376 -27.52 32.30 -41.17
C PRO B 376 -27.66 32.88 -39.77
N ARG B 377 -26.55 33.39 -39.22
CA ARG B 377 -26.51 34.07 -37.94
C ARG B 377 -26.72 35.52 -38.32
N ASN B 378 -27.85 36.13 -37.92
CA ASN B 378 -28.09 37.53 -38.29
C ASN B 378 -27.17 38.43 -37.48
N PHE B 379 -26.00 38.78 -38.03
CA PHE B 379 -25.00 39.57 -37.30
C PHE B 379 -25.37 41.02 -37.07
N THR B 380 -24.93 41.57 -35.94
CA THR B 380 -25.17 42.96 -35.56
C THR B 380 -23.90 43.58 -34.98
N PHE B 381 -23.43 44.69 -35.55
CA PHE B 381 -22.24 45.37 -35.05
C PHE B 381 -22.61 46.58 -34.18
N LYS B 382 -21.91 46.73 -33.04
CA LYS B 382 -22.11 47.84 -32.11
C LYS B 382 -20.76 48.33 -31.59
N GLY B 383 -20.21 49.34 -32.23
CA GLY B 383 -18.92 49.89 -31.84
C GLY B 383 -18.38 50.92 -32.81
N ASP B 384 -17.11 51.34 -32.59
CA ASP B 384 -16.39 52.32 -33.41
C ASP B 384 -16.03 51.71 -34.75
N GLU B 385 -16.53 52.25 -35.88
CA GLU B 385 -16.23 51.70 -37.20
C GLU B 385 -14.87 52.13 -37.77
N SER B 386 -14.28 53.20 -37.23
CA SER B 386 -13.01 53.74 -37.72
C SER B 386 -11.77 52.95 -37.29
N LEU B 387 -11.94 51.90 -36.47
CA LEU B 387 -10.83 51.12 -35.95
C LEU B 387 -10.34 50.04 -36.90
N ASP B 388 -9.08 49.60 -36.71
CA ASP B 388 -8.45 48.51 -37.47
C ASP B 388 -8.76 47.21 -36.74
N TYR B 389 -9.62 46.37 -37.31
CA TYR B 389 -10.09 45.17 -36.66
C TYR B 389 -9.58 43.87 -37.26
N PHE B 390 -9.84 42.77 -36.54
CA PHE B 390 -9.62 41.38 -36.91
C PHE B 390 -10.66 40.56 -36.15
N LEU B 391 -11.24 39.53 -36.77
CA LEU B 391 -12.19 38.69 -36.04
C LEU B 391 -11.58 37.35 -35.68
N LEU B 392 -12.02 36.80 -34.55
CA LEU B 392 -11.51 35.53 -34.07
C LEU B 392 -12.66 34.60 -33.73
N ASP B 393 -12.48 33.33 -34.07
CA ASP B 393 -13.39 32.24 -33.76
C ASP B 393 -12.61 30.97 -33.38
N ASP B 394 -13.29 30.01 -32.73
CA ASP B 394 -12.63 28.79 -32.29
C ASP B 394 -12.33 27.80 -33.40
N ILE B 395 -13.24 27.60 -34.37
CA ILE B 395 -12.99 26.60 -35.43
C ILE B 395 -13.61 27.00 -36.77
N ILE B 396 -12.97 26.56 -37.86
CA ILE B 396 -13.48 26.74 -39.21
C ILE B 396 -13.73 25.35 -39.81
N THR B 397 -14.95 25.09 -40.28
CA THR B 397 -15.28 23.82 -40.89
C THR B 397 -15.59 24.05 -42.38
N THR B 398 -16.62 24.85 -42.69
CA THR B 398 -16.96 25.17 -44.08
C THR B 398 -16.72 26.62 -44.48
N GLY B 399 -16.39 27.47 -43.51
CA GLY B 399 -16.18 28.89 -43.76
C GLY B 399 -17.45 29.71 -43.86
N THR B 400 -18.63 29.08 -43.69
CA THR B 400 -19.92 29.78 -43.76
C THR B 400 -20.00 30.94 -42.77
N THR B 401 -19.76 30.67 -41.48
CA THR B 401 -19.80 31.67 -40.42
C THR B 401 -18.88 32.87 -40.70
N LEU B 402 -17.61 32.60 -41.09
CA LEU B 402 -16.63 33.65 -41.37
C LEU B 402 -17.00 34.45 -42.61
N LYS B 403 -17.38 33.79 -43.72
CA LYS B 403 -17.81 34.46 -44.95
C LYS B 403 -18.98 35.41 -44.68
N GLU B 404 -19.87 35.02 -43.77
CA GLU B 404 -21.02 35.82 -43.40
C GLU B 404 -20.64 37.04 -42.57
N ALA B 405 -19.74 36.86 -41.59
CA ALA B 405 -19.30 37.96 -40.73
C ALA B 405 -18.47 38.99 -41.52
N LEU B 406 -17.61 38.51 -42.43
CA LEU B 406 -16.75 39.37 -43.24
C LEU B 406 -17.57 40.15 -44.24
N LYS B 407 -18.55 39.50 -44.88
CA LYS B 407 -19.46 40.14 -45.83
C LYS B 407 -20.27 41.22 -45.12
N TYR B 408 -20.82 40.93 -43.94
CA TYR B 408 -21.58 41.91 -43.15
C TYR B 408 -20.74 43.14 -42.75
N LEU B 409 -19.51 42.95 -42.22
CA LEU B 409 -18.67 44.08 -41.83
C LEU B 409 -18.14 44.90 -43.01
N LYS B 410 -18.01 44.26 -44.18
CA LYS B 410 -17.58 44.90 -45.42
C LYS B 410 -18.66 45.91 -45.87
N THR B 411 -19.96 45.56 -45.70
CA THR B 411 -21.07 46.45 -46.06
C THR B 411 -21.13 47.69 -45.15
N LEU B 412 -20.60 47.58 -43.92
CA LEU B 412 -20.54 48.67 -42.95
C LEU B 412 -19.25 49.53 -43.10
N ASN B 413 -18.42 49.24 -44.12
CA ASN B 413 -17.16 49.93 -44.40
C ASN B 413 -16.16 49.84 -43.24
N ILE B 414 -16.12 48.66 -42.58
CA ILE B 414 -15.21 48.42 -41.46
C ILE B 414 -13.93 47.69 -41.88
N LYS B 415 -12.75 48.22 -41.45
CA LYS B 415 -11.44 47.64 -41.76
C LYS B 415 -11.21 46.31 -41.04
N VAL B 416 -11.25 45.19 -41.78
CA VAL B 416 -10.99 43.87 -41.20
C VAL B 416 -9.72 43.37 -41.88
N HIS B 417 -8.59 43.40 -41.14
CA HIS B 417 -7.28 43.04 -41.68
C HIS B 417 -7.08 41.56 -41.92
N PHE B 418 -7.71 40.72 -41.10
CA PHE B 418 -7.62 39.26 -41.18
C PHE B 418 -8.62 38.62 -40.22
N ALA B 419 -8.77 37.30 -40.32
CA ALA B 419 -9.59 36.52 -39.41
C ALA B 419 -8.75 35.37 -38.85
N ILE B 420 -9.00 35.00 -37.60
CA ILE B 420 -8.30 33.91 -36.93
C ILE B 420 -9.34 32.86 -36.58
N ALA B 421 -9.12 31.61 -36.98
CA ALA B 421 -9.99 30.49 -36.60
C ALA B 421 -9.04 29.51 -36.00
N LEU B 422 -8.88 29.55 -34.68
CA LEU B 422 -7.91 28.76 -33.90
C LEU B 422 -7.70 27.33 -34.39
N CYS B 423 -8.78 26.65 -34.67
CA CYS B 423 -8.77 25.26 -35.07
C CYS B 423 -9.34 25.08 -36.48
N SER B 424 -8.78 24.14 -37.24
CA SER B 424 -9.23 23.85 -38.60
C SER B 424 -9.82 22.44 -38.77
N ALA B 425 -11.04 22.35 -39.27
CA ALA B 425 -11.68 21.08 -39.61
C ALA B 425 -11.82 20.90 -41.14
N ASP B 426 -11.52 21.94 -41.95
CA ASP B 426 -11.60 21.93 -43.41
C ASP B 426 -10.33 21.41 -44.08
N GLU C 16 -13.42 12.80 52.17
CA GLU C 16 -12.01 12.46 51.99
C GLU C 16 -11.08 13.35 52.85
N LYS C 17 -9.83 12.87 53.11
CA LYS C 17 -8.86 13.57 53.96
C LYS C 17 -7.71 14.19 53.18
N VAL C 18 -7.91 14.51 51.89
CA VAL C 18 -6.89 15.12 51.03
C VAL C 18 -6.18 16.34 51.68
N GLU C 19 -6.96 17.27 52.24
CA GLU C 19 -6.40 18.47 52.87
C GLU C 19 -5.63 18.19 54.17
N MSE C 20 -5.95 17.07 54.83
CA MSE C 20 -5.25 16.67 56.05
C MSE C 20 -3.85 16.17 55.67
O MSE C 20 -2.88 16.56 56.31
CB MSE C 20 -6.03 15.55 56.77
CG MSE C 20 -5.32 15.00 57.98
SE MSE C 20 -5.87 13.19 58.40
CE MSE C 20 -4.31 12.63 59.46
N TYR C 21 -3.76 15.34 54.61
CA TYR C 21 -2.50 14.82 54.11
C TYR C 21 -1.62 15.92 53.56
N ILE C 22 -2.22 16.97 52.95
CA ILE C 22 -1.48 18.12 52.43
C ILE C 22 -0.74 18.84 53.57
N LYS C 23 -1.35 18.92 54.76
CA LYS C 23 -0.75 19.52 55.94
C LYS C 23 0.34 18.61 56.53
N ASN C 24 0.10 17.28 56.52
CA ASN C 24 1.06 16.28 57.00
C ASN C 24 2.37 16.23 56.19
N LEU C 25 2.39 16.84 54.99
CA LEU C 25 3.59 16.91 54.17
C LEU C 25 4.67 17.81 54.80
N GLN C 26 4.26 18.79 55.63
CA GLN C 26 5.19 19.70 56.32
C GLN C 26 5.42 19.30 57.79
N ASP C 27 5.11 18.05 58.17
CA ASP C 27 5.29 17.57 59.54
C ASP C 27 6.78 17.32 59.85
N ASP C 28 7.12 17.28 61.15
CA ASP C 28 8.50 17.03 61.58
C ASP C 28 8.87 15.54 61.50
N SER C 29 7.88 14.65 61.67
CA SER C 29 8.08 13.21 61.62
C SER C 29 8.28 12.75 60.18
N LEU C 30 9.34 11.96 59.94
CA LEU C 30 9.65 11.45 58.61
C LEU C 30 8.60 10.46 58.14
N THR C 31 8.18 9.53 59.01
CA THR C 31 7.18 8.51 58.67
C THR C 31 5.81 9.14 58.36
N VAL C 32 5.50 10.33 58.92
CA VAL C 32 4.24 11.02 58.64
C VAL C 32 4.30 11.71 57.28
N ARG C 33 5.47 12.30 56.94
CA ARG C 33 5.67 12.97 55.66
C ARG C 33 5.57 11.99 54.48
N ILE C 34 6.17 10.78 54.66
CA ILE C 34 6.18 9.72 53.65
C ILE C 34 4.77 9.15 53.42
N ASN C 35 4.05 8.83 54.49
CA ASN C 35 2.69 8.31 54.38
C ASN C 35 1.73 9.32 53.75
N ALA C 36 1.96 10.62 53.96
CA ALA C 36 1.15 11.68 53.38
C ALA C 36 1.35 11.76 51.86
N ALA C 37 2.59 11.56 51.40
CA ALA C 37 2.90 11.59 49.97
C ALA C 37 2.34 10.37 49.28
N ASN C 38 2.42 9.20 49.92
CA ASN C 38 1.88 7.95 49.38
C ASN C 38 0.37 7.98 49.34
N ALA C 39 -0.27 8.57 50.37
CA ALA C 39 -1.72 8.67 50.41
C ALA C 39 -2.20 9.58 49.30
N LEU C 40 -1.51 10.73 49.09
CA LEU C 40 -1.86 11.66 48.02
C LEU C 40 -1.59 11.11 46.61
N GLY C 41 -0.93 9.96 46.49
CA GLY C 41 -0.72 9.30 45.22
C GLY C 41 -1.91 8.43 44.86
N LYS C 42 -2.62 7.90 45.87
CA LYS C 42 -3.82 7.08 45.68
C LYS C 42 -5.07 7.96 45.56
N ILE C 43 -5.28 8.86 46.53
CA ILE C 43 -6.43 9.77 46.55
C ILE C 43 -6.09 11.16 46.00
N GLY C 44 -5.22 11.17 44.99
CA GLY C 44 -4.68 12.36 44.34
C GLY C 44 -5.63 13.38 43.76
N ASP C 45 -5.51 14.59 44.26
CA ASP C 45 -6.29 15.74 43.81
C ASP C 45 -5.31 16.79 43.26
N GLU C 46 -5.78 17.67 42.37
CA GLU C 46 -4.94 18.76 41.85
C GLU C 46 -4.48 19.73 42.96
N ARG C 47 -5.20 19.75 44.11
CA ARG C 47 -4.85 20.56 45.28
C ARG C 47 -3.54 20.08 45.91
N ALA C 48 -3.17 18.79 45.74
CA ALA C 48 -1.95 18.21 46.28
C ALA C 48 -0.74 18.41 45.37
N VAL C 49 -0.92 18.88 44.12
CA VAL C 49 0.18 19.07 43.17
C VAL C 49 1.23 20.08 43.69
N GLU C 50 0.82 21.34 44.00
CA GLU C 50 1.78 22.33 44.52
C GLU C 50 2.48 21.90 45.83
N PRO C 51 1.78 21.40 46.86
CA PRO C 51 2.49 20.88 48.05
C PRO C 51 3.46 19.73 47.72
N LEU C 52 3.11 18.85 46.76
CA LEU C 52 4.00 17.73 46.39
C LEU C 52 5.22 18.21 45.60
N ILE C 53 5.10 19.33 44.87
CA ILE C 53 6.22 19.93 44.14
C ILE C 53 7.28 20.44 45.15
N LYS C 54 6.82 20.98 46.29
CA LYS C 54 7.69 21.44 47.37
C LYS C 54 8.37 20.22 48.03
N ALA C 55 7.60 19.13 48.25
CA ALA C 55 8.08 17.87 48.83
C ALA C 55 9.19 17.19 47.99
N LEU C 56 9.33 17.58 46.71
CA LEU C 56 10.41 17.09 45.84
C LEU C 56 11.78 17.65 46.26
N LYS C 57 11.79 18.77 47.04
CA LYS C 57 13.01 19.42 47.51
C LYS C 57 13.29 19.07 48.98
N ASP C 58 12.81 17.91 49.46
CA ASP C 58 13.00 17.50 50.85
C ASP C 58 14.43 17.03 51.11
N GLU C 59 14.84 17.07 52.37
CA GLU C 59 16.17 16.67 52.83
C GLU C 59 16.35 15.15 52.65
N ASP C 60 15.29 14.37 52.96
CA ASP C 60 15.32 12.91 52.84
C ASP C 60 14.87 12.45 51.45
N ALA C 61 15.59 11.46 50.89
CA ALA C 61 15.29 10.90 49.58
C ALA C 61 14.01 10.07 49.55
N LEU C 62 13.62 9.50 50.69
CA LEU C 62 12.38 8.69 50.77
C LEU C 62 11.13 9.55 50.58
N VAL C 63 11.19 10.83 50.98
CA VAL C 63 10.09 11.77 50.81
C VAL C 63 10.09 12.27 49.36
N ARG C 64 11.28 12.59 48.83
CA ARG C 64 11.46 13.05 47.47
C ARG C 64 10.94 12.03 46.46
N LEU C 65 11.24 10.73 46.65
CA LEU C 65 10.79 9.71 45.70
C LEU C 65 9.30 9.43 45.82
N SER C 66 8.72 9.57 47.02
CA SER C 66 7.29 9.34 47.22
C SER C 66 6.48 10.49 46.62
N ALA C 67 6.99 11.72 46.71
CA ALA C 67 6.35 12.89 46.13
C ALA C 67 6.39 12.78 44.61
N ALA C 68 7.52 12.31 44.05
CA ALA C 68 7.68 12.11 42.61
C ALA C 68 6.72 11.04 42.11
N TRP C 69 6.57 9.94 42.86
CA TRP C 69 5.66 8.86 42.51
C TRP C 69 4.22 9.38 42.47
N ALA C 70 3.82 10.14 43.48
CA ALA C 70 2.47 10.68 43.63
C ALA C 70 2.12 11.68 42.54
N LEU C 71 3.11 12.48 42.11
CA LEU C 71 2.90 13.48 41.05
C LEU C 71 2.58 12.84 39.69
N GLY C 72 3.17 11.69 39.40
CA GLY C 72 2.90 10.96 38.17
C GLY C 72 1.54 10.31 38.19
N LYS C 73 1.12 9.83 39.38
CA LYS C 73 -0.17 9.21 39.63
C LYS C 73 -1.31 10.23 39.47
N ILE C 74 -1.06 11.51 39.83
CA ILE C 74 -2.05 12.57 39.67
C ILE C 74 -2.12 13.01 38.19
N GLY C 75 -0.97 13.09 37.54
CA GLY C 75 -0.87 13.38 36.11
C GLY C 75 -1.05 14.82 35.69
N ASP C 76 -0.84 15.77 36.61
CA ASP C 76 -1.00 17.18 36.29
C ASP C 76 0.25 17.75 35.61
N GLU C 77 0.04 18.52 34.53
CA GLU C 77 1.09 19.14 33.73
C GLU C 77 2.00 20.12 34.54
N ARG C 78 1.53 20.60 35.70
CA ARG C 78 2.32 21.53 36.52
C ARG C 78 3.57 20.87 37.12
N ALA C 79 3.52 19.56 37.36
CA ALA C 79 4.64 18.81 37.93
C ALA C 79 5.75 18.48 36.93
N VAL C 80 5.53 18.71 35.62
CA VAL C 80 6.51 18.37 34.59
C VAL C 80 7.86 19.06 34.80
N GLU C 81 7.88 20.39 35.00
CA GLU C 81 9.14 21.11 35.21
C GLU C 81 9.89 20.67 36.48
N PRO C 82 9.27 20.61 37.69
CA PRO C 82 10.03 20.09 38.86
C PRO C 82 10.44 18.62 38.74
N LEU C 83 9.69 17.77 38.00
CA LEU C 83 10.10 16.37 37.79
C LEU C 83 11.29 16.28 36.84
N ILE C 84 11.43 17.24 35.90
CA ILE C 84 12.56 17.34 34.98
C ILE C 84 13.83 17.67 35.79
N LYS C 85 13.72 18.51 36.83
CA LYS C 85 14.83 18.84 37.71
C LYS C 85 15.17 17.62 38.59
N ALA C 86 14.15 16.83 39.00
CA ALA C 86 14.31 15.59 39.78
C ALA C 86 15.00 14.45 39.00
N LEU C 87 15.17 14.61 37.67
CA LEU C 87 15.91 13.65 36.86
C LEU C 87 17.44 13.78 37.11
N LYS C 88 17.90 14.95 37.61
CA LYS C 88 19.30 15.22 37.96
C LYS C 88 19.56 15.05 39.47
N ASP C 89 18.67 14.34 40.19
CA ASP C 89 18.80 14.13 41.63
C ASP C 89 19.99 13.24 41.99
N GLU C 90 20.54 13.41 43.21
CA GLU C 90 21.69 12.62 43.68
C GLU C 90 21.36 11.14 43.92
N ASP C 91 20.10 10.85 44.28
CA ASP C 91 19.67 9.50 44.55
C ASP C 91 19.07 8.84 43.30
N SER C 92 19.52 7.61 42.98
CA SER C 92 19.02 6.89 41.80
C SER C 92 17.58 6.38 41.93
N ASP C 93 17.05 6.32 43.15
CA ASP C 93 15.67 5.93 43.41
C ASP C 93 14.71 7.09 43.07
N VAL C 94 15.15 8.34 43.33
CA VAL C 94 14.38 9.54 43.04
C VAL C 94 14.37 9.81 41.54
N ARG C 95 15.50 9.57 40.85
CA ARG C 95 15.62 9.74 39.40
C ARG C 95 14.69 8.76 38.69
N TYR C 96 14.65 7.50 39.16
CA TYR C 96 13.81 6.40 38.64
C TYR C 96 12.34 6.75 38.74
N ARG C 97 11.93 7.35 39.86
CA ARG C 97 10.56 7.72 40.09
C ARG C 97 10.14 8.92 39.26
N ALA C 98 11.06 9.89 39.06
CA ALA C 98 10.82 11.07 38.26
C ALA C 98 10.68 10.72 36.80
N ALA C 99 11.50 9.78 36.31
CA ALA C 99 11.46 9.33 34.92
C ALA C 99 10.16 8.59 34.63
N THR C 100 9.73 7.72 35.56
CA THR C 100 8.50 6.94 35.41
C THR C 100 7.29 7.87 35.37
N ALA C 101 7.24 8.85 36.30
CA ALA C 101 6.17 9.82 36.44
C ALA C 101 6.04 10.71 35.22
N LEU C 102 7.16 11.08 34.60
CA LEU C 102 7.13 11.94 33.43
C LEU C 102 6.45 11.28 32.22
N GLY C 103 6.60 9.97 32.09
CA GLY C 103 5.95 9.22 31.04
C GLY C 103 4.47 9.03 31.32
N GLN C 104 4.11 8.90 32.60
CA GLN C 104 2.75 8.75 33.08
C GLN C 104 1.94 10.03 32.82
N ILE C 105 2.58 11.20 32.95
CA ILE C 105 1.95 12.49 32.65
C ILE C 105 1.82 12.59 31.12
N GLY C 106 2.91 12.35 30.40
CA GLY C 106 2.89 12.33 28.94
C GLY C 106 3.16 13.65 28.24
N ASP C 107 3.72 14.61 28.95
CA ASP C 107 4.02 15.91 28.37
C ASP C 107 5.29 15.83 27.52
N GLU C 108 5.22 16.44 26.34
CA GLU C 108 6.28 16.52 25.33
C GLU C 108 7.56 17.23 25.87
N ARG C 109 7.41 18.10 26.90
CA ARG C 109 8.55 18.83 27.47
C ARG C 109 9.58 17.92 28.14
N ALA C 110 9.17 16.72 28.56
CA ALA C 110 10.06 15.76 29.19
C ALA C 110 10.90 14.98 28.19
N VAL C 111 10.60 15.04 26.88
CA VAL C 111 11.31 14.29 25.83
C VAL C 111 12.84 14.51 25.88
N GLU C 112 13.32 15.76 25.74
CA GLU C 112 14.77 16.00 25.75
C GLU C 112 15.43 15.64 27.10
N PRO C 113 14.89 16.04 28.27
CA PRO C 113 15.47 15.56 29.55
C PRO C 113 15.49 14.04 29.70
N LEU C 114 14.46 13.34 29.21
CA LEU C 114 14.39 11.87 29.27
C LEU C 114 15.37 11.22 28.29
N ILE C 115 15.69 11.88 27.16
CA ILE C 115 16.66 11.40 26.18
C ILE C 115 18.07 11.37 26.83
N LYS C 116 18.37 12.36 27.69
CA LYS C 116 19.62 12.41 28.42
C LYS C 116 19.68 11.31 29.49
N ALA C 117 18.54 11.00 30.12
CA ALA C 117 18.41 9.93 31.13
C ALA C 117 18.67 8.53 30.56
N LEU C 118 18.61 8.37 29.23
CA LEU C 118 18.94 7.11 28.57
C LEU C 118 20.44 6.78 28.71
N LYS C 119 21.29 7.78 29.03
CA LYS C 119 22.72 7.60 29.22
C LYS C 119 23.10 7.63 30.72
N ASP C 120 22.14 7.34 31.62
CA ASP C 120 22.37 7.37 33.06
C ASP C 120 23.25 6.22 33.54
N GLU C 121 23.91 6.39 34.70
CA GLU C 121 24.76 5.32 35.25
C GLU C 121 23.94 4.15 35.73
N ASP C 122 22.76 4.43 36.32
CA ASP C 122 21.87 3.42 36.85
C ASP C 122 20.94 2.84 35.78
N GLU C 123 21.06 1.53 35.54
CA GLU C 123 20.28 0.78 34.55
C GLU C 123 18.77 0.88 34.77
N ARG C 124 18.31 1.14 35.99
CA ARG C 124 16.89 1.30 36.27
C ARG C 124 16.40 2.65 35.76
N VAL C 125 17.22 3.69 35.90
CA VAL C 125 16.89 5.03 35.41
C VAL C 125 16.84 5.01 33.89
N ARG C 126 17.78 4.31 33.23
CA ARG C 126 17.80 4.21 31.76
C ARG C 126 16.55 3.49 31.27
N GLN C 127 16.16 2.40 31.94
CA GLN C 127 15.03 1.57 31.58
C GLN C 127 13.71 2.32 31.74
N SER C 128 13.55 3.04 32.85
CA SER C 128 12.34 3.80 33.10
C SER C 128 12.21 5.00 32.16
N ALA C 129 13.35 5.57 31.72
CA ALA C 129 13.36 6.70 30.77
C ALA C 129 12.96 6.22 29.39
N ALA C 130 13.37 4.99 28.99
CA ALA C 130 13.02 4.42 27.71
C ALA C 130 11.52 4.13 27.64
N GLY C 131 10.96 3.61 28.72
CA GLY C 131 9.53 3.29 28.79
C GLY C 131 8.66 4.52 28.76
N ALA C 132 9.13 5.60 29.41
CA ALA C 132 8.47 6.91 29.47
C ALA C 132 8.46 7.55 28.09
N LEU C 133 9.56 7.40 27.32
CA LEU C 133 9.63 7.93 25.96
C LEU C 133 8.60 7.25 25.03
N GLY C 134 8.32 5.97 25.27
CA GLY C 134 7.32 5.22 24.52
C GLY C 134 5.90 5.63 24.89
N GLN C 135 5.69 5.97 26.17
CA GLN C 135 4.41 6.44 26.68
C GLN C 135 4.09 7.81 26.12
N ILE C 136 5.10 8.72 26.05
CA ILE C 136 4.94 10.05 25.48
C ILE C 136 4.65 9.98 23.96
N GLY C 137 5.31 9.05 23.28
CA GLY C 137 5.09 8.77 21.86
C GLY C 137 5.67 9.77 20.86
N ASP C 138 6.55 10.66 21.31
CA ASP C 138 7.14 11.66 20.45
C ASP C 138 8.20 11.02 19.56
N GLU C 139 8.24 11.43 18.29
CA GLU C 139 9.13 10.96 17.25
C GLU C 139 10.62 11.27 17.55
N ARG C 140 10.91 12.33 18.34
CA ARG C 140 12.28 12.72 18.66
C ARG C 140 13.06 11.66 19.41
N ALA C 141 12.35 10.77 20.12
CA ALA C 141 12.96 9.70 20.89
C ALA C 141 13.36 8.48 20.07
N VAL C 142 12.97 8.41 18.77
CA VAL C 142 13.26 7.25 17.94
C VAL C 142 14.78 6.98 17.80
N GLU C 143 15.57 7.95 17.36
CA GLU C 143 17.02 7.74 17.23
C GLU C 143 17.71 7.38 18.58
N PRO C 144 17.52 8.13 19.69
CA PRO C 144 18.12 7.69 20.97
C PRO C 144 17.67 6.31 21.48
N LEU C 145 16.40 5.93 21.23
CA LEU C 145 15.90 4.60 21.62
C LEU C 145 16.53 3.49 20.74
N ILE C 146 16.90 3.81 19.49
CA ILE C 146 17.57 2.88 18.59
C ILE C 146 18.98 2.57 19.13
N LYS C 147 19.67 3.58 19.70
CA LYS C 147 20.99 3.42 20.31
C LYS C 147 20.85 2.57 21.57
N ALA C 148 19.76 2.78 22.36
CA ALA C 148 19.45 2.03 23.59
C ALA C 148 19.20 0.55 23.35
N LEU C 149 18.90 0.14 22.09
CA LEU C 149 18.78 -1.28 21.70
C LEU C 149 20.14 -2.01 21.76
N LYS C 150 21.24 -1.28 21.97
CA LYS C 150 22.59 -1.81 22.09
C LYS C 150 23.14 -1.55 23.52
N ASP C 151 22.27 -1.41 24.54
CA ASP C 151 22.68 -1.18 25.91
C ASP C 151 23.29 -2.46 26.52
N GLU C 152 24.15 -2.33 27.54
CA GLU C 152 24.76 -3.49 28.20
C GLU C 152 23.70 -4.30 29.00
N ASP C 153 22.64 -3.62 29.50
CA ASP C 153 21.58 -4.26 30.28
C ASP C 153 20.41 -4.67 29.40
N TRP C 154 20.08 -5.96 29.40
CA TRP C 154 18.98 -6.49 28.58
C TRP C 154 17.63 -5.89 28.93
N ARG C 155 17.44 -5.45 30.16
CA ARG C 155 16.18 -4.84 30.59
C ARG C 155 15.96 -3.48 29.92
N VAL C 156 17.06 -2.75 29.68
CA VAL C 156 17.02 -1.48 28.97
C VAL C 156 16.77 -1.75 27.47
N ARG C 157 17.44 -2.78 26.90
CA ARG C 157 17.23 -3.14 25.50
C ARG C 157 15.78 -3.55 25.24
N GLN C 158 15.22 -4.38 26.12
CA GLN C 158 13.85 -4.85 26.04
C GLN C 158 12.87 -3.67 26.10
N GLU C 159 13.08 -2.73 27.03
CA GLU C 159 12.24 -1.56 27.20
C GLU C 159 12.34 -0.59 26.03
N ALA C 160 13.51 -0.49 25.38
CA ALA C 160 13.70 0.38 24.22
C ALA C 160 13.00 -0.21 23.00
N ALA C 161 12.99 -1.57 22.87
CA ALA C 161 12.33 -2.26 21.76
C ALA C 161 10.82 -2.10 21.89
N PHE C 162 10.28 -2.20 23.12
CA PHE C 162 8.85 -2.04 23.39
C PHE C 162 8.42 -0.60 23.11
N ALA C 163 9.26 0.38 23.48
CA ALA C 163 8.99 1.81 23.27
C ALA C 163 8.99 2.16 21.79
N LEU C 164 9.86 1.53 20.99
CA LEU C 164 9.91 1.77 19.54
C LEU C 164 8.64 1.26 18.85
N GLY C 165 8.05 0.19 19.37
CA GLY C 165 6.81 -0.37 18.84
C GLY C 165 5.61 0.49 19.21
N GLN C 166 5.66 1.14 20.38
CA GLN C 166 4.60 2.05 20.82
C GLN C 166 4.62 3.35 20.01
N ILE C 167 5.82 3.82 19.60
CA ILE C 167 5.92 5.00 18.76
C ILE C 167 5.46 4.66 17.32
N GLY C 168 5.83 3.48 16.83
CA GLY C 168 5.40 3.01 15.52
C GLY C 168 6.07 3.66 14.34
N ASP C 169 7.24 4.27 14.55
CA ASP C 169 7.99 4.92 13.48
C ASP C 169 8.77 3.87 12.72
N GLU C 170 8.71 3.89 11.36
CA GLU C 170 9.40 2.92 10.50
C GLU C 170 10.91 3.00 10.53
N ARG C 171 11.47 4.09 11.07
CA ARG C 171 12.93 4.22 11.18
C ARG C 171 13.57 3.14 12.06
N ALA C 172 12.75 2.50 12.92
CA ALA C 172 13.17 1.47 13.86
C ALA C 172 13.11 0.05 13.31
N VAL C 173 12.48 -0.16 12.15
CA VAL C 173 12.34 -1.49 11.55
C VAL C 173 13.67 -2.23 11.39
N GLU C 174 14.67 -1.66 10.68
CA GLU C 174 15.94 -2.36 10.49
C GLU C 174 16.72 -2.59 11.80
N PRO C 175 16.87 -1.59 12.72
CA PRO C 175 17.50 -1.90 14.03
C PRO C 175 16.76 -2.99 14.84
N LEU C 176 15.42 -3.04 14.76
CA LEU C 176 14.61 -4.06 15.48
C LEU C 176 14.75 -5.44 14.83
N ILE C 177 14.94 -5.49 13.50
CA ILE C 177 15.17 -6.76 12.80
C ILE C 177 16.51 -7.37 13.25
N LYS C 178 17.53 -6.51 13.50
CA LYS C 178 18.83 -6.94 14.01
C LYS C 178 18.73 -7.37 15.48
N ALA C 179 17.75 -6.83 16.24
CA ALA C 179 17.49 -7.19 17.64
C ALA C 179 16.86 -8.58 17.78
N LEU C 180 16.28 -9.14 16.69
CA LEU C 180 15.78 -10.51 16.71
C LEU C 180 16.95 -11.53 16.89
N LYS C 181 18.20 -11.09 16.66
CA LYS C 181 19.38 -11.91 16.87
C LYS C 181 20.09 -11.53 18.18
N ASP C 182 19.37 -11.00 19.17
CA ASP C 182 19.93 -10.61 20.45
C ASP C 182 20.18 -11.88 21.29
N GLU C 183 21.08 -11.80 22.27
CA GLU C 183 21.37 -12.96 23.12
C GLU C 183 20.26 -13.24 24.16
N ASP C 184 19.43 -12.23 24.48
CA ASP C 184 18.36 -12.37 25.46
C ASP C 184 17.01 -12.69 24.81
N SER C 185 16.27 -13.68 25.37
CA SER C 185 14.97 -14.14 24.88
C SER C 185 13.84 -13.12 25.02
N ALA C 186 13.85 -12.32 26.10
CA ALA C 186 12.83 -11.31 26.32
C ALA C 186 13.05 -10.12 25.37
N VAL C 187 14.32 -9.81 25.02
CA VAL C 187 14.65 -8.74 24.08
C VAL C 187 14.22 -9.13 22.68
N ARG C 188 14.42 -10.40 22.27
CA ARG C 188 13.99 -10.85 20.95
C ARG C 188 12.47 -10.76 20.83
N TRP C 189 11.75 -11.16 21.91
CA TRP C 189 10.30 -11.13 22.04
C TRP C 189 9.79 -9.71 21.94
N ALA C 190 10.42 -8.74 22.66
CA ALA C 190 10.03 -7.34 22.59
C ALA C 190 10.21 -6.79 21.17
N ALA C 191 11.33 -7.13 20.49
CA ALA C 191 11.63 -6.68 19.13
C ALA C 191 10.64 -7.24 18.10
N ALA C 192 10.25 -8.52 18.22
CA ALA C 192 9.28 -9.16 17.33
C ALA C 192 7.91 -8.49 17.48
N LEU C 193 7.53 -8.14 18.71
CA LEU C 193 6.27 -7.45 19.01
C LEU C 193 6.23 -6.06 18.38
N ALA C 194 7.32 -5.30 18.54
CA ALA C 194 7.51 -3.97 18.00
C ALA C 194 7.43 -4.00 16.49
N LEU C 195 7.98 -5.05 15.85
CA LEU C 195 7.92 -5.20 14.40
C LEU C 195 6.48 -5.40 13.95
N GLY C 196 5.73 -6.30 14.60
CA GLY C 196 4.33 -6.55 14.27
C GLY C 196 3.43 -5.35 14.49
N LYS C 197 3.76 -4.48 15.45
CA LYS C 197 3.01 -3.25 15.75
C LYS C 197 3.20 -2.20 14.64
N ILE C 198 4.38 -2.22 13.95
CA ILE C 198 4.74 -1.30 12.87
C ILE C 198 4.17 -1.82 11.55
N GLY C 199 4.36 -3.11 11.28
CA GLY C 199 3.83 -3.74 10.08
C GLY C 199 4.55 -3.37 8.79
N GLY C 200 4.13 -3.98 7.68
CA GLY C 200 4.75 -3.69 6.40
C GLY C 200 5.41 -4.86 5.72
N GLU C 201 6.06 -4.60 4.59
CA GLU C 201 6.73 -5.60 3.76
C GLU C 201 8.05 -6.10 4.31
N ARG C 202 8.83 -5.23 4.94
CA ARG C 202 10.09 -5.64 5.56
C ARG C 202 9.80 -6.46 6.82
N VAL C 203 8.73 -6.11 7.55
CA VAL C 203 8.26 -6.80 8.73
C VAL C 203 7.73 -8.18 8.37
N ARG C 204 6.93 -8.28 7.29
CA ARG C 204 6.36 -9.55 6.82
C ARG C 204 7.46 -10.55 6.49
N ALA C 205 8.54 -10.08 5.87
CA ALA C 205 9.68 -10.90 5.47
C ALA C 205 10.48 -11.36 6.70
N ALA C 206 10.62 -10.47 7.71
CA ALA C 206 11.32 -10.76 8.96
C ALA C 206 10.50 -11.77 9.80
N MSE C 207 9.17 -11.68 9.74
CA MSE C 207 8.29 -12.60 10.45
C MSE C 207 8.33 -13.99 9.83
O MSE C 207 8.23 -14.96 10.55
CB MSE C 207 6.85 -12.08 10.50
CG MSE C 207 6.67 -10.81 11.31
SE MSE C 207 7.27 -10.90 13.17
CE MSE C 207 5.82 -9.94 13.95
N GLU C 208 8.49 -14.07 8.51
CA GLU C 208 8.55 -15.34 7.81
C GLU C 208 9.81 -16.14 8.16
N LYS C 209 10.93 -15.45 8.35
CA LYS C 209 12.17 -16.08 8.76
C LYS C 209 12.12 -16.44 10.27
N LEU C 210 11.52 -15.57 11.10
CA LEU C 210 11.41 -15.76 12.56
C LEU C 210 10.46 -16.90 12.93
N ALA C 211 9.38 -17.09 12.17
CA ALA C 211 8.42 -18.16 12.42
C ALA C 211 9.01 -19.53 12.13
N GLU C 212 9.84 -19.61 11.11
CA GLU C 212 10.48 -20.82 10.65
C GLU C 212 11.74 -21.17 11.46
N THR C 213 12.61 -20.19 11.76
CA THR C 213 13.90 -20.42 12.42
C THR C 213 14.05 -19.93 13.87
N GLY C 214 13.06 -19.20 14.40
CA GLY C 214 13.14 -18.64 15.74
C GLY C 214 12.62 -19.57 16.82
N THR C 215 12.79 -19.18 18.10
CA THR C 215 12.34 -19.97 19.24
C THR C 215 11.65 -19.10 20.32
N GLY C 216 10.88 -19.75 21.18
CA GLY C 216 10.22 -19.15 22.33
C GLY C 216 9.06 -18.27 22.01
N PHE C 217 8.90 -17.20 22.80
CA PHE C 217 7.81 -16.28 22.59
C PHE C 217 8.00 -15.42 21.35
N ALA C 218 9.27 -15.19 20.90
CA ALA C 218 9.54 -14.43 19.67
C ALA C 218 8.95 -15.17 18.47
N ARG C 219 9.12 -16.51 18.43
CA ARG C 219 8.57 -17.37 17.41
C ARG C 219 7.04 -17.42 17.47
N LYS C 220 6.46 -17.43 18.68
CA LYS C 220 5.00 -17.46 18.85
C LYS C 220 4.36 -16.25 18.18
N VAL C 221 4.90 -15.05 18.43
CA VAL C 221 4.45 -13.78 17.85
C VAL C 221 4.51 -13.85 16.31
N ALA C 222 5.61 -14.37 15.77
CA ALA C 222 5.80 -14.51 14.34
C ALA C 222 4.80 -15.45 13.69
N VAL C 223 4.55 -16.63 14.30
CA VAL C 223 3.60 -17.64 13.81
C VAL C 223 2.19 -17.07 13.80
N ASN C 224 1.81 -16.39 14.88
CA ASN C 224 0.49 -15.78 15.00
C ASN C 224 0.29 -14.62 14.04
N TYR C 225 1.35 -13.83 13.78
CA TYR C 225 1.30 -12.72 12.83
C TYR C 225 1.09 -13.26 11.42
N LEU C 226 1.79 -14.34 11.06
CA LEU C 226 1.66 -14.93 9.74
C LEU C 226 0.33 -15.63 9.51
N GLU C 227 -0.35 -16.07 10.57
CA GLU C 227 -1.66 -16.70 10.42
C GLU C 227 -2.68 -15.71 9.87
N THR C 228 -2.60 -14.44 10.30
CA THR C 228 -3.54 -13.43 9.83
C THR C 228 -3.02 -12.57 8.67
N HIS C 229 -1.73 -12.24 8.64
CA HIS C 229 -1.18 -11.40 7.56
C HIS C 229 -0.55 -12.15 6.41
N GLY C 230 0.28 -13.13 6.71
CA GLY C 230 1.00 -13.91 5.71
C GLY C 230 0.19 -14.99 5.02
N GLY C 231 0.90 -15.93 4.39
CA GLY C 231 0.36 -17.06 3.64
C GLY C 231 -0.60 -16.70 2.50
N SER C 232 -0.78 -15.41 2.27
CA SER C 232 -1.66 -14.81 1.27
C SER C 232 -1.58 -15.49 -0.09
N ALA C 233 -2.75 -15.83 -0.60
CA ALA C 233 -2.98 -16.45 -1.90
C ALA C 233 -4.45 -16.15 -2.25
N GLY C 234 -4.87 -16.41 -3.49
CA GLY C 234 -6.27 -16.20 -3.89
C GLY C 234 -7.19 -17.14 -3.10
N SER C 235 -6.84 -18.44 -3.13
CA SER C 235 -7.62 -19.47 -2.44
C SER C 235 -6.84 -20.24 -1.34
N PRO C 236 -6.20 -19.56 -0.35
CA PRO C 236 -5.53 -20.31 0.72
C PRO C 236 -6.59 -20.73 1.73
N MET C 237 -6.51 -21.98 2.22
CA MET C 237 -7.49 -22.49 3.17
C MET C 237 -7.52 -21.60 4.43
N ARG C 238 -8.68 -20.96 4.70
CA ARG C 238 -8.84 -20.07 5.85
C ARG C 238 -10.03 -20.46 6.76
N CYS C 239 -10.00 -20.02 8.02
CA CYS C 239 -11.09 -20.21 8.96
C CYS C 239 -12.26 -19.32 8.52
N LEU C 240 -13.50 -19.82 8.59
CA LEU C 240 -14.65 -19.08 8.12
C LEU C 240 -15.32 -18.17 9.16
N THR C 241 -14.76 -18.03 10.38
CA THR C 241 -15.33 -17.08 11.33
C THR C 241 -14.31 -16.01 11.77
N CYS C 242 -13.02 -16.18 11.50
CA CYS C 242 -11.99 -15.21 11.84
C CYS C 242 -10.98 -14.97 10.75
N LEU C 243 -11.06 -15.72 9.61
CA LEU C 243 -10.20 -15.54 8.43
C LEU C 243 -8.73 -15.86 8.62
N LYS C 244 -8.36 -16.40 9.76
CA LYS C 244 -7.00 -16.81 10.08
C LYS C 244 -6.66 -18.03 9.22
N LEU C 245 -5.40 -18.20 8.80
CA LEU C 245 -4.99 -19.37 8.01
C LEU C 245 -5.25 -20.66 8.80
N SER C 246 -6.09 -21.56 8.27
CA SER C 246 -6.47 -22.79 8.94
C SER C 246 -6.86 -23.84 7.91
N PHE C 247 -6.32 -25.08 8.01
CA PHE C 247 -6.68 -26.16 7.09
C PHE C 247 -8.15 -26.57 7.29
N LYS C 248 -8.63 -26.57 8.53
CA LYS C 248 -10.02 -26.87 8.81
C LYS C 248 -10.83 -25.57 8.68
N PRO C 249 -12.09 -25.61 8.18
CA PRO C 249 -12.86 -24.37 8.01
C PRO C 249 -13.26 -23.62 9.29
N LEU C 250 -12.85 -24.14 10.46
CA LEU C 250 -13.06 -23.50 11.75
C LEU C 250 -11.84 -23.79 12.58
N CYS C 251 -11.08 -22.77 12.95
CA CYS C 251 -9.89 -22.95 13.76
C CYS C 251 -10.29 -23.37 15.18
N PRO C 252 -9.40 -24.06 15.93
CA PRO C 252 -9.79 -24.52 17.28
C PRO C 252 -10.30 -23.40 18.20
N ASN C 253 -9.72 -22.19 18.11
CA ASN C 253 -10.17 -21.05 18.91
C ASN C 253 -11.63 -20.70 18.62
N CYS C 254 -12.00 -20.65 17.33
CA CYS C 254 -13.36 -20.35 16.90
C CYS C 254 -14.33 -21.46 17.22
N LEU C 255 -13.87 -22.70 17.11
CA LEU C 255 -14.67 -23.87 17.42
C LEU C 255 -14.97 -23.90 18.93
N ASN C 256 -13.98 -23.57 19.75
CA ASN C 256 -14.09 -23.51 21.21
C ASN C 256 -15.07 -22.40 21.65
N ASP C 257 -15.14 -21.30 20.89
CA ASP C 257 -16.04 -20.19 21.19
C ASP C 257 -17.50 -20.49 20.84
N LEU C 258 -17.77 -21.57 20.07
CA LEU C 258 -19.14 -21.90 19.70
C LEU C 258 -19.91 -22.47 20.90
N PRO C 259 -21.04 -21.80 21.23
CA PRO C 259 -21.80 -22.20 22.42
C PRO C 259 -22.44 -23.58 22.34
N LEU C 260 -21.89 -24.53 23.12
CA LEU C 260 -22.40 -25.88 23.21
C LEU C 260 -23.47 -25.90 24.30
N SER C 261 -24.77 -25.99 23.94
CA SER C 261 -25.85 -26.06 24.94
C SER C 261 -26.60 -27.40 24.93
N LEU C 262 -26.23 -28.31 25.87
CA LEU C 262 -26.84 -29.64 25.97
C LEU C 262 -28.28 -29.65 26.49
N LYS C 263 -29.20 -30.26 25.72
CA LYS C 263 -30.60 -30.41 26.11
C LYS C 263 -31.05 -31.87 25.91
N VAL C 264 -32.06 -32.32 26.68
CA VAL C 264 -32.58 -33.68 26.55
C VAL C 264 -34.11 -33.65 26.49
N ARG C 265 -34.70 -34.42 25.55
CA ARG C 265 -36.14 -34.63 25.43
C ARG C 265 -36.36 -36.13 25.34
N VAL C 266 -37.55 -36.61 25.76
CA VAL C 266 -37.85 -38.02 25.61
C VAL C 266 -38.89 -38.19 24.50
N LEU C 267 -38.53 -38.91 23.43
CA LEU C 267 -39.40 -39.13 22.30
C LEU C 267 -39.56 -40.63 22.16
N GLU C 268 -40.80 -41.15 22.29
CA GLU C 268 -41.12 -42.58 22.20
C GLU C 268 -40.36 -43.41 23.24
N GLY C 269 -40.13 -42.83 24.42
CA GLY C 269 -39.38 -43.50 25.48
C GLY C 269 -37.87 -43.38 25.34
N VAL C 270 -37.38 -43.00 24.15
CA VAL C 270 -35.97 -42.86 23.83
C VAL C 270 -35.46 -41.44 24.17
N SER C 271 -34.31 -41.33 24.83
CA SER C 271 -33.76 -40.02 25.18
C SER C 271 -33.02 -39.42 24.00
N VAL C 272 -33.41 -38.19 23.62
CA VAL C 272 -32.82 -37.45 22.50
C VAL C 272 -31.94 -36.31 22.99
N TYR C 273 -30.67 -36.32 22.60
CA TYR C 273 -29.68 -35.32 23.02
C TYR C 273 -29.33 -34.32 21.91
N SER C 274 -29.42 -33.01 22.20
CA SER C 274 -29.03 -31.94 21.30
C SER C 274 -27.85 -31.19 21.92
N PHE C 275 -26.99 -30.59 21.06
CA PHE C 275 -25.77 -29.99 21.56
C PHE C 275 -25.59 -28.52 21.22
N TYR C 276 -26.37 -27.98 20.29
CA TYR C 276 -26.26 -26.58 19.88
C TYR C 276 -27.63 -25.98 19.65
N ALA C 277 -27.78 -24.66 19.84
CA ALA C 277 -29.05 -24.00 19.57
C ALA C 277 -29.02 -23.47 18.14
N TYR C 278 -30.13 -23.63 17.38
CA TYR C 278 -30.20 -23.17 16.00
C TYR C 278 -29.92 -21.69 15.87
N SER C 279 -30.39 -20.90 16.84
CA SER C 279 -30.19 -19.44 16.84
C SER C 279 -28.71 -19.04 16.97
N GLU C 280 -27.85 -19.92 17.49
CA GLU C 280 -26.43 -19.61 17.67
C GLU C 280 -25.54 -20.11 16.54
N ILE C 281 -26.00 -21.10 15.76
CA ILE C 281 -25.21 -21.66 14.65
C ILE C 281 -26.00 -21.67 13.33
N GLU C 282 -27.03 -20.81 13.21
CA GLU C 282 -27.93 -20.68 12.06
C GLU C 282 -27.25 -20.68 10.69
N GLU C 283 -26.22 -19.85 10.49
CA GLU C 283 -25.51 -19.72 9.22
C GLU C 283 -24.73 -21.00 8.88
N LEU C 284 -24.14 -21.67 9.90
CA LEU C 284 -23.40 -22.92 9.70
C LEU C 284 -24.37 -24.05 9.31
N ILE C 285 -25.58 -24.07 9.89
CA ILE C 285 -26.61 -25.07 9.55
C ILE C 285 -27.15 -24.78 8.15
N LYS C 286 -27.50 -23.53 7.86
CA LYS C 286 -27.99 -23.12 6.53
C LYS C 286 -27.00 -23.47 5.42
N SER C 287 -25.70 -23.48 5.72
CA SER C 287 -24.69 -23.78 4.73
C SER C 287 -24.36 -25.27 4.61
N LYS C 288 -25.22 -26.17 5.12
CA LYS C 288 -24.97 -27.60 5.03
C LYS C 288 -24.92 -28.11 3.59
N TYR C 289 -25.64 -27.46 2.66
CA TYR C 289 -25.62 -27.87 1.26
C TYR C 289 -24.73 -26.96 0.37
N ALA C 290 -23.86 -26.16 0.98
CA ALA C 290 -22.91 -25.33 0.27
C ALA C 290 -21.62 -26.10 0.16
N LEU C 291 -20.90 -25.94 -0.94
CA LEU C 291 -19.64 -26.64 -1.16
C LEU C 291 -18.62 -26.30 -0.05
N ILE C 292 -18.34 -25.02 0.17
CA ILE C 292 -17.37 -24.57 1.16
C ILE C 292 -17.83 -24.83 2.60
N GLY C 293 -19.01 -24.35 2.94
CA GLY C 293 -19.57 -24.54 4.28
C GLY C 293 -20.04 -25.94 4.61
N SER C 294 -19.66 -26.95 3.81
CA SER C 294 -20.09 -28.32 4.06
C SER C 294 -19.32 -28.96 5.23
N ARG C 295 -17.96 -28.95 5.19
CA ARG C 295 -17.06 -29.55 6.18
C ARG C 295 -17.04 -28.85 7.54
N ILE C 296 -17.98 -27.94 7.79
CA ILE C 296 -18.07 -27.26 9.07
C ILE C 296 -18.87 -28.11 10.06
N LEU C 297 -19.94 -28.74 9.60
CA LEU C 297 -20.82 -29.54 10.45
C LEU C 297 -20.11 -30.77 11.06
N PRO C 298 -19.33 -31.58 10.30
CA PRO C 298 -18.55 -32.65 10.94
C PRO C 298 -17.60 -32.17 12.07
N LEU C 299 -17.14 -30.90 12.02
CA LEU C 299 -16.30 -30.32 13.07
C LEU C 299 -17.13 -30.10 14.35
N LEU C 300 -18.39 -29.64 14.17
CA LEU C 300 -19.33 -29.38 15.25
C LEU C 300 -19.76 -30.69 15.90
N SER C 301 -19.99 -31.75 15.09
CA SER C 301 -20.38 -33.05 15.63
C SER C 301 -19.22 -33.79 16.29
N GLN C 302 -17.98 -33.47 15.92
CA GLN C 302 -16.81 -34.03 16.59
C GLN C 302 -16.72 -33.39 17.99
N LYS C 303 -16.98 -32.08 18.10
CA LYS C 303 -16.97 -31.36 19.38
C LYS C 303 -18.07 -31.91 20.29
N ALA C 304 -19.27 -32.16 19.72
CA ALA C 304 -20.43 -32.69 20.42
C ALA C 304 -20.21 -34.14 20.88
N GLY C 305 -19.64 -34.98 20.02
CA GLY C 305 -19.35 -36.37 20.34
C GLY C 305 -18.34 -36.54 21.43
N ALA C 306 -17.39 -35.59 21.56
CA ALA C 306 -16.35 -35.62 22.58
C ALA C 306 -16.95 -35.34 23.96
N GLU C 307 -17.98 -34.48 24.03
CA GLU C 307 -18.67 -34.22 25.28
C GLU C 307 -19.64 -35.36 25.59
N PHE C 308 -20.29 -35.92 24.57
CA PHE C 308 -21.23 -37.01 24.76
C PHE C 308 -20.58 -38.28 25.25
N VAL C 309 -19.36 -38.56 24.78
CA VAL C 309 -18.60 -39.74 25.21
C VAL C 309 -18.26 -39.66 26.73
N LYS C 310 -18.10 -38.43 27.27
CA LYS C 310 -17.86 -38.21 28.70
C LYS C 310 -19.17 -38.45 29.50
N ILE C 311 -20.33 -38.14 28.90
CA ILE C 311 -21.66 -38.34 29.47
C ILE C 311 -21.94 -39.85 29.60
N LEU C 312 -21.60 -40.63 28.55
CA LEU C 312 -21.76 -42.07 28.53
C LEU C 312 -20.90 -42.75 29.59
N GLN C 313 -19.69 -42.23 29.83
CA GLN C 313 -18.81 -42.80 30.86
C GLN C 313 -19.34 -42.52 32.27
N GLU C 314 -19.95 -41.35 32.47
CA GLU C 314 -20.55 -40.96 33.72
C GLU C 314 -21.83 -41.79 33.98
N GLN C 315 -22.60 -42.08 32.92
CA GLN C 315 -23.80 -42.90 32.97
C GLN C 315 -23.46 -44.37 33.26
N GLY C 316 -22.36 -44.84 32.69
CA GLY C 316 -21.89 -46.23 32.77
C GLY C 316 -22.14 -46.99 31.49
N LEU C 317 -22.57 -46.32 30.40
CA LEU C 317 -22.87 -46.98 29.12
C LEU C 317 -21.59 -47.14 28.32
N ASN C 318 -20.81 -48.18 28.66
CA ASN C 318 -19.52 -48.45 28.03
C ASN C 318 -19.56 -49.58 26.99
N ILE C 319 -20.76 -49.93 26.50
CA ILE C 319 -20.92 -50.96 25.48
C ILE C 319 -20.60 -50.38 24.11
N PRO C 320 -20.16 -51.21 23.14
CA PRO C 320 -19.94 -50.69 21.78
C PRO C 320 -21.30 -50.30 21.20
N LEU C 321 -21.42 -49.05 20.70
CA LEU C 321 -22.66 -48.55 20.15
C LEU C 321 -22.48 -48.28 18.65
N TYR C 322 -23.52 -48.56 17.85
CA TYR C 322 -23.45 -48.40 16.41
C TYR C 322 -24.38 -47.30 15.92
N GLY C 323 -23.82 -46.35 15.19
CA GLY C 323 -24.58 -45.20 14.71
C GLY C 323 -25.31 -45.42 13.41
N ILE C 324 -26.54 -44.96 13.34
CA ILE C 324 -27.37 -45.00 12.15
C ILE C 324 -27.69 -43.54 11.81
N ALA C 325 -27.43 -43.11 10.57
CA ALA C 325 -27.80 -41.75 10.17
C ALA C 325 -28.92 -41.81 9.13
N ILE C 326 -29.80 -40.80 9.12
CA ILE C 326 -30.86 -40.74 8.12
C ILE C 326 -30.21 -40.40 6.78
N ASP C 327 -30.23 -41.35 5.85
CA ASP C 327 -29.59 -41.26 4.53
C ASP C 327 -30.00 -40.02 3.73
N ASP C 328 -29.01 -39.28 3.22
CA ASP C 328 -29.25 -38.07 2.44
C ASP C 328 -29.46 -38.33 0.94
N LYS C 329 -30.10 -37.38 0.25
CA LYS C 329 -30.44 -37.46 -1.17
C LYS C 329 -29.42 -36.69 -2.05
N ILE C 330 -29.54 -36.81 -3.38
CA ILE C 330 -28.71 -36.17 -4.43
C ILE C 330 -28.72 -34.60 -4.36
N LYS C 331 -29.49 -34.02 -3.43
CA LYS C 331 -29.57 -32.56 -3.25
C LYS C 331 -28.32 -32.00 -2.51
N SER C 332 -27.57 -32.87 -1.80
CA SER C 332 -26.36 -32.54 -1.05
C SER C 332 -25.09 -32.78 -1.88
N PHE C 333 -24.01 -31.99 -1.61
CA PHE C 333 -22.71 -32.04 -2.30
C PHE C 333 -21.98 -33.40 -2.17
N TYR C 334 -21.95 -33.96 -0.95
CA TYR C 334 -21.35 -35.25 -0.65
C TYR C 334 -22.27 -36.06 0.32
N SER C 335 -21.76 -37.14 0.93
CA SER C 335 -22.53 -37.89 1.92
C SER C 335 -22.49 -37.07 3.23
N HIS C 336 -23.40 -36.11 3.35
CA HIS C 336 -23.53 -35.18 4.47
C HIS C 336 -23.77 -35.90 5.80
N SER C 337 -24.76 -36.81 5.84
CA SER C 337 -25.07 -37.59 7.03
C SER C 337 -23.90 -38.49 7.40
N ALA C 338 -23.26 -39.12 6.40
CA ALA C 338 -22.13 -40.00 6.64
C ALA C 338 -20.97 -39.24 7.27
N ALA C 339 -20.72 -38.00 6.83
CA ALA C 339 -19.65 -37.14 7.34
C ALA C 339 -19.95 -36.65 8.74
N LEU C 340 -21.22 -36.32 9.00
CA LEU C 340 -21.69 -35.83 10.29
C LEU C 340 -21.61 -36.95 11.34
N LEU C 341 -21.93 -38.19 10.95
CA LEU C 341 -21.86 -39.36 11.81
C LEU C 341 -20.40 -39.78 12.01
N LYS C 342 -19.59 -39.75 10.95
CA LYS C 342 -18.17 -40.11 11.04
C LYS C 342 -17.40 -39.17 11.98
N GLY C 343 -17.80 -37.90 12.02
CA GLY C 343 -17.21 -36.90 12.90
C GLY C 343 -17.60 -37.11 14.34
N PHE C 344 -18.89 -37.42 14.60
CA PHE C 344 -19.44 -37.64 15.93
C PHE C 344 -18.82 -38.85 16.62
N CYS C 345 -18.72 -39.98 15.89
CA CYS C 345 -18.21 -41.24 16.38
C CYS C 345 -16.77 -41.22 16.82
N GLN C 346 -16.57 -41.63 18.06
CA GLN C 346 -15.30 -41.73 18.76
C GLN C 346 -15.54 -42.53 20.03
N GLY C 347 -14.47 -43.08 20.60
CA GLY C 347 -14.57 -43.91 21.79
C GLY C 347 -15.28 -45.21 21.46
N ASN C 348 -16.33 -45.52 22.22
CA ASN C 348 -17.11 -46.73 22.01
C ASN C 348 -18.21 -46.58 20.92
N LEU C 349 -18.29 -45.41 20.26
CA LEU C 349 -19.26 -45.17 19.20
C LEU C 349 -18.61 -45.52 17.86
N LYS C 350 -19.30 -46.34 17.04
CA LYS C 350 -18.81 -46.80 15.75
C LYS C 350 -19.83 -46.50 14.68
N PRO C 351 -19.42 -45.96 13.52
CA PRO C 351 -20.39 -45.62 12.47
C PRO C 351 -20.78 -46.75 11.52
N THR C 352 -22.05 -46.75 11.08
CA THR C 352 -22.61 -47.68 10.10
C THR C 352 -23.27 -46.84 8.98
N TYR C 353 -23.17 -47.29 7.72
CA TYR C 353 -23.73 -46.51 6.62
C TYR C 353 -24.79 -47.23 5.82
N GLY C 354 -25.84 -46.50 5.47
CA GLY C 354 -26.94 -47.02 4.65
C GLY C 354 -27.86 -48.02 5.30
N ARG C 355 -28.04 -47.94 6.62
CA ARG C 355 -28.94 -48.87 7.31
C ARG C 355 -30.38 -48.32 7.33
N LEU C 356 -30.56 -46.99 7.37
CA LEU C 356 -31.91 -46.40 7.40
C LEU C 356 -32.09 -45.35 6.31
N ARG C 357 -33.12 -45.51 5.47
CA ARG C 357 -33.40 -44.56 4.41
C ARG C 357 -34.89 -44.23 4.27
N ALA C 358 -35.18 -42.98 3.89
CA ALA C 358 -36.55 -42.51 3.72
C ALA C 358 -36.96 -42.71 2.26
N ASN C 359 -38.18 -43.20 2.02
CA ASN C 359 -38.62 -43.44 0.64
C ASN C 359 -39.12 -42.19 -0.10
N ASN C 360 -39.13 -41.03 0.57
CA ASN C 360 -39.51 -39.76 -0.05
C ASN C 360 -38.56 -38.65 0.40
N ALA C 361 -38.31 -37.68 -0.50
CA ALA C 361 -37.38 -36.59 -0.22
C ALA C 361 -38.06 -35.27 0.15
N VAL C 362 -39.12 -35.30 0.98
CA VAL C 362 -39.82 -34.08 1.39
C VAL C 362 -38.99 -33.25 2.39
N SER C 363 -39.02 -31.92 2.27
CA SER C 363 -38.26 -31.04 3.16
C SER C 363 -39.19 -30.32 4.14
N TYR C 364 -38.94 -30.50 5.44
CA TYR C 364 -39.76 -29.86 6.49
C TYR C 364 -39.35 -28.43 6.80
N ALA C 365 -38.22 -27.96 6.27
CA ALA C 365 -37.69 -26.62 6.56
C ALA C 365 -38.71 -25.53 6.26
N GLY C 366 -39.08 -24.78 7.29
CA GLY C 366 -40.03 -23.69 7.20
C GLY C 366 -41.48 -24.10 7.05
N LYS C 367 -41.80 -25.36 7.37
CA LYS C 367 -43.16 -25.87 7.26
C LYS C 367 -43.84 -25.96 8.62
N SER C 368 -45.17 -25.89 8.64
CA SER C 368 -45.95 -25.99 9.88
C SER C 368 -45.94 -27.41 10.43
N LEU C 369 -46.23 -27.57 11.73
CA LEU C 369 -46.33 -28.89 12.39
C LEU C 369 -47.35 -29.78 11.67
N GLU C 370 -48.43 -29.17 11.14
CA GLU C 370 -49.49 -29.84 10.39
C GLU C 370 -48.94 -30.46 9.10
N PHE C 371 -48.11 -29.72 8.34
CA PHE C 371 -47.52 -30.24 7.10
C PHE C 371 -46.64 -31.46 7.37
N ARG C 372 -45.78 -31.35 8.40
CA ARG C 372 -44.84 -32.40 8.78
C ARG C 372 -45.55 -33.68 9.20
N ALA C 373 -46.58 -33.57 10.04
CA ALA C 373 -47.35 -34.74 10.50
C ALA C 373 -48.12 -35.44 9.39
N ASN C 374 -48.46 -34.71 8.31
CA ASN C 374 -49.17 -35.29 7.17
C ASN C 374 -48.25 -35.74 6.02
N ASN C 375 -46.93 -35.54 6.16
CA ASN C 375 -45.95 -35.92 5.14
C ASN C 375 -44.86 -36.77 5.73
N PRO C 376 -45.11 -38.07 5.96
CA PRO C 376 -44.09 -38.91 6.59
C PRO C 376 -43.01 -39.42 5.63
N ARG C 377 -41.82 -39.70 6.17
CA ARG C 377 -40.70 -40.29 5.43
C ARG C 377 -40.91 -41.77 5.60
N ASN C 378 -41.21 -42.52 4.53
CA ASN C 378 -41.44 -43.95 4.66
C ASN C 378 -40.11 -44.65 4.92
N PHE C 379 -39.77 -44.87 6.19
CA PHE C 379 -38.48 -45.45 6.55
C PHE C 379 -38.33 -46.92 6.21
N THR C 380 -37.08 -47.32 5.88
CA THR C 380 -36.75 -48.71 5.55
C THR C 380 -35.42 -49.09 6.20
N PHE C 381 -35.42 -50.17 7.01
CA PHE C 381 -34.19 -50.62 7.65
C PHE C 381 -33.57 -51.81 6.90
N LYS C 382 -32.23 -51.79 6.72
CA LYS C 382 -31.49 -52.85 6.05
C LYS C 382 -30.18 -53.09 6.78
N GLY C 383 -30.18 -54.05 7.70
CA GLY C 383 -28.99 -54.38 8.47
C GLY C 383 -29.23 -55.38 9.56
N ASP C 384 -28.21 -55.61 10.42
CA ASP C 384 -28.23 -56.54 11.55
C ASP C 384 -29.12 -55.97 12.65
N GLU C 385 -30.22 -56.67 13.01
CA GLU C 385 -31.12 -56.17 14.05
C GLU C 385 -30.65 -56.45 15.50
N SER C 386 -29.70 -57.38 15.66
CA SER C 386 -29.20 -57.77 16.99
C SER C 386 -28.21 -56.77 17.61
N LEU C 387 -27.85 -55.72 16.89
CA LEU C 387 -26.86 -54.76 17.35
C LEU C 387 -27.42 -53.68 18.26
N ASP C 388 -26.55 -53.06 19.07
CA ASP C 388 -26.90 -51.94 19.96
C ASP C 388 -26.71 -50.65 19.18
N TYR C 389 -27.81 -50.00 18.83
CA TYR C 389 -27.79 -48.82 17.98
C TYR C 389 -28.13 -47.51 18.66
N PHE C 390 -27.92 -46.42 17.92
CA PHE C 390 -28.28 -45.04 18.23
C PHE C 390 -28.46 -44.33 16.90
N LEU C 391 -29.47 -43.44 16.77
CA LEU C 391 -29.61 -42.72 15.51
C LEU C 391 -29.14 -41.28 15.67
N LEU C 392 -28.62 -40.72 14.58
CA LEU C 392 -28.12 -39.36 14.56
C LEU C 392 -28.73 -38.58 13.40
N ASP C 393 -29.09 -37.33 13.67
CA ASP C 393 -29.58 -36.38 12.69
C ASP C 393 -28.98 -34.98 12.95
N ASP C 394 -29.06 -34.08 11.96
CA ASP C 394 -28.48 -32.76 12.10
C ASP C 394 -29.32 -31.82 12.97
N ILE C 395 -30.66 -31.83 12.87
CA ILE C 395 -31.47 -30.91 13.68
C ILE C 395 -32.84 -31.46 14.08
N ILE C 396 -33.35 -31.01 15.24
CA ILE C 396 -34.68 -31.35 15.74
C ILE C 396 -35.50 -30.05 15.84
N THR C 397 -36.66 -30.00 15.18
CA THR C 397 -37.52 -28.83 15.23
C THR C 397 -38.82 -29.21 15.96
N THR C 398 -39.58 -30.17 15.43
CA THR C 398 -40.82 -30.61 16.07
C THR C 398 -40.77 -32.04 16.60
N GLY C 399 -39.70 -32.77 16.31
CA GLY C 399 -39.55 -34.14 16.73
C GLY C 399 -40.30 -35.14 15.87
N THR C 400 -40.99 -34.69 14.80
CA THR C 400 -41.75 -35.57 13.91
C THR C 400 -40.85 -36.66 13.29
N THR C 401 -39.76 -36.25 12.64
CA THR C 401 -38.81 -37.17 12.01
C THR C 401 -38.28 -38.22 12.99
N LEU C 402 -37.82 -37.80 14.18
CA LEU C 402 -37.27 -38.73 15.17
C LEU C 402 -38.32 -39.67 15.75
N LYS C 403 -39.51 -39.14 16.12
CA LYS C 403 -40.63 -39.96 16.61
C LYS C 403 -41.00 -41.04 15.61
N GLU C 404 -40.91 -40.73 14.31
CA GLU C 404 -41.23 -41.66 13.24
C GLU C 404 -40.17 -42.74 13.08
N ALA C 405 -38.88 -42.36 13.15
CA ALA C 405 -37.78 -43.31 13.03
C ALA C 405 -37.71 -44.27 14.22
N LEU C 406 -37.94 -43.74 15.43
CA LEU C 406 -37.91 -44.51 16.67
C LEU C 406 -39.09 -45.48 16.71
N LYS C 407 -40.29 -45.01 16.34
CA LYS C 407 -41.50 -45.85 16.29
C LYS C 407 -41.30 -46.98 15.30
N TYR C 408 -40.77 -46.70 14.09
CA TYR C 408 -40.50 -47.71 13.07
C TYR C 408 -39.49 -48.78 13.55
N LEU C 409 -38.34 -48.38 14.14
CA LEU C 409 -37.34 -49.33 14.60
C LEU C 409 -37.79 -50.15 15.82
N LYS C 410 -38.68 -49.57 16.64
CA LYS C 410 -39.26 -50.22 17.82
C LYS C 410 -40.14 -51.40 17.34
N THR C 411 -40.89 -51.24 16.22
CA THR C 411 -41.73 -52.31 15.66
C THR C 411 -40.90 -53.48 15.12
N LEU C 412 -39.64 -53.22 14.73
CA LEU C 412 -38.69 -54.21 14.22
C LEU C 412 -37.88 -54.87 15.36
N ASN C 413 -38.18 -54.54 16.63
CA ASN C 413 -37.50 -55.04 17.83
C ASN C 413 -36.00 -54.75 17.83
N ILE C 414 -35.63 -53.53 17.38
CA ILE C 414 -34.24 -53.10 17.31
C ILE C 414 -33.86 -52.23 18.53
N LYS C 415 -32.71 -52.55 19.18
CA LYS C 415 -32.19 -51.83 20.34
C LYS C 415 -31.69 -50.44 19.96
N VAL C 416 -32.46 -49.39 20.30
CA VAL C 416 -32.05 -48.01 20.06
C VAL C 416 -31.86 -47.38 21.43
N HIS C 417 -30.60 -47.20 21.86
CA HIS C 417 -30.26 -46.69 23.18
C HIS C 417 -30.56 -45.22 23.37
N PHE C 418 -30.45 -44.43 22.30
CA PHE C 418 -30.68 -42.98 22.33
C PHE C 418 -30.65 -42.43 20.90
N ALA C 419 -31.01 -41.15 20.76
CA ALA C 419 -30.94 -40.43 19.50
C ALA C 419 -30.14 -39.13 19.71
N ILE C 420 -29.41 -38.72 18.69
CA ILE C 420 -28.61 -37.50 18.72
C ILE C 420 -29.13 -36.59 17.65
N ALA C 421 -29.51 -35.36 17.99
CA ALA C 421 -29.92 -34.36 16.98
C ALA C 421 -29.01 -33.21 17.28
N LEU C 422 -27.89 -33.13 16.57
CA LEU C 422 -26.81 -32.14 16.75
C LEU C 422 -27.28 -30.74 17.13
N CYS C 423 -28.27 -30.26 16.43
CA CYS C 423 -28.78 -28.91 16.59
C CYS C 423 -30.26 -28.93 17.04
N SER C 424 -30.64 -27.97 17.89
CA SER C 424 -32.00 -27.85 18.38
C SER C 424 -32.71 -26.55 17.95
N ALA C 425 -33.87 -26.68 17.35
CA ALA C 425 -34.70 -25.52 16.99
C ALA C 425 -35.99 -25.47 17.86
N ASP C 426 -36.27 -26.52 18.67
CA ASP C 426 -37.44 -26.62 19.54
C ASP C 426 -37.24 -25.99 20.91
N GLU D 16 -15.12 52.67 -5.88
CA GLU D 16 -15.98 51.70 -6.56
C GLU D 16 -17.47 52.11 -6.52
N LYS D 17 -18.28 51.59 -7.49
CA LYS D 17 -19.68 51.93 -7.64
C LYS D 17 -20.63 50.81 -7.22
N VAL D 18 -20.19 49.91 -6.33
CA VAL D 18 -21.00 48.79 -5.84
C VAL D 18 -22.41 49.19 -5.40
N GLU D 19 -22.53 50.26 -4.59
CA GLU D 19 -23.84 50.73 -4.09
C GLU D 19 -24.71 51.34 -5.18
N MSE D 20 -24.11 51.83 -6.27
CA MSE D 20 -24.86 52.38 -7.40
C MSE D 20 -25.52 51.24 -8.17
O MSE D 20 -26.69 51.33 -8.49
CB MSE D 20 -23.91 53.17 -8.32
CG MSE D 20 -24.59 53.71 -9.56
SE MSE D 20 -23.32 53.98 -11.02
CE MSE D 20 -24.59 53.91 -12.53
N TYR D 21 -24.77 50.16 -8.41
CA TYR D 21 -25.28 48.97 -9.09
C TYR D 21 -26.35 48.28 -8.26
N ILE D 22 -26.23 48.30 -6.93
CA ILE D 22 -27.24 47.72 -6.03
C ILE D 22 -28.59 48.41 -6.22
N LYS D 23 -28.58 49.73 -6.44
CA LYS D 23 -29.80 50.51 -6.68
C LYS D 23 -30.35 50.24 -8.09
N ASN D 24 -29.45 50.10 -9.08
CA ASN D 24 -29.81 49.79 -10.47
C ASN D 24 -30.50 48.43 -10.64
N LEU D 25 -30.42 47.55 -9.62
CA LEU D 25 -31.09 46.24 -9.66
C LEU D 25 -32.62 46.39 -9.60
N GLN D 26 -33.13 47.48 -9.01
CA GLN D 26 -34.57 47.74 -8.93
C GLN D 26 -35.06 48.77 -9.97
N ASP D 27 -34.28 49.00 -11.04
CA ASP D 27 -34.66 49.95 -12.08
C ASP D 27 -35.77 49.38 -12.99
N ASP D 28 -36.48 50.26 -13.71
CA ASP D 28 -37.55 49.84 -14.61
C ASP D 28 -37.00 49.28 -15.93
N SER D 29 -35.83 49.78 -16.37
CA SER D 29 -35.19 49.35 -17.61
C SER D 29 -34.58 47.97 -17.45
N LEU D 30 -34.86 47.06 -18.39
CA LEU D 30 -34.35 45.70 -18.35
C LEU D 30 -32.84 45.68 -18.56
N THR D 31 -32.34 46.43 -19.55
CA THR D 31 -30.91 46.46 -19.85
C THR D 31 -30.09 47.04 -18.67
N VAL D 32 -30.68 47.91 -17.84
CA VAL D 32 -29.99 48.47 -16.68
C VAL D 32 -29.94 47.44 -15.55
N ARG D 33 -31.02 46.67 -15.35
CA ARG D 33 -31.08 45.63 -14.32
C ARG D 33 -30.08 44.49 -14.59
N ILE D 34 -29.94 44.10 -15.87
CA ILE D 34 -29.03 43.05 -16.30
C ILE D 34 -27.58 43.47 -16.14
N ASN D 35 -27.22 44.67 -16.60
CA ASN D 35 -25.86 45.18 -16.48
C ASN D 35 -25.44 45.34 -15.02
N ALA D 36 -26.39 45.66 -14.13
CA ALA D 36 -26.12 45.83 -12.71
C ALA D 36 -25.79 44.49 -12.06
N ALA D 37 -26.48 43.41 -12.47
CA ALA D 37 -26.24 42.07 -11.95
C ALA D 37 -24.90 41.54 -12.44
N ASN D 38 -24.57 41.80 -13.72
CA ASN D 38 -23.30 41.36 -14.30
C ASN D 38 -22.13 42.13 -13.70
N ALA D 39 -22.32 43.43 -13.44
CA ALA D 39 -21.26 44.25 -12.83
C ALA D 39 -21.00 43.76 -11.42
N LEU D 40 -22.06 43.47 -10.64
CA LEU D 40 -21.92 42.94 -9.28
C LEU D 40 -21.35 41.50 -9.21
N GLY D 41 -21.20 40.84 -10.36
CA GLY D 41 -20.56 39.53 -10.45
C GLY D 41 -19.04 39.68 -10.55
N LYS D 42 -18.57 40.78 -11.16
CA LYS D 42 -17.14 41.07 -11.29
C LYS D 42 -16.62 41.81 -10.06
N ILE D 43 -17.28 42.93 -9.67
CA ILE D 43 -16.88 43.73 -8.51
C ILE D 43 -17.69 43.36 -7.26
N GLY D 44 -17.99 42.07 -7.14
CA GLY D 44 -18.80 41.48 -6.08
C GLY D 44 -18.42 41.70 -4.64
N ASP D 45 -19.34 42.31 -3.90
CA ASP D 45 -19.20 42.59 -2.49
C ASP D 45 -20.30 41.83 -1.74
N GLU D 46 -20.09 41.53 -0.45
CA GLU D 46 -21.13 40.88 0.36
C GLU D 46 -22.40 41.74 0.50
N ARG D 47 -22.29 43.06 0.28
CA ARG D 47 -23.40 44.01 0.30
C ARG D 47 -24.37 43.76 -0.84
N ALA D 48 -23.89 43.16 -1.96
CA ALA D 48 -24.71 42.84 -3.12
C ALA D 48 -25.42 41.49 -3.03
N VAL D 49 -25.08 40.64 -2.04
CA VAL D 49 -25.70 39.32 -1.87
C VAL D 49 -27.22 39.41 -1.64
N GLU D 50 -27.69 40.13 -0.60
CA GLU D 50 -29.13 40.26 -0.35
C GLU D 50 -29.91 40.88 -1.54
N PRO D 51 -29.48 42.01 -2.15
CA PRO D 51 -30.18 42.52 -3.34
C PRO D 51 -30.20 41.51 -4.49
N LEU D 52 -29.11 40.72 -4.67
CA LEU D 52 -29.07 39.73 -5.76
C LEU D 52 -29.98 38.53 -5.48
N ILE D 53 -30.22 38.20 -4.20
CA ILE D 53 -31.15 37.13 -3.80
C ILE D 53 -32.59 37.53 -4.21
N LYS D 54 -32.93 38.81 -4.10
CA LYS D 54 -34.23 39.35 -4.51
C LYS D 54 -34.33 39.32 -6.04
N ALA D 55 -33.25 39.69 -6.74
CA ALA D 55 -33.16 39.68 -8.21
C ALA D 55 -33.35 38.27 -8.82
N LEU D 56 -33.22 37.20 -8.01
CA LEU D 56 -33.49 35.83 -8.44
C LEU D 56 -35.01 35.61 -8.68
N LYS D 57 -35.87 36.47 -8.10
CA LYS D 57 -37.33 36.39 -8.23
C LYS D 57 -37.88 37.41 -9.25
N ASP D 58 -37.05 37.80 -10.23
CA ASP D 58 -37.47 38.77 -11.24
C ASP D 58 -38.42 38.16 -12.28
N GLU D 59 -39.20 39.00 -12.96
CA GLU D 59 -40.15 38.59 -13.99
C GLU D 59 -39.41 38.05 -15.22
N ASP D 60 -38.29 38.70 -15.59
CA ASP D 60 -37.49 38.28 -16.74
C ASP D 60 -36.42 37.27 -16.35
N ALA D 61 -36.26 36.24 -17.18
CA ALA D 61 -35.28 35.17 -16.95
C ALA D 61 -33.83 35.64 -17.15
N LEU D 62 -33.60 36.67 -17.97
CA LEU D 62 -32.26 37.21 -18.21
C LEU D 62 -31.68 37.88 -16.95
N VAL D 63 -32.55 38.46 -16.11
CA VAL D 63 -32.15 39.07 -14.84
C VAL D 63 -31.92 37.97 -13.81
N ARG D 64 -32.82 36.98 -13.75
CA ARG D 64 -32.73 35.84 -12.85
C ARG D 64 -31.44 35.06 -13.05
N LEU D 65 -31.04 34.80 -14.30
CA LEU D 65 -29.82 34.04 -14.57
C LEU D 65 -28.57 34.85 -14.31
N SER D 66 -28.61 36.18 -14.51
CA SER D 66 -27.46 37.04 -14.25
C SER D 66 -27.23 37.19 -12.74
N ALA D 67 -28.32 37.26 -11.96
CA ALA D 67 -28.24 37.34 -10.50
C ALA D 67 -27.68 36.03 -9.94
N ALA D 68 -28.09 34.89 -10.52
CA ALA D 68 -27.62 33.58 -10.11
C ALA D 68 -26.12 33.43 -10.43
N TRP D 69 -25.70 33.91 -11.60
CA TRP D 69 -24.29 33.88 -12.01
C TRP D 69 -23.44 34.70 -11.04
N ALA D 70 -23.90 35.90 -10.69
CA ALA D 70 -23.19 36.83 -9.82
C ALA D 70 -23.07 36.31 -8.40
N LEU D 71 -24.09 35.60 -7.91
CA LEU D 71 -24.07 35.03 -6.56
C LEU D 71 -23.00 33.94 -6.39
N GLY D 72 -22.77 33.15 -7.44
CA GLY D 72 -21.73 32.13 -7.43
C GLY D 72 -20.35 32.73 -7.48
N LYS D 73 -20.20 33.84 -8.23
CA LYS D 73 -18.96 34.59 -8.36
C LYS D 73 -18.55 35.25 -7.04
N ILE D 74 -19.55 35.68 -6.24
CA ILE D 74 -19.29 36.27 -4.92
C ILE D 74 -18.93 35.16 -3.92
N GLY D 75 -19.63 34.04 -3.99
CA GLY D 75 -19.34 32.87 -3.17
C GLY D 75 -19.80 32.91 -1.73
N ASP D 76 -20.80 33.74 -1.43
CA ASP D 76 -21.32 33.84 -0.07
C ASP D 76 -22.32 32.74 0.23
N GLU D 77 -22.19 32.10 1.41
CA GLU D 77 -23.04 31.00 1.88
C GLU D 77 -24.53 31.40 2.02
N ARG D 78 -24.85 32.70 2.08
CA ARG D 78 -26.24 33.15 2.22
C ARG D 78 -27.08 32.86 0.97
N ALA D 79 -26.44 32.82 -0.21
CA ALA D 79 -27.11 32.57 -1.47
C ALA D 79 -27.43 31.09 -1.72
N VAL D 80 -26.92 30.17 -0.88
CA VAL D 80 -27.12 28.73 -1.08
C VAL D 80 -28.59 28.33 -1.09
N GLU D 81 -29.36 28.75 -0.08
CA GLU D 81 -30.79 28.40 -0.03
C GLU D 81 -31.60 28.99 -1.21
N PRO D 82 -31.53 30.30 -1.55
CA PRO D 82 -32.27 30.77 -2.74
C PRO D 82 -31.78 30.16 -4.07
N LEU D 83 -30.50 29.77 -4.17
CA LEU D 83 -30.00 29.12 -5.39
C LEU D 83 -30.54 27.69 -5.50
N ILE D 84 -30.81 27.02 -4.36
CA ILE D 84 -31.40 25.68 -4.30
C ILE D 84 -32.86 25.76 -4.83
N LYS D 85 -33.58 26.85 -4.53
CA LYS D 85 -34.92 27.08 -5.03
C LYS D 85 -34.87 27.40 -6.54
N ALA D 86 -33.82 28.11 -7.00
CA ALA D 86 -33.59 28.44 -8.41
C ALA D 86 -33.26 27.22 -9.29
N LEU D 87 -32.99 26.05 -8.66
CA LEU D 87 -32.78 24.80 -9.38
C LEU D 87 -34.12 24.25 -9.94
N LYS D 88 -35.26 24.66 -9.34
CA LYS D 88 -36.61 24.29 -9.78
C LYS D 88 -37.27 25.40 -10.65
N ASP D 89 -36.47 26.31 -11.21
CA ASP D 89 -36.97 27.41 -12.04
C ASP D 89 -37.57 26.92 -13.37
N GLU D 90 -38.51 27.68 -13.94
CA GLU D 90 -39.17 27.33 -15.20
C GLU D 90 -38.23 27.41 -16.41
N ASP D 91 -37.23 28.28 -16.36
CA ASP D 91 -36.29 28.46 -17.46
C ASP D 91 -35.04 27.59 -17.26
N SER D 92 -34.63 26.85 -18.30
CA SER D 92 -33.46 25.98 -18.22
C SER D 92 -32.11 26.73 -18.18
N ASP D 93 -32.11 28.01 -18.55
CA ASP D 93 -30.92 28.86 -18.50
C ASP D 93 -30.65 29.30 -17.05
N VAL D 94 -31.74 29.54 -16.28
CA VAL D 94 -31.65 29.95 -14.88
C VAL D 94 -31.25 28.76 -14.00
N ARG D 95 -31.77 27.56 -14.32
CA ARG D 95 -31.44 26.32 -13.61
C ARG D 95 -29.95 26.00 -13.77
N TYR D 96 -29.43 26.17 -15.00
CA TYR D 96 -28.03 25.96 -15.39
C TYR D 96 -27.10 26.88 -14.60
N ARG D 97 -27.51 28.13 -14.42
CA ARG D 97 -26.70 29.11 -13.71
C ARG D 97 -26.72 28.87 -12.21
N ALA D 98 -27.86 28.42 -11.67
CA ALA D 98 -28.00 28.12 -10.25
C ALA D 98 -27.19 26.90 -9.86
N ALA D 99 -27.16 25.88 -10.74
CA ALA D 99 -26.39 24.67 -10.51
C ALA D 99 -24.90 24.97 -10.53
N THR D 100 -24.43 25.78 -11.49
CA THR D 100 -23.02 26.15 -11.63
C THR D 100 -22.57 26.93 -10.41
N ALA D 101 -23.37 27.91 -9.98
CA ALA D 101 -23.08 28.77 -8.84
C ALA D 101 -23.00 28.00 -7.53
N LEU D 102 -23.84 26.98 -7.36
CA LEU D 102 -23.84 26.18 -6.14
C LEU D 102 -22.53 25.41 -5.94
N GLY D 103 -21.93 24.97 -7.03
CA GLY D 103 -20.64 24.29 -6.99
C GLY D 103 -19.51 25.27 -6.75
N GLN D 104 -19.63 26.48 -7.25
CA GLN D 104 -18.66 27.56 -7.08
C GLN D 104 -18.60 28.02 -5.61
N ILE D 105 -19.76 28.03 -4.92
CA ILE D 105 -19.82 28.36 -3.50
C ILE D 105 -19.21 27.16 -2.73
N GLY D 106 -19.66 25.94 -3.03
CA GLY D 106 -19.11 24.74 -2.43
C GLY D 106 -19.75 24.26 -1.14
N ASP D 107 -20.95 24.75 -0.83
CA ASP D 107 -21.65 24.36 0.37
C ASP D 107 -22.27 22.98 0.21
N GLU D 108 -22.09 22.15 1.24
CA GLU D 108 -22.59 20.78 1.35
C GLU D 108 -24.14 20.70 1.23
N ARG D 109 -24.85 21.79 1.58
CA ARG D 109 -26.32 21.83 1.55
C ARG D 109 -26.89 21.66 0.14
N ALA D 110 -26.10 22.00 -0.89
CA ALA D 110 -26.53 21.86 -2.27
C ALA D 110 -26.43 20.44 -2.81
N VAL D 111 -25.74 19.51 -2.10
CA VAL D 111 -25.52 18.13 -2.54
C VAL D 111 -26.82 17.41 -2.92
N GLU D 112 -27.79 17.28 -1.99
CA GLU D 112 -29.03 16.58 -2.32
C GLU D 112 -29.86 17.29 -3.41
N PRO D 113 -30.10 18.63 -3.38
CA PRO D 113 -30.76 19.30 -4.51
C PRO D 113 -30.05 19.12 -5.87
N LEU D 114 -28.70 19.11 -5.86
CA LEU D 114 -27.92 18.92 -7.10
C LEU D 114 -27.97 17.46 -7.59
N ILE D 115 -28.15 16.49 -6.67
CA ILE D 115 -28.29 15.07 -7.02
C ILE D 115 -29.60 14.87 -7.81
N LYS D 116 -30.66 15.62 -7.45
CA LYS D 116 -31.93 15.57 -8.17
C LYS D 116 -31.79 16.21 -9.55
N ALA D 117 -30.99 17.29 -9.66
CA ALA D 117 -30.71 17.98 -10.93
C ALA D 117 -29.99 17.12 -11.95
N LEU D 118 -29.37 16.01 -11.51
CA LEU D 118 -28.73 15.05 -12.41
C LEU D 118 -29.76 14.32 -13.30
N LYS D 119 -31.05 14.32 -12.89
CA LYS D 119 -32.15 13.70 -13.64
C LYS D 119 -33.01 14.76 -14.36
N ASP D 120 -32.46 15.95 -14.63
CA ASP D 120 -33.18 17.05 -15.28
C ASP D 120 -33.46 16.75 -16.75
N GLU D 121 -34.48 17.41 -17.34
CA GLU D 121 -34.82 17.23 -18.74
C GLU D 121 -33.73 17.83 -19.65
N ASP D 122 -33.19 18.98 -19.25
CA ASP D 122 -32.17 19.70 -20.00
C ASP D 122 -30.76 19.17 -19.70
N GLU D 123 -30.09 18.66 -20.74
CA GLU D 123 -28.74 18.11 -20.69
C GLU D 123 -27.69 19.08 -20.16
N ARG D 124 -27.93 20.40 -20.28
CA ARG D 124 -26.98 21.39 -19.75
C ARG D 124 -27.12 21.49 -18.23
N VAL D 125 -28.35 21.39 -17.71
CA VAL D 125 -28.59 21.42 -16.29
C VAL D 125 -27.99 20.17 -15.65
N ARG D 126 -28.11 18.99 -16.30
CA ARG D 126 -27.54 17.75 -15.77
C ARG D 126 -26.01 17.85 -15.71
N GLN D 127 -25.41 18.39 -16.77
CA GLN D 127 -23.97 18.54 -16.89
C GLN D 127 -23.40 19.51 -15.87
N SER D 128 -24.06 20.65 -15.68
CA SER D 128 -23.59 21.63 -14.71
C SER D 128 -23.78 21.16 -13.27
N ALA D 129 -24.78 20.31 -13.00
CA ALA D 129 -25.02 19.74 -11.68
C ALA D 129 -23.95 18.69 -11.35
N ALA D 130 -23.50 17.94 -12.36
CA ALA D 130 -22.46 16.94 -12.18
C ALA D 130 -21.12 17.61 -11.87
N GLY D 131 -20.81 18.70 -12.55
CA GLY D 131 -19.57 19.43 -12.32
C GLY D 131 -19.53 20.09 -10.97
N ALA D 132 -20.69 20.59 -10.51
CA ALA D 132 -20.87 21.24 -9.20
C ALA D 132 -20.68 20.23 -8.08
N LEU D 133 -21.17 18.98 -8.27
CA LEU D 133 -21.00 17.91 -7.30
C LEU D 133 -19.52 17.56 -7.10
N GLY D 134 -18.73 17.67 -8.17
CA GLY D 134 -17.30 17.41 -8.13
C GLY D 134 -16.55 18.54 -7.44
N GLN D 135 -17.03 19.79 -7.61
CA GLN D 135 -16.44 20.95 -6.98
C GLN D 135 -16.70 20.92 -5.48
N ILE D 136 -17.91 20.51 -5.05
CA ILE D 136 -18.27 20.37 -3.64
C ILE D 136 -17.44 19.24 -2.97
N GLY D 137 -17.25 18.14 -3.70
CA GLY D 137 -16.41 17.04 -3.26
C GLY D 137 -16.99 16.10 -2.23
N ASP D 138 -18.29 16.18 -1.97
CA ASP D 138 -18.95 15.33 -1.00
C ASP D 138 -19.12 13.93 -1.55
N GLU D 139 -18.89 12.93 -0.70
CA GLU D 139 -18.96 11.51 -0.99
C GLU D 139 -20.38 11.04 -1.39
N ARG D 140 -21.43 11.74 -0.93
CA ARG D 140 -22.81 11.35 -1.21
C ARG D 140 -23.15 11.37 -2.69
N ALA D 141 -22.41 12.18 -3.49
CA ALA D 141 -22.61 12.29 -4.92
C ALA D 141 -22.00 11.15 -5.74
N VAL D 142 -21.17 10.29 -5.13
CA VAL D 142 -20.49 9.23 -5.86
C VAL D 142 -21.45 8.26 -6.58
N GLU D 143 -22.41 7.64 -5.87
CA GLU D 143 -23.37 6.74 -6.51
C GLU D 143 -24.22 7.43 -7.61
N PRO D 144 -24.87 8.59 -7.38
CA PRO D 144 -25.59 9.26 -8.49
C PRO D 144 -24.72 9.65 -9.69
N LEU D 145 -23.46 10.05 -9.46
CA LEU D 145 -22.53 10.39 -10.55
C LEU D 145 -22.12 9.13 -11.34
N ILE D 146 -22.10 7.96 -10.69
CA ILE D 146 -21.79 6.67 -11.33
C ILE D 146 -22.92 6.31 -12.32
N LYS D 147 -24.18 6.62 -11.95
CA LYS D 147 -25.34 6.39 -12.82
C LYS D 147 -25.27 7.34 -14.01
N ALA D 148 -24.85 8.61 -13.77
CA ALA D 148 -24.67 9.66 -14.79
C ALA D 148 -23.63 9.32 -15.85
N LEU D 149 -22.73 8.36 -15.56
CA LEU D 149 -21.75 7.84 -16.53
C LEU D 149 -22.44 7.02 -17.66
N LYS D 150 -23.75 6.76 -17.53
CA LYS D 150 -24.56 6.06 -18.52
C LYS D 150 -25.64 7.01 -19.09
N ASP D 151 -25.42 8.33 -19.08
CA ASP D 151 -26.36 9.31 -19.61
C ASP D 151 -26.39 9.25 -21.14
N GLU D 152 -27.51 9.67 -21.75
CA GLU D 152 -27.63 9.68 -23.22
C GLU D 152 -26.70 10.73 -23.85
N ASP D 153 -26.41 11.84 -23.12
CA ASP D 153 -25.57 12.93 -23.60
C ASP D 153 -24.13 12.73 -23.15
N TRP D 154 -23.19 12.66 -24.11
CA TRP D 154 -21.78 12.47 -23.83
C TRP D 154 -21.17 13.59 -22.99
N ARG D 155 -21.72 14.80 -23.07
CA ARG D 155 -21.22 15.92 -22.28
C ARG D 155 -21.51 15.73 -20.79
N VAL D 156 -22.64 15.09 -20.46
CA VAL D 156 -23.00 14.75 -19.10
C VAL D 156 -22.11 13.60 -18.61
N ARG D 157 -21.87 12.59 -19.46
CA ARG D 157 -21.01 11.47 -19.11
C ARG D 157 -19.58 11.96 -18.82
N GLN D 158 -19.05 12.84 -19.68
CA GLN D 158 -17.72 13.41 -19.54
C GLN D 158 -17.60 14.19 -18.24
N GLU D 159 -18.60 15.04 -17.93
CA GLU D 159 -18.61 15.83 -16.71
C GLU D 159 -18.76 14.98 -15.45
N ALA D 160 -19.48 13.84 -15.52
CA ALA D 160 -19.64 12.94 -14.38
C ALA D 160 -18.34 12.18 -14.12
N ALA D 161 -17.58 11.84 -15.18
CA ALA D 161 -16.29 11.16 -15.06
C ALA D 161 -15.26 12.10 -14.44
N PHE D 162 -15.26 13.38 -14.85
CA PHE D 162 -14.34 14.39 -14.31
C PHE D 162 -14.67 14.64 -12.83
N ALA D 163 -15.96 14.66 -12.46
CA ALA D 163 -16.40 14.89 -11.08
C ALA D 163 -16.02 13.74 -10.17
N LEU D 164 -16.07 12.49 -10.68
CA LEU D 164 -15.68 11.33 -9.91
C LEU D 164 -14.18 11.34 -9.59
N GLY D 165 -13.37 11.89 -10.48
CA GLY D 165 -11.93 12.02 -10.29
C GLY D 165 -11.59 13.10 -9.29
N GLN D 166 -12.41 14.16 -9.24
CA GLN D 166 -12.23 15.25 -8.29
C GLN D 166 -12.62 14.80 -6.88
N ILE D 167 -13.62 13.90 -6.75
CA ILE D 167 -13.98 13.38 -5.45
C ILE D 167 -12.90 12.39 -4.97
N GLY D 168 -12.39 11.56 -5.87
CA GLY D 168 -11.31 10.64 -5.55
C GLY D 168 -11.71 9.41 -4.76
N ASP D 169 -13.01 9.07 -4.77
CA ASP D 169 -13.54 7.91 -4.07
C ASP D 169 -13.29 6.68 -4.93
N GLU D 170 -12.75 5.58 -4.34
CA GLU D 170 -12.44 4.34 -5.06
C GLU D 170 -13.66 3.57 -5.54
N ARG D 171 -14.86 3.92 -5.06
CA ARG D 171 -16.09 3.26 -5.51
C ARG D 171 -16.34 3.47 -7.00
N ALA D 172 -15.72 4.49 -7.60
CA ALA D 172 -15.86 4.87 -9.00
C ALA D 172 -14.87 4.19 -9.94
N VAL D 173 -13.84 3.52 -9.41
CA VAL D 173 -12.81 2.87 -10.22
C VAL D 173 -13.40 1.90 -11.27
N GLU D 174 -14.17 0.89 -10.86
CA GLU D 174 -14.72 -0.08 -11.82
C GLU D 174 -15.70 0.55 -12.82
N PRO D 175 -16.68 1.40 -12.42
CA PRO D 175 -17.50 2.09 -13.45
C PRO D 175 -16.68 2.96 -14.43
N LEU D 176 -15.60 3.61 -13.96
CA LEU D 176 -14.73 4.45 -14.80
C LEU D 176 -13.86 3.58 -15.75
N ILE D 177 -13.49 2.37 -15.31
CA ILE D 177 -12.73 1.44 -16.17
C ILE D 177 -13.63 0.99 -17.34
N LYS D 178 -14.94 0.82 -17.08
CA LYS D 178 -15.91 0.48 -18.11
C LYS D 178 -16.17 1.66 -19.05
N ALA D 179 -15.99 2.90 -18.58
CA ALA D 179 -16.13 4.13 -19.35
C ALA D 179 -14.97 4.33 -20.35
N LEU D 180 -13.83 3.64 -20.15
CA LEU D 180 -12.73 3.67 -21.13
C LEU D 180 -13.17 3.01 -22.46
N LYS D 181 -14.26 2.24 -22.46
CA LYS D 181 -14.82 1.62 -23.66
C LYS D 181 -16.07 2.40 -24.14
N ASP D 182 -16.15 3.70 -23.86
CA ASP D 182 -17.28 4.54 -24.27
C ASP D 182 -17.12 4.88 -25.75
N GLU D 183 -18.22 5.20 -26.43
CA GLU D 183 -18.16 5.56 -27.85
C GLU D 183 -17.55 6.95 -28.10
N ASP D 184 -17.59 7.84 -27.11
CA ASP D 184 -17.06 9.20 -27.24
C ASP D 184 -15.61 9.33 -26.74
N SER D 185 -14.75 10.03 -27.53
CA SER D 185 -13.33 10.21 -27.24
C SER D 185 -13.04 11.11 -26.04
N ALA D 186 -13.88 12.13 -25.83
CA ALA D 186 -13.72 13.04 -24.71
C ALA D 186 -14.14 12.35 -23.39
N VAL D 187 -15.14 11.44 -23.45
CA VAL D 187 -15.58 10.68 -22.30
C VAL D 187 -14.51 9.68 -21.88
N ARG D 188 -13.87 9.02 -22.83
CA ARG D 188 -12.79 8.07 -22.51
C ARG D 188 -11.63 8.81 -21.83
N TRP D 189 -11.29 10.01 -22.36
CA TRP D 189 -10.25 10.89 -21.86
C TRP D 189 -10.56 11.34 -20.44
N ALA D 190 -11.81 11.76 -20.17
CA ALA D 190 -12.22 12.16 -18.82
C ALA D 190 -12.10 10.99 -17.84
N ALA D 191 -12.51 9.78 -18.26
CA ALA D 191 -12.46 8.56 -17.42
C ALA D 191 -11.03 8.14 -17.11
N ALA D 192 -10.12 8.23 -18.09
CA ALA D 192 -8.70 7.89 -17.89
C ALA D 192 -8.06 8.86 -16.91
N LEU D 193 -8.43 10.16 -16.98
CA LEU D 193 -7.92 11.20 -16.07
C LEU D 193 -8.38 10.95 -14.64
N ALA D 194 -9.67 10.65 -14.46
CA ALA D 194 -10.30 10.33 -13.20
C ALA D 194 -9.63 9.12 -12.56
N LEU D 195 -9.28 8.11 -13.37
CA LEU D 195 -8.60 6.92 -12.87
C LEU D 195 -7.23 7.28 -12.34
N GLY D 196 -6.45 8.07 -13.09
CA GLY D 196 -5.12 8.50 -12.66
C GLY D 196 -5.13 9.36 -11.40
N LYS D 197 -6.21 10.13 -11.20
CA LYS D 197 -6.37 10.97 -10.01
C LYS D 197 -6.63 10.15 -8.75
N ILE D 198 -7.28 8.96 -8.91
CA ILE D 198 -7.61 8.04 -7.84
C ILE D 198 -6.42 7.14 -7.51
N GLY D 199 -5.80 6.60 -8.53
CA GLY D 199 -4.60 5.77 -8.38
C GLY D 199 -4.86 4.39 -7.81
N GLY D 200 -3.81 3.59 -7.70
CA GLY D 200 -3.94 2.25 -7.14
C GLY D 200 -3.57 1.15 -8.09
N GLU D 201 -3.74 -0.11 -7.64
CA GLU D 201 -3.42 -1.31 -8.38
C GLU D 201 -4.38 -1.64 -9.52
N ARG D 202 -5.68 -1.39 -9.32
CA ARG D 202 -6.65 -1.62 -10.39
C ARG D 202 -6.49 -0.57 -11.49
N VAL D 203 -6.13 0.67 -11.11
CA VAL D 203 -5.87 1.78 -12.00
C VAL D 203 -4.60 1.52 -12.79
N ARG D 204 -3.53 1.05 -12.13
CA ARG D 204 -2.25 0.74 -12.79
C ARG D 204 -2.43 -0.29 -13.89
N ALA D 205 -3.24 -1.32 -13.62
CA ALA D 205 -3.53 -2.40 -14.57
C ALA D 205 -4.37 -1.90 -15.73
N ALA D 206 -5.34 -1.01 -15.47
CA ALA D 206 -6.20 -0.40 -16.49
C ALA D 206 -5.38 0.55 -17.38
N MSE D 207 -4.39 1.25 -16.79
CA MSE D 207 -3.51 2.15 -17.53
C MSE D 207 -2.58 1.37 -18.45
O MSE D 207 -2.26 1.85 -19.53
CB MSE D 207 -2.70 3.06 -16.60
CG MSE D 207 -3.55 4.05 -15.82
SE MSE D 207 -4.69 5.22 -16.88
CE MSE D 207 -4.38 6.82 -15.88
N GLU D 208 -2.14 0.19 -18.02
CA GLU D 208 -1.25 -0.65 -18.82
C GLU D 208 -1.93 -1.18 -20.07
N LYS D 209 -3.23 -1.51 -19.97
CA LYS D 209 -4.02 -1.95 -21.12
C LYS D 209 -4.37 -0.75 -22.02
N LEU D 210 -4.69 0.42 -21.43
CA LEU D 210 -5.05 1.63 -22.17
C LEU D 210 -3.87 2.25 -22.93
N ALA D 211 -2.66 2.17 -22.37
CA ALA D 211 -1.48 2.70 -23.04
C ALA D 211 -1.09 1.88 -24.27
N GLU D 212 -1.30 0.57 -24.19
CA GLU D 212 -0.98 -0.37 -25.23
C GLU D 212 -2.06 -0.45 -26.32
N THR D 213 -3.36 -0.48 -25.94
CA THR D 213 -4.47 -0.66 -26.88
C THR D 213 -5.40 0.55 -27.13
N GLY D 214 -5.22 1.64 -26.39
CA GLY D 214 -6.09 2.81 -26.52
C GLY D 214 -5.62 3.81 -27.55
N THR D 215 -6.44 4.84 -27.82
CA THR D 215 -6.11 5.88 -28.79
C THR D 215 -6.46 7.30 -28.29
N GLY D 216 -5.86 8.32 -28.90
CA GLY D 216 -6.14 9.72 -28.65
C GLY D 216 -5.59 10.24 -27.34
N PHE D 217 -6.33 11.17 -26.73
CA PHE D 217 -5.90 11.75 -25.48
C PHE D 217 -6.02 10.79 -24.31
N ALA D 218 -6.92 9.78 -24.39
CA ALA D 218 -7.06 8.77 -23.35
C ALA D 218 -5.76 7.95 -23.25
N ARG D 219 -5.17 7.58 -24.41
CA ARG D 219 -3.91 6.87 -24.49
C ARG D 219 -2.74 7.75 -24.01
N LYS D 220 -2.76 9.06 -24.32
CA LYS D 220 -1.71 9.98 -23.89
C LYS D 220 -1.59 9.99 -22.37
N VAL D 221 -2.72 10.12 -21.66
CA VAL D 221 -2.82 10.10 -20.20
C VAL D 221 -2.24 8.81 -19.65
N ALA D 222 -2.59 7.68 -20.25
CA ALA D 222 -2.12 6.36 -19.84
C ALA D 222 -0.62 6.21 -19.99
N VAL D 223 -0.04 6.62 -21.14
CA VAL D 223 1.39 6.56 -21.43
C VAL D 223 2.16 7.42 -20.43
N ASN D 224 1.68 8.64 -20.19
CA ASN D 224 2.33 9.56 -19.25
C ASN D 224 2.24 9.08 -17.80
N TYR D 225 1.11 8.44 -17.42
CA TYR D 225 0.93 7.90 -16.07
C TYR D 225 1.92 6.74 -15.86
N LEU D 226 2.09 5.87 -16.86
CA LEU D 226 3.00 4.75 -16.75
C LEU D 226 4.48 5.16 -16.74
N GLU D 227 4.81 6.32 -17.30
CA GLU D 227 6.18 6.80 -17.30
C GLU D 227 6.65 7.06 -15.87
N THR D 228 5.77 7.60 -15.02
CA THR D 228 6.14 7.91 -13.63
C THR D 228 5.75 6.82 -12.63
N HIS D 229 4.60 6.16 -12.80
CA HIS D 229 4.15 5.14 -11.85
C HIS D 229 4.51 3.71 -12.23
N GLY D 230 4.26 3.34 -13.48
CA GLY D 230 4.51 1.99 -13.97
C GLY D 230 5.95 1.65 -14.27
N GLY D 231 6.11 0.57 -15.04
CA GLY D 231 7.41 0.03 -15.47
C GLY D 231 8.37 -0.35 -14.35
N SER D 232 7.91 -0.23 -13.11
CA SER D 232 8.63 -0.48 -11.88
C SER D 232 9.44 -1.77 -11.92
N ALA D 233 10.70 -1.63 -11.56
CA ALA D 233 11.71 -2.68 -11.44
C ALA D 233 12.81 -2.11 -10.51
N GLY D 234 13.74 -2.96 -10.07
CA GLY D 234 14.85 -2.48 -9.24
C GLY D 234 15.73 -1.54 -10.03
N SER D 235 16.16 -1.99 -11.22
CA SER D 235 17.02 -1.20 -12.10
C SER D 235 16.40 -0.84 -13.48
N PRO D 236 15.18 -0.23 -13.56
CA PRO D 236 14.66 0.16 -14.86
C PRO D 236 15.29 1.48 -15.24
N MET D 237 15.69 1.61 -16.52
CA MET D 237 16.33 2.83 -17.00
C MET D 237 15.43 4.06 -16.75
N ARG D 238 15.88 5.02 -15.93
CA ARG D 238 15.13 6.22 -15.60
C ARG D 238 15.89 7.53 -15.88
N CYS D 239 15.17 8.65 -16.04
CA CYS D 239 15.76 9.96 -16.22
C CYS D 239 16.35 10.38 -14.87
N LEU D 240 17.54 11.01 -14.89
CA LEU D 240 18.21 11.38 -13.65
C LEU D 240 17.87 12.75 -13.08
N THR D 241 16.92 13.50 -13.69
CA THR D 241 16.51 14.78 -13.09
C THR D 241 15.00 14.81 -12.76
N CYS D 242 14.21 13.85 -13.26
CA CYS D 242 12.79 13.78 -12.95
C CYS D 242 12.30 12.38 -12.64
N LEU D 243 13.17 11.34 -12.76
CA LEU D 243 12.87 9.94 -12.41
C LEU D 243 11.83 9.26 -13.30
N LYS D 244 11.40 9.91 -14.36
CA LYS D 244 10.44 9.35 -15.30
C LYS D 244 11.13 8.23 -16.08
N LEU D 245 10.41 7.18 -16.50
CA LEU D 245 11.00 6.10 -17.30
C LEU D 245 11.56 6.65 -18.61
N SER D 246 12.87 6.50 -18.82
CA SER D 246 13.53 7.03 -20.00
C SER D 246 14.75 6.18 -20.32
N PHE D 247 14.93 5.74 -21.59
CA PHE D 247 16.10 4.95 -21.99
C PHE D 247 17.37 5.81 -21.89
N LYS D 248 17.28 7.10 -22.23
CA LYS D 248 18.40 8.01 -22.11
C LYS D 248 18.40 8.60 -20.68
N PRO D 249 19.58 8.83 -20.06
CA PRO D 249 19.59 9.32 -18.67
C PRO D 249 19.04 10.74 -18.45
N LEU D 250 18.56 11.39 -19.52
CA LEU D 250 17.92 12.69 -19.44
C LEU D 250 16.82 12.68 -20.48
N CYS D 251 15.57 12.79 -20.04
CA CYS D 251 14.43 12.81 -20.95
C CYS D 251 14.43 14.11 -21.76
N PRO D 252 13.80 14.14 -22.95
CA PRO D 252 13.82 15.36 -23.77
C PRO D 252 13.31 16.61 -23.05
N ASN D 253 12.29 16.46 -22.17
CA ASN D 253 11.76 17.59 -21.40
C ASN D 253 12.82 18.18 -20.47
N CYS D 254 13.58 17.33 -19.77
CA CYS D 254 14.64 17.74 -18.87
C CYS D 254 15.84 18.29 -19.62
N LEU D 255 16.14 17.72 -20.77
CA LEU D 255 17.25 18.17 -21.61
C LEU D 255 16.95 19.57 -22.17
N ASN D 256 15.69 19.80 -22.56
CA ASN D 256 15.20 21.08 -23.07
C ASN D 256 15.24 22.17 -21.98
N ASP D 257 15.03 21.80 -20.72
CA ASP D 257 15.07 22.73 -19.60
C ASP D 257 16.51 23.14 -19.21
N LEU D 258 17.54 22.45 -19.72
CA LEU D 258 18.91 22.79 -19.39
C LEU D 258 19.36 24.06 -20.11
N PRO D 259 19.79 25.07 -19.32
CA PRO D 259 20.16 26.36 -19.92
C PRO D 259 21.39 26.35 -20.81
N LEU D 260 21.17 26.51 -22.12
CA LEU D 260 22.22 26.57 -23.11
C LEU D 260 22.68 28.04 -23.25
N SER D 261 23.87 28.40 -22.71
CA SER D 261 24.41 29.77 -22.82
C SER D 261 25.69 29.88 -23.68
N LEU D 262 25.53 30.26 -24.97
CA LEU D 262 26.65 30.38 -25.91
C LEU D 262 27.60 31.56 -25.65
N LYS D 263 28.90 31.27 -25.50
CA LYS D 263 29.94 32.28 -25.32
C LYS D 263 31.10 32.05 -26.32
N VAL D 264 31.84 33.11 -26.69
CA VAL D 264 32.98 32.98 -27.60
C VAL D 264 34.20 33.74 -27.05
N ARG D 265 35.38 33.12 -27.08
CA ARG D 265 36.66 33.72 -26.72
C ARG D 265 37.63 33.43 -27.85
N VAL D 266 38.66 34.28 -28.04
CA VAL D 266 39.67 34.01 -29.05
C VAL D 266 40.96 33.60 -28.37
N LEU D 267 41.42 32.37 -28.62
CA LEU D 267 42.63 31.84 -28.02
C LEU D 267 43.58 31.48 -29.15
N GLU D 268 44.77 32.12 -29.22
CA GLU D 268 45.77 31.87 -30.28
C GLU D 268 45.22 32.17 -31.68
N GLY D 269 44.33 33.15 -31.78
CA GLY D 269 43.68 33.48 -33.05
C GLY D 269 42.49 32.60 -33.40
N VAL D 270 42.35 31.45 -32.73
CA VAL D 270 41.27 30.48 -32.94
C VAL D 270 40.05 30.81 -32.07
N SER D 271 38.84 30.79 -32.64
CA SER D 271 37.62 31.08 -31.90
C SER D 271 37.17 29.85 -31.12
N VAL D 272 36.97 30.00 -29.80
CA VAL D 272 36.55 28.95 -28.90
C VAL D 272 35.09 29.15 -28.47
N TYR D 273 34.25 28.14 -28.72
CA TYR D 273 32.83 28.19 -28.40
C TYR D 273 32.45 27.32 -27.20
N SER D 274 31.75 27.90 -26.22
CA SER D 274 31.21 27.17 -25.05
C SER D 274 29.68 27.22 -25.10
N PHE D 275 29.02 26.21 -24.52
CA PHE D 275 27.57 26.11 -24.65
C PHE D 275 26.80 26.05 -23.35
N TYR D 276 27.47 25.81 -22.23
CA TYR D 276 26.81 25.70 -20.93
C TYR D 276 27.66 26.36 -19.86
N ALA D 277 27.02 26.87 -18.80
CA ALA D 277 27.76 27.44 -17.69
C ALA D 277 27.99 26.35 -16.65
N TYR D 278 29.19 26.27 -16.07
CA TYR D 278 29.51 25.25 -15.07
C TYR D 278 28.57 25.33 -13.87
N SER D 279 28.20 26.54 -13.46
CA SER D 279 27.29 26.75 -12.33
C SER D 279 25.88 26.19 -12.55
N GLU D 280 25.48 25.97 -13.81
CA GLU D 280 24.14 25.45 -14.11
C GLU D 280 24.11 23.94 -14.35
N ILE D 281 25.24 23.32 -14.69
CA ILE D 281 25.31 21.87 -14.93
C ILE D 281 26.40 21.20 -14.08
N GLU D 282 26.81 21.81 -12.95
CA GLU D 282 27.86 21.37 -12.04
C GLU D 282 27.83 19.88 -11.69
N GLU D 283 26.67 19.35 -11.27
CA GLU D 283 26.52 17.95 -10.86
C GLU D 283 26.70 16.98 -12.03
N LEU D 284 26.22 17.38 -13.23
CA LEU D 284 26.36 16.56 -14.45
C LEU D 284 27.83 16.51 -14.88
N ILE D 285 28.57 17.62 -14.73
CA ILE D 285 30.00 17.68 -15.05
C ILE D 285 30.78 16.86 -14.02
N LYS D 286 30.51 17.08 -12.73
CA LYS D 286 31.18 16.34 -11.64
C LYS D 286 31.00 14.82 -11.79
N SER D 287 29.88 14.39 -12.39
CA SER D 287 29.63 12.97 -12.56
C SER D 287 30.18 12.40 -13.86
N LYS D 288 31.13 13.07 -14.51
CA LYS D 288 31.72 12.57 -15.76
C LYS D 288 32.48 11.26 -15.56
N TYR D 289 33.03 11.01 -14.36
CA TYR D 289 33.74 9.76 -14.09
C TYR D 289 32.92 8.74 -13.28
N ALA D 290 31.60 8.95 -13.20
CA ALA D 290 30.70 8.02 -12.52
C ALA D 290 30.14 7.10 -13.59
N LEU D 291 29.91 5.84 -13.25
CA LEU D 291 29.37 4.85 -14.18
C LEU D 291 28.01 5.30 -14.74
N ILE D 292 27.05 5.59 -13.84
CA ILE D 292 25.70 5.98 -14.24
C ILE D 292 25.66 7.36 -14.92
N GLY D 293 26.20 8.37 -14.26
CA GLY D 293 26.23 9.72 -14.79
C GLY D 293 27.20 9.97 -15.93
N SER D 294 27.72 8.90 -16.56
CA SER D 294 28.67 9.06 -17.65
C SER D 294 27.97 9.48 -18.96
N ARG D 295 26.93 8.73 -19.41
CA ARG D 295 26.18 8.96 -20.65
C ARG D 295 25.30 10.21 -20.66
N ILE D 296 25.47 11.10 -19.69
CA ILE D 296 24.71 12.33 -19.64
C ILE D 296 25.39 13.42 -20.48
N LEU D 297 26.72 13.48 -20.44
CA LEU D 297 27.50 14.47 -21.16
C LEU D 297 27.35 14.35 -22.70
N PRO D 298 27.43 13.14 -23.31
CA PRO D 298 27.14 13.03 -24.75
C PRO D 298 25.76 13.56 -25.17
N LEU D 299 24.77 13.55 -24.26
CA LEU D 299 23.43 14.10 -24.53
C LEU D 299 23.50 15.63 -24.60
N LEU D 300 24.30 16.24 -23.70
CA LEU D 300 24.50 17.68 -23.64
C LEU D 300 25.27 18.16 -24.85
N SER D 301 26.29 17.39 -25.30
CA SER D 301 27.07 17.77 -26.48
C SER D 301 26.29 17.54 -27.78
N GLN D 302 25.29 16.66 -27.78
CA GLN D 302 24.44 16.48 -28.94
C GLN D 302 23.53 17.72 -29.07
N LYS D 303 23.01 18.23 -27.92
CA LYS D 303 22.18 19.43 -27.88
C LYS D 303 22.98 20.63 -28.36
N ALA D 304 24.26 20.74 -27.91
CA ALA D 304 25.18 21.81 -28.26
C ALA D 304 25.58 21.77 -29.73
N GLY D 305 25.90 20.58 -30.24
CA GLY D 305 26.27 20.40 -31.64
C GLY D 305 25.17 20.73 -32.62
N ALA D 306 23.91 20.53 -32.21
CA ALA D 306 22.74 20.83 -33.03
C ALA D 306 22.57 22.34 -33.20
N GLU D 307 22.89 23.12 -32.16
CA GLU D 307 22.85 24.57 -32.25
C GLU D 307 24.07 25.09 -33.00
N PHE D 308 25.24 24.45 -32.79
CA PHE D 308 26.47 24.87 -33.45
C PHE D 308 26.44 24.65 -34.96
N VAL D 309 25.82 23.57 -35.41
CA VAL D 309 25.67 23.27 -36.83
C VAL D 309 24.83 24.37 -37.54
N LYS D 310 23.88 25.00 -36.82
CA LYS D 310 23.07 26.09 -37.34
C LYS D 310 23.92 27.39 -37.44
N ILE D 311 24.88 27.56 -36.51
CA ILE D 311 25.81 28.68 -36.49
C ILE D 311 26.76 28.60 -37.70
N LEU D 312 27.27 27.40 -38.01
CA LEU D 312 28.14 27.16 -39.15
C LEU D 312 27.41 27.44 -40.46
N GLN D 313 26.13 27.11 -40.55
CA GLN D 313 25.35 27.37 -41.76
C GLN D 313 25.11 28.86 -41.97
N GLU D 314 24.91 29.60 -40.88
CA GLU D 314 24.72 31.04 -40.89
C GLU D 314 26.05 31.74 -41.25
N GLN D 315 27.19 31.20 -40.77
CA GLN D 315 28.53 31.71 -41.07
C GLN D 315 28.90 31.46 -42.54
N GLY D 316 28.49 30.29 -43.06
CA GLY D 316 28.79 29.81 -44.41
C GLY D 316 29.87 28.73 -44.41
N LEU D 317 30.26 28.21 -43.22
CA LEU D 317 31.29 27.18 -43.11
C LEU D 317 30.65 25.81 -43.33
N ASN D 318 30.46 25.44 -44.61
CA ASN D 318 29.83 24.20 -45.00
C ASN D 318 30.80 23.10 -45.45
N ILE D 319 32.09 23.25 -45.12
CA ILE D 319 33.10 22.27 -45.47
C ILE D 319 33.05 21.08 -44.51
N PRO D 320 33.48 19.87 -44.92
CA PRO D 320 33.54 18.76 -43.97
C PRO D 320 34.61 19.05 -42.93
N LEU D 321 34.24 18.98 -41.64
CA LEU D 321 35.15 19.27 -40.54
C LEU D 321 35.40 18.01 -39.72
N TYR D 322 36.64 17.81 -39.25
CA TYR D 322 37.02 16.63 -38.49
C TYR D 322 37.35 16.94 -37.05
N GLY D 323 36.68 16.26 -36.14
CA GLY D 323 36.86 16.51 -34.71
C GLY D 323 38.01 15.77 -34.08
N ILE D 324 38.76 16.47 -33.24
CA ILE D 324 39.86 15.90 -32.47
C ILE D 324 39.50 16.11 -31.00
N ALA D 325 39.53 15.06 -30.18
CA ALA D 325 39.28 15.22 -28.75
C ALA D 325 40.56 14.92 -27.97
N ILE D 326 40.75 15.60 -26.82
CA ILE D 326 41.91 15.35 -25.97
C ILE D 326 41.72 13.97 -25.32
N ASP D 327 42.55 13.00 -25.71
CA ASP D 327 42.48 11.61 -25.26
C ASP D 327 42.48 11.45 -23.75
N ASP D 328 41.51 10.69 -23.23
CA ASP D 328 41.36 10.45 -21.80
C ASP D 328 42.20 9.29 -21.29
N LYS D 329 42.47 9.27 -19.97
CA LYS D 329 43.29 8.26 -19.31
C LYS D 329 42.42 7.15 -18.66
N ILE D 330 43.07 6.09 -18.15
CA ILE D 330 42.47 4.93 -17.47
C ILE D 330 41.65 5.30 -16.18
N LYS D 331 41.61 6.60 -15.82
CA LYS D 331 40.86 7.08 -14.66
C LYS D 331 39.33 7.18 -14.95
N SER D 332 38.93 7.20 -16.24
CA SER D 332 37.54 7.26 -16.71
C SER D 332 36.99 5.85 -16.99
N PHE D 333 35.65 5.66 -16.84
CA PHE D 333 34.94 4.40 -17.05
C PHE D 333 35.02 3.83 -18.47
N TYR D 334 34.83 4.70 -19.47
CA TYR D 334 34.91 4.36 -20.89
C TYR D 334 35.68 5.47 -21.65
N SER D 335 35.63 5.48 -23.00
CA SER D 335 36.25 6.55 -23.78
C SER D 335 35.30 7.77 -23.68
N HIS D 336 35.48 8.56 -22.60
CA HIS D 336 34.69 9.74 -22.27
C HIS D 336 34.75 10.81 -23.37
N SER D 337 35.97 11.16 -23.80
CA SER D 337 36.18 12.15 -24.86
C SER D 337 35.59 11.64 -26.17
N ALA D 338 35.78 10.37 -26.49
CA ALA D 338 35.24 9.78 -27.71
C ALA D 338 33.73 9.85 -27.76
N ALA D 339 33.07 9.61 -26.61
CA ALA D 339 31.62 9.66 -26.48
C ALA D 339 31.09 11.07 -26.58
N LEU D 340 31.82 12.02 -25.99
CA LEU D 340 31.47 13.44 -25.97
C LEU D 340 31.57 14.03 -27.40
N LEU D 341 32.61 13.59 -28.15
CA LEU D 341 32.84 14.01 -29.53
C LEU D 341 31.84 13.33 -30.47
N LYS D 342 31.57 12.03 -30.25
CA LYS D 342 30.61 11.28 -31.06
C LYS D 342 29.19 11.87 -30.96
N GLY D 343 28.85 12.39 -29.79
CA GLY D 343 27.57 13.02 -29.54
C GLY D 343 27.45 14.37 -30.23
N PHE D 344 28.52 15.18 -30.15
CA PHE D 344 28.58 16.52 -30.74
C PHE D 344 28.47 16.49 -32.26
N CYS D 345 29.23 15.60 -32.90
CA CYS D 345 29.31 15.46 -34.35
C CYS D 345 28.01 15.05 -35.02
N GLN D 346 27.62 15.89 -35.98
CA GLN D 346 26.44 15.79 -36.79
C GLN D 346 26.57 16.79 -37.94
N GLY D 347 25.82 16.56 -39.01
CA GLY D 347 25.88 17.41 -40.18
C GLY D 347 27.22 17.24 -40.88
N ASN D 348 27.92 18.35 -41.10
CA ASN D 348 29.22 18.32 -41.75
C ASN D 348 30.40 18.03 -40.77
N LEU D 349 30.11 17.78 -39.48
CA LEU D 349 31.12 17.47 -38.48
C LEU D 349 31.28 15.95 -38.40
N LYS D 350 32.51 15.45 -38.50
CA LYS D 350 32.81 14.02 -38.49
C LYS D 350 33.84 13.72 -37.41
N PRO D 351 33.65 12.67 -36.61
CA PRO D 351 34.61 12.39 -35.52
C PRO D 351 35.83 11.57 -35.91
N THR D 352 36.97 11.85 -35.26
CA THR D 352 38.23 11.12 -35.43
C THR D 352 38.73 10.72 -34.03
N TYR D 353 39.32 9.52 -33.90
CA TYR D 353 39.74 9.05 -32.58
C TYR D 353 41.23 8.77 -32.46
N GLY D 354 41.81 9.17 -31.33
CA GLY D 354 43.21 8.94 -31.01
C GLY D 354 44.22 9.73 -31.82
N ARG D 355 43.85 10.94 -32.27
CA ARG D 355 44.77 11.78 -33.04
C ARG D 355 45.61 12.66 -32.11
N LEU D 356 45.06 13.10 -30.96
CA LEU D 356 45.82 13.94 -30.04
C LEU D 356 45.83 13.39 -28.62
N ARG D 357 47.03 13.22 -28.04
CA ARG D 357 47.14 12.70 -26.67
C ARG D 357 48.20 13.44 -25.85
N ALA D 358 47.94 13.57 -24.54
CA ALA D 358 48.84 14.25 -23.61
C ALA D 358 49.79 13.22 -22.99
N ASN D 359 51.08 13.54 -22.90
CA ASN D 359 52.05 12.60 -22.34
C ASN D 359 52.08 12.56 -20.80
N ASN D 360 51.27 13.38 -20.14
CA ASN D 360 51.16 13.37 -18.68
C ASN D 360 49.70 13.51 -18.26
N ALA D 361 49.34 12.87 -17.13
CA ALA D 361 47.96 12.90 -16.65
C ALA D 361 47.74 13.88 -15.46
N VAL D 362 48.30 15.11 -15.55
CA VAL D 362 48.13 16.11 -14.48
C VAL D 362 46.69 16.68 -14.50
N SER D 363 46.12 16.91 -13.30
CA SER D 363 44.75 17.43 -13.21
C SER D 363 44.78 18.89 -12.76
N TYR D 364 44.16 19.77 -13.55
CA TYR D 364 44.13 21.21 -13.23
C TYR D 364 42.98 21.59 -12.30
N ALA D 365 42.05 20.67 -12.00
CA ALA D 365 40.91 20.94 -11.14
C ALA D 365 41.33 21.49 -9.77
N GLY D 366 40.86 22.70 -9.47
CA GLY D 366 41.15 23.38 -8.22
C GLY D 366 42.55 23.94 -8.09
N LYS D 367 43.26 24.07 -9.21
CA LYS D 367 44.62 24.61 -9.20
C LYS D 367 44.68 26.06 -9.69
N SER D 368 45.71 26.80 -9.25
CA SER D 368 45.88 28.19 -9.65
C SER D 368 46.35 28.30 -11.11
N LEU D 369 46.15 29.47 -11.74
CA LEU D 369 46.60 29.74 -13.11
C LEU D 369 48.12 29.50 -13.25
N GLU D 370 48.88 29.82 -12.18
CA GLU D 370 50.31 29.62 -12.11
C GLU D 370 50.70 28.14 -12.21
N PHE D 371 49.98 27.25 -11.48
CA PHE D 371 50.23 25.80 -11.52
C PHE D 371 50.02 25.26 -12.92
N ARG D 372 48.89 25.64 -13.55
CA ARG D 372 48.51 25.18 -14.88
C ARG D 372 49.52 25.59 -15.95
N ALA D 373 49.96 26.86 -15.93
CA ALA D 373 50.93 27.36 -16.91
C ALA D 373 52.32 26.70 -16.78
N ASN D 374 52.65 26.20 -15.58
CA ASN D 374 53.93 25.54 -15.34
C ASN D 374 53.87 24.00 -15.43
N ASN D 375 52.67 23.43 -15.69
CA ASN D 375 52.48 21.99 -15.82
C ASN D 375 51.80 21.66 -17.14
N PRO D 376 52.57 21.65 -18.23
CA PRO D 376 51.96 21.40 -19.54
C PRO D 376 51.70 19.93 -19.84
N ARG D 377 50.70 19.67 -20.69
CA ARG D 377 50.37 18.34 -21.18
C ARG D 377 51.21 18.25 -22.43
N ASN D 378 52.21 17.35 -22.47
CA ASN D 378 53.07 17.26 -23.66
C ASN D 378 52.28 16.61 -24.78
N PHE D 379 51.64 17.42 -25.63
CA PHE D 379 50.79 16.89 -26.69
C PHE D 379 51.54 16.20 -27.81
N THR D 380 50.89 15.18 -28.41
CA THR D 380 51.45 14.41 -29.53
C THR D 380 50.37 14.17 -30.58
N PHE D 381 50.61 14.58 -31.82
CA PHE D 381 49.64 14.37 -32.89
C PHE D 381 50.03 13.16 -33.76
N LYS D 382 49.03 12.32 -34.12
CA LYS D 382 49.22 11.15 -34.96
C LYS D 382 48.05 11.02 -35.93
N GLY D 383 48.22 11.56 -37.14
CA GLY D 383 47.18 11.52 -38.15
C GLY D 383 47.49 12.33 -39.38
N ASP D 384 46.50 12.48 -40.27
CA ASP D 384 46.58 13.22 -41.54
C ASP D 384 46.62 14.71 -41.24
N GLU D 385 47.70 15.42 -41.61
CA GLU D 385 47.79 16.86 -41.35
C GLU D 385 47.05 17.74 -42.37
N SER D 386 46.72 17.20 -43.53
CA SER D 386 46.06 17.94 -44.59
C SER D 386 44.56 18.17 -44.37
N LEU D 387 43.98 17.62 -43.30
CA LEU D 387 42.56 17.71 -43.03
C LEU D 387 42.14 19.00 -42.33
N ASP D 388 40.86 19.38 -42.47
CA ASP D 388 40.26 20.55 -41.82
C ASP D 388 39.73 20.10 -40.47
N TYR D 389 40.39 20.52 -39.39
CA TYR D 389 40.07 20.06 -38.05
C TYR D 389 39.43 21.10 -37.14
N PHE D 390 38.94 20.62 -36.00
CA PHE D 390 38.42 21.37 -34.87
C PHE D 390 38.68 20.53 -33.63
N LEU D 391 39.06 21.14 -32.50
CA LEU D 391 39.25 20.34 -31.28
C LEU D 391 38.10 20.55 -30.31
N LEU D 392 37.80 19.51 -29.53
CA LEU D 392 36.73 19.54 -28.57
C LEU D 392 37.23 19.06 -27.21
N ASP D 393 36.78 19.74 -26.16
CA ASP D 393 37.04 19.40 -24.76
C ASP D 393 35.77 19.61 -23.93
N ASP D 394 35.73 19.03 -22.72
CA ASP D 394 34.55 19.13 -21.87
C ASP D 394 34.38 20.48 -21.20
N ILE D 395 35.47 21.10 -20.69
CA ILE D 395 35.34 22.39 -20.00
C ILE D 395 36.55 23.31 -20.19
N ILE D 396 36.30 24.62 -20.16
CA ILE D 396 37.33 25.66 -20.22
C ILE D 396 37.27 26.45 -18.90
N THR D 397 38.39 26.54 -18.19
CA THR D 397 38.47 27.29 -16.95
C THR D 397 39.40 28.49 -17.16
N THR D 398 40.67 28.25 -17.51
CA THR D 398 41.63 29.33 -17.76
C THR D 398 42.10 29.43 -19.21
N GLY D 399 41.75 28.45 -20.03
CA GLY D 399 42.18 28.42 -21.42
C GLY D 399 43.58 27.87 -21.63
N THR D 400 44.28 27.48 -20.55
CA THR D 400 45.63 26.95 -20.65
C THR D 400 45.72 25.72 -21.56
N THR D 401 44.89 24.70 -21.30
CA THR D 401 44.86 23.46 -22.09
C THR D 401 44.63 23.73 -23.57
N LEU D 402 43.63 24.56 -23.91
CA LEU D 402 43.31 24.90 -25.30
C LEU D 402 44.40 25.72 -25.97
N LYS D 403 44.94 26.76 -25.29
CA LYS D 403 46.05 27.57 -25.81
C LYS D 403 47.26 26.69 -26.16
N GLU D 404 47.48 25.65 -25.35
CA GLU D 404 48.59 24.73 -25.54
C GLU D 404 48.37 23.80 -26.72
N ALA D 405 47.15 23.25 -26.86
CA ALA D 405 46.81 22.36 -27.97
C ALA D 405 46.81 23.09 -29.31
N LEU D 406 46.30 24.33 -29.34
CA LEU D 406 46.22 25.17 -30.54
C LEU D 406 47.61 25.59 -30.98
N LYS D 407 48.46 26.02 -30.02
CA LYS D 407 49.84 26.40 -30.29
C LYS D 407 50.63 25.22 -30.84
N TYR D 408 50.47 24.03 -30.24
CA TYR D 408 51.15 22.82 -30.71
C TYR D 408 50.75 22.42 -32.16
N LEU D 409 49.45 22.40 -32.46
CA LEU D 409 48.99 22.04 -33.81
C LEU D 409 49.34 23.09 -34.86
N LYS D 410 49.46 24.37 -34.45
CA LYS D 410 49.83 25.48 -35.32
C LYS D 410 51.28 25.28 -35.79
N THR D 411 52.17 24.77 -34.90
CA THR D 411 53.58 24.50 -35.24
C THR D 411 53.72 23.35 -36.26
N LEU D 412 52.74 22.44 -36.28
CA LEU D 412 52.67 21.30 -37.21
C LEU D 412 51.97 21.65 -38.53
N ASN D 413 51.60 22.93 -38.73
CA ASN D 413 50.91 23.45 -39.91
C ASN D 413 49.58 22.76 -40.16
N ILE D 414 48.83 22.49 -39.09
CA ILE D 414 47.52 21.83 -39.15
C ILE D 414 46.36 22.85 -39.08
N LYS D 415 45.39 22.73 -40.01
CA LYS D 415 44.22 23.61 -40.08
C LYS D 415 43.25 23.35 -38.93
N VAL D 416 43.20 24.27 -37.94
CA VAL D 416 42.26 24.18 -36.84
C VAL D 416 41.28 25.36 -36.99
N HIS D 417 40.06 25.08 -37.45
CA HIS D 417 39.06 26.10 -37.72
C HIS D 417 38.45 26.75 -36.49
N PHE D 418 38.35 25.99 -35.40
CA PHE D 418 37.77 26.45 -34.14
C PHE D 418 37.96 25.39 -33.05
N ALA D 419 37.66 25.75 -31.81
CA ALA D 419 37.68 24.83 -30.69
C ALA D 419 36.33 24.89 -29.97
N ILE D 420 35.91 23.75 -29.44
CA ILE D 420 34.65 23.62 -28.69
C ILE D 420 34.99 23.20 -27.28
N ALA D 421 34.51 23.94 -26.28
CA ALA D 421 34.70 23.55 -24.88
C ALA D 421 33.30 23.56 -24.36
N LEU D 422 32.64 22.41 -24.37
CA LEU D 422 31.23 22.21 -24.00
C LEU D 422 30.73 23.07 -22.84
N CYS D 423 31.51 23.11 -21.79
CA CYS D 423 31.17 23.79 -20.57
C CYS D 423 32.16 24.93 -20.26
N SER D 424 31.66 26.03 -19.70
CA SER D 424 32.49 27.17 -19.36
C SER D 424 32.52 27.47 -17.84
N ALA D 425 33.72 27.54 -17.29
CA ALA D 425 33.92 27.94 -15.89
C ALA D 425 34.59 29.34 -15.79
N ASP D 426 35.05 29.93 -16.93
CA ASP D 426 35.69 31.24 -17.00
C ASP D 426 34.71 32.40 -17.11
ZN ZN E . -3.38 -13.14 21.94
C1 PRP F . 13.40 -14.22 43.04
C2 PRP F . 11.92 -14.48 43.22
C3 PRP F . 11.89 -15.13 44.60
C4 PRP F . 13.21 -15.90 44.62
C5 PRP F . 13.06 -17.40 44.52
O1 PRP F . 13.82 -13.19 43.86
O2 PRP F . 11.17 -13.27 43.13
O3 PRP F . 11.85 -14.20 45.66
O4 PRP F . 13.99 -15.41 43.52
O5 PRP F . 14.35 -18.01 44.64
P PRP F . 14.54 -19.14 45.74
O1P PRP F . 13.42 -20.11 45.68
O2P PRP F . 14.64 -18.38 47.05
O3P PRP F . 15.87 -19.78 45.50
PA PRP F . 15.08 -12.25 43.75
O1A PRP F . 15.91 -12.33 44.95
O2A PRP F . 15.78 -12.58 42.41
O3A PRP F . 14.49 -10.78 43.65
PB PRP F . 14.28 -9.79 42.42
O1B PRP F . 12.73 -9.76 42.30
O2B PRP F . 14.83 -8.39 42.90
O3B PRP F . 14.97 -10.30 41.13
MG MG G . 11.45 -10.89 44.29
C1 GOL H . -1.95 -24.45 58.95
O1 GOL H . -1.98 -25.59 58.09
C2 GOL H . -2.64 -24.73 60.26
O2 GOL H . -1.90 -25.70 61.00
C3 GOL H . -2.86 -23.48 61.08
O3 GOL H . -3.85 -23.70 62.08
C1 GOL I . -7.86 -23.54 61.53
O1 GOL I . -6.43 -23.57 61.51
C2 GOL I . -8.38 -22.12 61.41
O2 GOL I . -7.62 -21.26 62.25
C3 GOL I . -9.86 -22.01 61.72
O3 GOL I . -10.29 -20.66 61.77
C1 GOL J . -5.72 -27.87 54.34
O1 GOL J . -5.72 -29.27 54.03
C2 GOL J . -4.87 -27.57 55.56
O2 GOL J . -3.58 -28.17 55.45
C3 GOL J . -4.74 -26.08 55.83
O3 GOL J . -3.97 -25.82 57.00
C1 GOL K . -4.74 -15.94 18.47
O1 GOL K . -5.98 -15.42 18.90
C2 GOL K . -4.56 -17.39 18.88
O2 GOL K . -3.42 -17.96 18.23
C3 GOL K . -4.42 -17.58 20.37
O3 GOL K . -4.23 -18.95 20.70
C1 GOL L . -9.59 -15.27 16.57
O1 GOL L . -8.73 -16.37 16.31
C2 GOL L . -10.37 -15.45 17.85
O2 GOL L . -11.07 -14.25 18.19
C3 GOL L . -11.32 -16.62 17.83
O3 GOL L . -12.15 -16.64 18.98
C1 GOL M . -23.42 -3.92 6.83
O1 GOL M . -23.14 -2.68 6.17
C2 GOL M . -24.80 -3.91 7.47
O2 GOL M . -24.83 -3.02 8.58
C3 GOL M . -25.27 -5.28 7.91
O3 GOL M . -25.49 -6.15 6.81
MG MG N . -8.51 -10.55 42.28
ZN ZN O . 1.21 17.85 -18.59
C1 PRP P . -19.06 26.22 -34.58
C2 PRP P . -17.83 27.09 -34.35
C3 PRP P . -17.96 28.10 -35.49
C4 PRP P . -18.60 27.27 -36.61
C5 PRP P . -17.67 26.92 -37.74
O1 PRP P . -20.20 26.92 -34.22
O2 PRP P . -17.84 27.68 -33.05
O3 PRP P . -18.79 29.21 -35.16
O4 PRP P . -19.08 26.06 -35.98
O5 PRP P . -18.41 26.22 -38.76
P PRP P . -18.38 26.79 -40.24
O1P PRP P . -19.00 25.77 -41.14
O2P PRP P . -19.30 28.00 -40.22
O3P PRP P . -16.98 27.09 -40.63
PA PRP P . -21.63 26.39 -33.84
O1A PRP P . -21.56 24.86 -33.79
O2A PRP P . -22.65 26.95 -34.74
O3A PRP P . -21.89 26.92 -32.36
PB PRP P . -21.81 26.23 -30.92
O1B PRP P . -21.68 24.72 -31.04
O2B PRP P . -23.09 26.65 -30.17
O3B PRP P . -20.56 26.88 -30.30
MG MG Q . -19.65 28.99 -31.64
C1 GOL R . 19.79 19.11 3.07
O1 GOL R . 19.96 18.76 1.70
C2 GOL R . 18.33 19.07 3.48
O2 GOL R . 17.66 20.23 3.00
C3 GOL R . 17.63 17.80 3.03
O3 GOL R . 16.25 17.83 3.38
C1 GOL S . 5.11 14.72 -19.04
O1 GOL S . 5.44 15.90 -18.30
C2 GOL S . 5.55 14.85 -20.49
O2 GOL S . 5.35 13.61 -21.19
C3 GOL S . 4.86 15.99 -21.23
O3 GOL S . 5.00 15.83 -22.63
MG MG T . -3.18 37.00 -23.84
ZN ZN U . -11.14 -18.86 13.50
C1 PRP V . -34.63 -31.27 8.48
C2 PRP V . -33.57 -31.96 9.32
C3 PRP V . -34.40 -33.05 10.01
C4 PRP V . -35.77 -32.39 10.18
C5 PRP V . -36.11 -32.01 11.60
O1 PRP V . -34.97 -32.08 7.41
O2 PRP V . -32.50 -32.44 8.51
O3 PRP V . -34.49 -34.23 9.24
O4 PRP V . -35.75 -31.21 9.34
O5 PRP V . -37.47 -31.49 11.63
P PRP V . -38.51 -32.15 12.65
O1P PRP V . -37.92 -32.27 13.98
O2P PRP V . -38.89 -33.47 12.01
O3P PRP V . -39.74 -31.29 12.67
PA PRP V . -35.64 -31.74 6.04
O1A PRP V . -36.90 -32.49 5.86
O2A PRP V . -35.77 -30.20 5.97
O3A PRP V . -34.59 -32.19 4.93
PB PRP V . -33.54 -31.39 4.03
O1B PRP V . -32.17 -31.83 4.61
O2B PRP V . -33.70 -31.93 2.59
O3B PRP V . -33.74 -29.89 4.12
MG MG W . -32.37 -33.88 6.31
C1 GOL X . -25.93 -54.99 26.29
O1 GOL X . -25.24 -55.63 25.21
C2 GOL X . -27.16 -54.24 25.81
O2 GOL X . -27.91 -55.01 24.88
C3 GOL X . -28.08 -53.78 26.93
O3 GOL X . -29.30 -53.28 26.39
C1 GOL Y . -28.90 -47.18 27.79
O1 GOL Y . -29.74 -47.71 26.77
C2 GOL Y . -29.49 -45.91 28.37
O2 GOL Y . -30.87 -46.12 28.70
C3 GOL Y . -28.71 -45.43 29.58
O3 GOL Y . -29.44 -44.45 30.31
C1 GOL Z . -31.78 -51.29 25.00
O1 GOL Z . -32.07 -52.65 25.32
C2 GOL Z . -32.98 -50.40 25.17
O2 GOL Z . -33.65 -50.68 26.42
C3 GOL Z . -32.64 -48.93 25.08
O3 GOL Z . -32.17 -48.40 26.31
C1 GOL AA . 16.24 -14.40 13.15
O1 GOL AA . 15.13 -14.38 12.26
C2 GOL AA . 16.28 -15.67 13.96
O2 GOL AA . 15.90 -16.79 13.15
C3 GOL AA . 15.39 -15.62 15.19
O3 GOL AA . 15.85 -14.65 16.13
MG MG BA . -14.69 -38.88 14.72
ZN ZN CA . 13.40 14.02 -17.00
C1 PRP DA . 39.96 19.73 -16.93
C2 PRP DA . 39.15 19.70 -18.21
C3 PRP DA . 40.08 20.44 -19.18
C4 PRP DA . 40.78 21.45 -18.27
C5 PRP DA . 40.33 22.88 -18.45
O1 PRP DA . 41.04 18.87 -17.01
O2 PRP DA . 38.83 18.37 -18.61
O3 PRP DA . 41.04 19.58 -19.78
O4 PRP DA . 40.50 21.04 -16.90
O5 PRP DA . 41.12 23.74 -17.60
P PRP DA . 41.89 24.98 -18.26
O1P PRP DA . 42.36 25.91 -17.28
O2P PRP DA . 43.06 24.35 -18.99
O3P PRP DA . 40.92 25.64 -19.26
PA PRP DA . 41.91 18.20 -15.87
O1A PRP DA . 41.30 18.60 -14.52
O2A PRP DA . 43.34 18.54 -16.03
O3A PRP DA . 41.69 16.63 -16.03
PB PRP DA . 40.77 15.55 -15.31
O1B PRP DA . 41.60 14.38 -14.82
O2B PRP DA . 40.06 16.24 -14.11
O3B PRP DA . 39.71 15.18 -16.37
MG MG EA . 40.28 16.19 -18.86
C1 GOL FA . 10.87 18.47 -17.13
O1 GOL FA . 11.73 19.51 -16.70
C2 GOL FA . 10.03 17.97 -15.97
O2 GOL FA . 9.46 19.08 -15.29
C3 GOL FA . 8.95 17.00 -16.41
O3 GOL FA . 9.51 15.84 -17.04
C1 GOL GA . -9.51 1.58 -24.74
O1 GOL GA . -10.86 1.99 -24.94
C2 GOL GA . -9.42 0.08 -24.56
O2 GOL GA . -8.14 -0.39 -25.00
C3 GOL GA . -9.70 -0.38 -23.15
O3 GOL GA . -8.71 0.10 -22.23
MG MG HA . 26.02 12.73 -32.85
#